data_3S7X
#
_entry.id   3S7X
#
_cell.length_a   166.200
_cell.length_b   166.200
_cell.length_c   127.570
_cell.angle_alpha   90.00
_cell.angle_beta   90.00
_cell.angle_gamma   90.00
#
_symmetry.space_group_name_H-M   'P 43 21 2'
#
loop_
_entity.id
_entity.type
_entity.pdbx_description
1 polymer 'Major capsid protein VP1'
2 non-polymer GLYCEROL
3 non-polymer 'CHLORIDE ION'
4 non-polymer 'SODIUM ION'
#
_entity_poly.entity_id   1
_entity_poly.type   'polypeptide(L)'
_entity_poly.pdbx_seq_one_letter_code
;GSHMGGVDVLAAVPLSEETEFKVELFVKPVIGNAEGTTPHYWSISSPLKTAEAANVTPDADTTVCYSLSQVAPPDIPNQV
SECDMLIWELYRMETEVLVLPVLNAGILTTGGVGGIAGPQLYFWAVGGQPLDVLGLAPTEKYKGPAQYTVNPKTNGTVPH
VYSSSETPKARVTNEKYSIESWVADPSRNDNCRYFGRMVGGAATPPVVSFSNNSTIPLLDENGIGILCLQGRLYITCADL
LGVNKNRVHTGLSRFFRLHFRQRRVRN
;
_entity_poly.pdbx_strand_id   A,B,C,D,E
#
# COMPACT_ATOMS: atom_id res chain seq x y z
N SER A 2 25.86 10.52 -25.31
CA SER A 2 26.48 11.61 -24.50
C SER A 2 27.68 11.10 -23.69
N HIS A 3 27.51 10.84 -22.39
CA HIS A 3 28.61 10.43 -21.49
C HIS A 3 29.19 9.06 -21.85
N MET A 4 28.39 8.26 -22.55
CA MET A 4 28.77 6.91 -22.94
C MET A 4 29.10 6.79 -24.42
N GLY A 5 28.24 7.37 -25.27
CA GLY A 5 28.38 7.34 -26.73
C GLY A 5 29.76 7.71 -27.22
N GLY A 6 30.36 6.83 -28.02
CA GLY A 6 31.75 6.97 -28.43
C GLY A 6 32.68 6.24 -27.49
N VAL A 7 32.21 5.12 -26.94
CA VAL A 7 33.05 4.21 -26.17
C VAL A 7 32.66 2.79 -26.56
N ASP A 8 33.63 1.88 -26.55
CA ASP A 8 33.44 0.55 -27.09
C ASP A 8 33.69 -0.53 -26.03
N VAL A 9 32.61 -1.12 -25.53
CA VAL A 9 32.67 -1.99 -24.36
C VAL A 9 32.87 -3.45 -24.76
N LEU A 10 33.92 -4.07 -24.23
CA LEU A 10 34.22 -5.46 -24.54
C LEU A 10 33.92 -6.37 -23.34
N ALA A 11 34.55 -7.53 -23.32
CA ALA A 11 34.29 -8.54 -22.29
C ALA A 11 34.69 -8.07 -20.89
N ALA A 12 33.88 -8.46 -19.91
CA ALA A 12 34.24 -8.28 -18.52
C ALA A 12 35.33 -9.29 -18.16
N VAL A 13 36.35 -8.83 -17.44
CA VAL A 13 37.39 -9.73 -16.95
C VAL A 13 36.79 -10.69 -15.93
N PRO A 14 36.96 -12.01 -16.15
CA PRO A 14 36.46 -12.99 -15.18
C PRO A 14 36.98 -12.66 -13.79
N LEU A 15 36.05 -12.51 -12.85
CA LEU A 15 36.37 -11.99 -11.51
C LEU A 15 37.17 -12.96 -10.62
N SER A 16 38.39 -12.52 -10.28
CA SER A 16 39.24 -13.21 -9.32
C SER A 16 39.67 -12.22 -8.26
N GLU A 17 40.27 -12.74 -7.19
CA GLU A 17 40.75 -11.93 -6.06
C GLU A 17 41.60 -10.72 -6.48
N GLU A 18 42.22 -10.81 -7.64
CA GLU A 18 43.08 -9.76 -8.16
C GLU A 18 42.33 -8.71 -9.00
N THR A 19 41.13 -9.06 -9.44
CA THR A 19 40.38 -8.22 -10.38
C THR A 19 39.17 -7.50 -9.76
N GLU A 20 38.83 -7.85 -8.52
CA GLU A 20 37.67 -7.28 -7.84
C GLU A 20 38.02 -6.36 -6.67
N PHE A 21 37.16 -5.37 -6.41
CA PHE A 21 37.36 -4.41 -5.34
C PHE A 21 36.07 -4.06 -4.58
N LYS A 22 36.16 -4.00 -3.26
CA LYS A 22 35.01 -3.64 -2.41
C LYS A 22 35.30 -2.50 -1.42
N VAL A 23 34.34 -1.58 -1.26
CA VAL A 23 34.41 -0.56 -0.21
C VAL A 23 33.08 -0.37 0.49
N GLU A 24 33.16 -0.17 1.81
CA GLU A 24 32.01 0.27 2.60
C GLU A 24 32.26 1.72 3.00
N LEU A 25 31.23 2.55 2.97
CA LEU A 25 31.35 3.95 3.39
C LEU A 25 30.00 4.54 3.83
N PHE A 26 30.06 5.58 4.66
CA PHE A 26 28.87 6.35 5.01
C PHE A 26 28.88 7.71 4.32
N VAL A 27 27.70 8.21 3.98
CA VAL A 27 27.56 9.53 3.37
C VAL A 27 26.72 10.40 4.30
N LYS A 28 27.20 11.60 4.58
CA LYS A 28 26.53 12.52 5.49
C LYS A 28 25.52 13.41 4.77
N PRO A 29 24.37 13.71 5.41
CA PRO A 29 23.41 14.66 4.83
C PRO A 29 23.97 16.08 4.86
N VAL A 30 23.48 16.92 3.97
CA VAL A 30 23.96 18.30 3.86
C VAL A 30 22.83 19.30 4.01
N ILE A 31 22.96 20.16 5.03
CA ILE A 31 22.13 21.35 5.19
C ILE A 31 22.99 22.55 4.78
N GLY A 32 22.37 23.54 4.14
CA GLY A 32 23.07 24.74 3.68
C GLY A 32 23.62 25.60 4.81
N ASN A 33 24.54 26.50 4.46
CA ASN A 33 25.24 27.32 5.46
C ASN A 33 24.88 28.81 5.41
N ALA A 34 24.27 29.29 6.48
CA ALA A 34 23.73 30.66 6.50
C ALA A 34 24.82 31.75 6.48
N GLU A 35 26.02 31.40 6.91
CA GLU A 35 27.10 32.38 7.05
C GLU A 35 28.42 31.99 6.37
N GLY A 36 28.55 30.72 6.00
CA GLY A 36 29.80 30.19 5.43
C GLY A 36 29.72 29.69 4.01
N THR A 37 30.74 28.93 3.60
CA THR A 37 30.76 28.23 2.32
C THR A 37 31.10 26.74 2.49
N THR A 38 31.44 26.34 3.72
CA THR A 38 31.55 24.91 4.03
C THR A 38 30.15 24.38 4.35
N PRO A 39 29.88 23.11 3.98
CA PRO A 39 28.57 22.51 4.22
C PRO A 39 28.36 22.13 5.68
N HIS A 40 27.12 22.21 6.16
CA HIS A 40 26.78 21.66 7.47
C HIS A 40 26.39 20.20 7.32
N TYR A 41 27.14 19.31 7.97
CA TYR A 41 26.74 17.91 8.00
C TYR A 41 25.76 17.70 9.14
N TRP A 42 24.51 18.07 8.88
CA TRP A 42 23.43 17.95 9.86
C TRP A 42 22.27 17.07 9.37
N SER A 43 21.73 16.27 10.28
CA SER A 43 20.47 15.57 10.08
C SER A 43 19.26 16.47 10.37
N ILE A 44 19.49 17.57 11.09
CA ILE A 44 18.43 18.51 11.51
C ILE A 44 18.81 19.96 11.17
N SER A 45 17.87 20.70 10.59
CA SER A 45 18.12 22.08 10.17
C SER A 45 17.75 23.09 11.24
N SER A 46 18.05 24.36 10.95
CA SER A 46 17.61 25.48 11.79
C SER A 46 16.11 25.72 11.54
N PRO A 47 15.43 26.38 12.50
CA PRO A 47 13.99 26.60 12.34
C PRO A 47 13.63 27.25 11.02
N LEU A 48 12.57 26.75 10.39
CA LEU A 48 12.05 27.29 9.13
C LEU A 48 11.57 28.71 9.31
N LYS A 49 11.92 29.58 8.36
CA LYS A 49 11.41 30.96 8.34
C LYS A 49 9.92 31.00 8.01
N THR A 50 9.30 32.18 8.14
CA THR A 50 7.87 32.30 7.84
C THR A 50 7.66 32.56 6.35
N ALA A 51 6.42 32.35 5.90
CA ALA A 51 6.05 32.41 4.50
C ALA A 51 6.80 33.47 3.70
N GLU A 52 6.61 34.74 4.05
CA GLU A 52 7.19 35.87 3.32
C GLU A 52 8.66 35.66 2.91
N ALA A 53 9.47 35.17 3.85
CA ALA A 53 10.88 34.87 3.59
C ALA A 53 11.05 33.52 2.88
N ALA A 54 10.55 32.45 3.50
CA ALA A 54 10.73 31.06 3.03
C ALA A 54 10.26 30.84 1.59
N ASN A 55 9.14 31.46 1.24
CA ASN A 55 8.56 31.30 -0.09
C ASN A 55 9.45 31.79 -1.23
N VAL A 56 10.36 32.72 -0.94
CA VAL A 56 11.26 33.25 -1.98
C VAL A 56 12.75 33.10 -1.65
N THR A 57 13.15 33.45 -0.41
CA THR A 57 14.56 33.42 -0.02
C THR A 57 14.73 32.76 1.35
N PRO A 58 14.56 31.45 1.42
CA PRO A 58 14.77 30.80 2.71
C PRO A 58 16.26 30.80 3.10
N ASP A 59 16.54 30.95 4.40
CA ASP A 59 17.91 30.90 4.91
C ASP A 59 18.56 29.60 4.48
N ALA A 60 19.80 29.68 3.99
CA ALA A 60 20.52 28.50 3.50
C ALA A 60 20.47 27.31 4.46
N ASP A 61 20.39 27.57 5.77
CA ASP A 61 20.33 26.47 6.74
C ASP A 61 18.90 25.99 7.05
N THR A 62 17.96 26.35 6.19
CA THR A 62 16.60 25.76 6.19
C THR A 62 16.30 24.97 4.91
N THR A 63 17.35 24.55 4.19
CA THR A 63 17.19 23.71 3.01
C THR A 63 18.17 22.55 3.00
N VAL A 64 17.85 21.52 2.23
CA VAL A 64 18.67 20.32 2.09
C VAL A 64 19.40 20.34 0.75
N CYS A 65 20.66 19.93 0.75
CA CYS A 65 21.45 19.84 -0.47
C CYS A 65 21.84 18.40 -0.76
N TYR A 66 22.04 18.09 -2.04
CA TYR A 66 22.50 16.77 -2.46
C TYR A 66 23.86 16.52 -1.84
N SER A 67 23.96 15.42 -1.09
CA SER A 67 25.22 14.96 -0.59
C SER A 67 26.02 14.40 -1.75
N LEU A 68 27.34 14.54 -1.68
CA LEU A 68 28.18 14.08 -2.77
C LEU A 68 29.41 13.38 -2.23
N SER A 69 29.64 12.17 -2.71
CA SER A 69 30.78 11.38 -2.28
C SER A 69 31.45 10.75 -3.49
N GLN A 70 32.77 10.59 -3.40
CA GLN A 70 33.59 10.16 -4.53
C GLN A 70 34.48 8.99 -4.13
N VAL A 71 34.47 7.93 -4.94
CA VAL A 71 35.28 6.74 -4.67
C VAL A 71 36.22 6.45 -5.84
N ALA A 72 37.49 6.24 -5.52
CA ALA A 72 38.50 5.93 -6.54
C ALA A 72 39.23 4.64 -6.20
N PRO A 73 38.90 3.53 -6.91
CA PRO A 73 39.50 2.21 -6.63
C PRO A 73 40.96 2.14 -7.06
N PRO A 74 41.73 1.16 -6.53
CA PRO A 74 43.17 1.04 -6.80
C PRO A 74 43.52 1.15 -8.28
N ASP A 75 44.70 1.69 -8.58
CA ASP A 75 45.19 1.80 -9.97
C ASP A 75 45.34 0.42 -10.61
N ILE A 76 45.05 0.32 -11.91
CA ILE A 76 45.24 -0.97 -12.60
C ILE A 76 46.51 -0.94 -13.45
N PRO A 77 47.48 -1.84 -13.16
CA PRO A 77 48.73 -1.91 -13.94
C PRO A 77 48.59 -2.64 -15.29
N ASN A 78 49.57 -2.41 -16.19
CA ASN A 78 49.65 -3.09 -17.50
C ASN A 78 48.43 -2.88 -18.38
N GLU A 82 47.36 -0.66 -24.07
CA GLU A 82 47.84 -0.79 -25.44
C GLU A 82 46.76 -0.42 -26.45
N CYS A 83 46.13 -1.45 -27.01
CA CYS A 83 45.08 -1.28 -27.99
C CYS A 83 43.70 -1.24 -27.31
N ASP A 84 43.71 -1.54 -26.00
CA ASP A 84 42.50 -1.48 -25.17
C ASP A 84 42.84 -1.37 -23.67
N MET A 85 41.92 -0.75 -22.92
CA MET A 85 42.09 -0.42 -21.50
C MET A 85 41.31 -1.37 -20.59
N LEU A 86 41.82 -1.58 -19.38
CA LEU A 86 41.03 -2.15 -18.30
C LEU A 86 40.44 -1.02 -17.44
N ILE A 87 39.16 -1.16 -17.09
CA ILE A 87 38.40 -0.13 -16.37
C ILE A 87 37.60 -0.76 -15.23
N TRP A 88 37.41 -0.02 -14.14
CA TRP A 88 36.60 -0.49 -13.03
C TRP A 88 35.11 -0.38 -13.33
N GLU A 89 34.37 -1.45 -13.00
CA GLU A 89 32.93 -1.54 -13.28
C GLU A 89 32.15 -1.87 -12.01
N LEU A 90 31.26 -0.96 -11.63
CA LEU A 90 30.35 -1.18 -10.51
C LEU A 90 29.16 -2.00 -11.01
N TYR A 91 28.99 -3.20 -10.45
CA TYR A 91 27.98 -4.12 -10.94
C TYR A 91 26.93 -4.50 -9.88
N ARG A 92 27.27 -4.24 -8.62
CA ARG A 92 26.44 -4.62 -7.48
C ARG A 92 26.62 -3.59 -6.37
N MET A 93 25.55 -3.26 -5.65
CA MET A 93 25.69 -2.44 -4.43
C MET A 93 24.60 -2.69 -3.40
N GLU A 94 24.92 -2.43 -2.14
CA GLU A 94 23.93 -2.38 -1.08
C GLU A 94 23.89 -0.96 -0.56
N THR A 95 22.69 -0.45 -0.27
CA THR A 95 22.57 0.86 0.36
C THR A 95 21.45 0.88 1.38
N GLU A 96 21.78 1.31 2.59
CA GLU A 96 20.82 1.37 3.68
C GLU A 96 20.96 2.72 4.37
N VAL A 97 19.85 3.27 4.83
CA VAL A 97 19.83 4.57 5.49
C VAL A 97 19.77 4.39 7.00
N LEU A 98 20.53 5.20 7.73
CA LEU A 98 20.50 5.22 9.19
C LEU A 98 19.37 6.14 9.66
N VAL A 99 18.52 5.60 10.51
CA VAL A 99 17.33 6.32 10.88
C VAL A 99 16.89 6.00 12.33
N LEU A 100 16.51 7.01 13.09
CA LEU A 100 15.99 6.82 14.45
C LEU A 100 14.48 7.05 14.47
N PRO A 101 13.76 6.44 15.43
CA PRO A 101 12.39 6.88 15.65
C PRO A 101 12.40 8.13 16.53
N VAL A 102 11.71 9.19 16.11
CA VAL A 102 11.58 10.37 16.99
C VAL A 102 10.27 10.31 17.77
N LEU A 103 10.39 10.05 19.05
CA LEU A 103 9.24 9.97 19.93
C LEU A 103 9.31 11.09 20.96
N ASN A 104 10.27 10.96 21.89
CA ASN A 104 10.47 11.97 22.93
C ASN A 104 11.02 13.28 22.39
N ALA A 105 11.92 13.20 21.41
CA ALA A 105 12.41 14.38 20.68
C ALA A 105 11.32 14.94 19.78
N GLY A 106 10.20 14.21 19.70
CA GLY A 106 9.05 14.62 18.91
C GLY A 106 7.96 15.32 19.72
N ILE A 107 7.97 15.15 21.04
CA ILE A 107 7.02 15.83 21.93
C ILE A 107 7.15 17.33 21.71
N LEU A 108 6.01 17.98 21.49
CA LEU A 108 6.00 19.41 21.20
C LEU A 108 5.35 20.22 22.33
N THR A 109 5.76 21.49 22.43
CA THR A 109 5.41 22.34 23.57
C THR A 109 3.90 22.51 23.84
N THR A 110 3.09 22.48 22.77
CA THR A 110 1.62 22.56 22.87
C THR A 110 1.01 21.30 23.46
N GLY A 111 1.83 20.26 23.60
CA GLY A 111 1.41 18.99 24.19
C GLY A 111 1.15 17.93 23.15
N GLY A 112 1.46 16.68 23.50
CA GLY A 112 1.26 15.55 22.60
C GLY A 112 2.49 15.25 21.78
N VAL A 113 2.35 14.31 20.85
CA VAL A 113 3.47 13.83 20.04
C VAL A 113 3.38 14.31 18.60
N GLY A 114 4.09 15.38 18.27
CA GLY A 114 4.37 15.68 16.87
C GLY A 114 5.42 14.69 16.45
N GLY A 115 5.63 14.50 15.16
CA GLY A 115 6.76 13.68 14.73
C GLY A 115 7.41 14.30 13.52
N ILE A 116 8.18 13.50 12.79
CA ILE A 116 8.58 13.91 11.46
C ILE A 116 7.41 13.62 10.55
N ALA A 117 7.04 14.62 9.73
CA ALA A 117 5.94 14.51 8.77
C ALA A 117 6.02 15.64 7.77
N GLY A 118 5.33 15.48 6.64
CA GLY A 118 5.30 16.49 5.59
C GLY A 118 6.01 16.04 4.33
N PRO A 119 6.50 16.99 3.53
CA PRO A 119 7.13 16.70 2.24
C PRO A 119 8.39 15.86 2.38
N GLN A 120 8.52 14.86 1.51
CA GLN A 120 9.67 13.96 1.55
C GLN A 120 10.35 13.87 0.18
N LEU A 121 11.64 13.55 0.17
CA LEU A 121 12.37 13.31 -1.06
C LEU A 121 13.49 12.30 -0.85
N TYR A 122 13.32 11.11 -1.42
CA TYR A 122 14.36 10.08 -1.36
C TYR A 122 14.99 9.93 -2.73
N PHE A 123 16.32 9.90 -2.76
CA PHE A 123 17.06 9.90 -4.02
C PHE A 123 18.46 9.36 -3.82
N TRP A 124 18.89 8.49 -4.73
CA TRP A 124 20.31 8.14 -4.84
C TRP A 124 20.73 7.94 -6.30
N ALA A 125 22.02 8.14 -6.55
CA ALA A 125 22.60 8.03 -7.88
C ALA A 125 24.05 7.54 -7.83
N VAL A 126 24.36 6.59 -8.70
CA VAL A 126 25.74 6.15 -8.91
C VAL A 126 26.12 6.38 -10.38
N GLY A 127 27.34 6.85 -10.62
CA GLY A 127 27.77 7.23 -11.96
C GLY A 127 29.27 7.30 -12.15
N GLY A 128 29.69 7.37 -13.42
CA GLY A 128 31.10 7.49 -13.77
C GLY A 128 31.49 8.94 -13.95
N GLN A 129 30.50 9.81 -13.75
CA GLN A 129 30.64 11.26 -13.85
C GLN A 129 29.66 11.89 -12.87
N PRO A 130 29.79 13.20 -12.62
CA PRO A 130 28.78 13.93 -11.85
C PRO A 130 27.36 13.71 -12.37
N LEU A 131 26.39 13.79 -11.48
CA LEU A 131 24.99 13.68 -11.83
C LEU A 131 24.55 14.92 -12.60
N ASP A 132 23.90 14.72 -13.75
CA ASP A 132 23.37 15.84 -14.50
C ASP A 132 22.01 16.24 -13.93
N VAL A 133 21.83 17.53 -13.71
CA VAL A 133 20.58 18.08 -13.15
C VAL A 133 20.02 19.26 -13.96
N LEU A 134 18.74 19.56 -13.70
CA LEU A 134 18.05 20.67 -14.35
C LEU A 134 17.53 21.65 -13.31
N GLY A 135 17.72 22.94 -13.57
CA GLY A 135 17.31 24.02 -12.66
C GLY A 135 15.88 24.45 -12.90
N LEU A 136 15.02 24.20 -11.93
CA LEU A 136 13.61 24.60 -12.01
C LEU A 136 13.12 25.27 -10.74
N ALA A 137 12.05 26.05 -10.86
CA ALA A 137 11.45 26.73 -9.72
C ALA A 137 10.08 26.15 -9.39
N PRO A 138 9.77 25.94 -8.08
CA PRO A 138 8.46 25.42 -7.67
C PRO A 138 7.33 26.37 -8.05
N THR A 139 7.60 27.67 -7.96
CA THR A 139 6.62 28.72 -8.14
C THR A 139 7.22 29.86 -8.99
N GLU A 140 6.44 30.90 -9.26
CA GLU A 140 6.92 32.04 -10.06
C GLU A 140 7.84 33.01 -9.33
N LYS A 141 8.04 32.81 -8.03
CA LYS A 141 8.84 33.74 -7.22
C LYS A 141 9.94 33.11 -6.33
N TYR A 142 10.09 31.78 -6.37
CA TYR A 142 11.12 31.11 -5.57
C TYR A 142 12.52 31.33 -6.17
N LYS A 143 13.41 31.87 -5.35
CA LYS A 143 14.79 32.16 -5.76
C LYS A 143 15.75 31.18 -5.13
N GLY A 144 15.48 30.81 -3.88
CA GLY A 144 16.41 30.02 -3.10
C GLY A 144 17.20 30.89 -2.14
N PRO A 145 18.05 30.27 -1.30
CA PRO A 145 18.87 31.06 -0.39
C PRO A 145 19.72 32.05 -1.16
N ALA A 146 19.76 33.29 -0.66
CA ALA A 146 20.64 34.30 -1.24
C ALA A 146 22.06 34.13 -0.72
N GLN A 147 22.34 32.99 -0.10
CA GLN A 147 23.60 32.80 0.62
C GLN A 147 24.56 31.73 0.06
N TYR A 148 24.32 30.46 0.38
CA TYR A 148 25.35 29.42 0.24
C TYR A 148 25.20 28.56 -1.00
N THR A 149 23.97 28.46 -1.47
CA THR A 149 23.61 27.50 -2.50
C THR A 149 23.84 28.08 -3.89
N VAL A 150 24.07 27.18 -4.84
CA VAL A 150 24.07 27.55 -6.25
C VAL A 150 22.62 27.54 -6.69
N ASN A 151 22.06 28.73 -6.88
CA ASN A 151 20.70 28.83 -7.40
C ASN A 151 20.71 28.75 -8.92
N PRO A 152 19.61 28.26 -9.52
CA PRO A 152 19.43 28.27 -10.97
C PRO A 152 19.66 29.65 -11.60
N LYS A 153 19.30 30.71 -10.89
CA LYS A 153 19.58 32.09 -11.29
C LYS A 153 19.90 32.87 -10.03
N THR A 154 21.12 33.40 -9.95
CA THR A 154 21.69 33.82 -8.65
C THR A 154 20.97 34.96 -7.93
N ASN A 155 20.20 35.75 -8.66
CA ASN A 155 19.39 36.78 -8.03
C ASN A 155 17.91 36.73 -8.43
N GLY A 156 17.58 35.84 -9.37
CA GLY A 156 16.24 35.81 -9.97
C GLY A 156 15.55 34.46 -9.92
N THR A 157 14.60 34.26 -10.83
CA THR A 157 13.89 33.00 -10.95
C THR A 157 14.03 32.43 -12.36
N VAL A 158 14.09 31.10 -12.42
CA VAL A 158 14.03 30.36 -13.67
C VAL A 158 12.60 29.84 -13.84
N PRO A 159 12.21 29.37 -15.04
CA PRO A 159 10.81 28.97 -15.22
C PRO A 159 10.42 27.76 -14.39
N HIS A 160 9.11 27.57 -14.18
CA HIS A 160 8.58 26.44 -13.42
C HIS A 160 8.15 25.32 -14.37
N VAL A 161 8.95 25.14 -15.42
CA VAL A 161 8.61 24.34 -16.60
C VAL A 161 9.91 24.15 -17.40
N TYR A 162 10.01 23.05 -18.15
CA TYR A 162 11.21 22.84 -18.97
C TYR A 162 11.32 23.84 -20.13
N SER A 163 12.46 24.53 -20.19
CA SER A 163 12.78 25.43 -21.29
C SER A 163 14.16 25.10 -21.86
N SER A 164 14.21 24.87 -23.17
CA SER A 164 15.45 24.53 -23.86
C SER A 164 16.48 25.64 -23.67
N SER A 165 15.98 26.88 -23.72
CA SER A 165 16.81 28.08 -23.63
C SER A 165 17.10 28.52 -22.19
N GLU A 166 16.08 28.46 -21.33
CA GLU A 166 16.18 29.08 -20.00
C GLU A 166 16.37 28.14 -18.80
N THR A 167 16.10 26.85 -18.98
CA THR A 167 16.34 25.87 -17.90
C THR A 167 17.82 25.50 -17.82
N PRO A 168 18.49 25.96 -16.74
CA PRO A 168 19.94 25.77 -16.58
C PRO A 168 20.29 24.30 -16.44
N LYS A 169 21.40 23.91 -17.06
CA LYS A 169 21.85 22.52 -16.99
C LYS A 169 23.20 22.46 -16.32
N ALA A 170 23.22 21.90 -15.11
CA ALA A 170 24.44 21.82 -14.31
C ALA A 170 24.80 20.39 -13.94
N ARG A 171 25.99 20.21 -13.37
CA ARG A 171 26.42 18.93 -12.86
C ARG A 171 26.81 19.06 -11.38
N VAL A 172 26.26 18.18 -10.55
CA VAL A 172 26.50 18.24 -9.10
C VAL A 172 27.97 17.92 -8.75
N THR A 173 28.80 18.96 -8.76
CA THR A 173 30.24 18.85 -8.53
C THR A 173 30.65 19.23 -7.12
N ASN A 174 29.71 19.83 -6.39
CA ASN A 174 29.90 20.23 -4.99
C ASN A 174 28.66 19.98 -4.15
N GLU A 175 28.74 20.28 -2.85
CA GLU A 175 27.62 20.04 -1.95
C GLU A 175 26.75 21.28 -1.76
N LYS A 176 26.62 22.08 -2.83
CA LYS A 176 25.89 23.35 -2.76
C LYS A 176 24.59 23.37 -3.57
N TYR A 177 24.06 22.19 -3.90
CA TYR A 177 22.87 22.08 -4.75
C TYR A 177 21.60 21.70 -3.98
N SER A 178 20.68 22.66 -3.86
CA SER A 178 19.47 22.49 -3.08
C SER A 178 18.47 21.58 -3.78
N ILE A 179 18.06 20.52 -3.09
CA ILE A 179 17.05 19.60 -3.60
C ILE A 179 15.70 20.26 -3.87
N GLU A 180 15.57 21.53 -3.46
CA GLU A 180 14.34 22.30 -3.64
C GLU A 180 14.28 23.07 -4.95
N SER A 181 15.38 23.07 -5.70
CA SER A 181 15.37 23.62 -7.07
C SER A 181 16.22 22.86 -8.14
N TRP A 182 16.76 21.70 -7.79
CA TRP A 182 17.50 20.87 -8.76
C TRP A 182 16.96 19.44 -8.89
N VAL A 183 16.57 19.08 -10.12
CA VAL A 183 15.99 17.77 -10.44
C VAL A 183 16.97 17.01 -11.32
N ALA A 184 17.02 15.68 -11.14
CA ALA A 184 17.83 14.81 -12.01
C ALA A 184 17.34 14.87 -13.46
N ASP A 185 18.29 14.97 -14.38
CA ASP A 185 18.00 15.09 -15.80
C ASP A 185 17.81 13.71 -16.44
N PRO A 186 16.56 13.37 -16.83
CA PRO A 186 16.23 12.08 -17.43
C PRO A 186 16.74 11.93 -18.87
N SER A 187 17.27 13.00 -19.43
CA SER A 187 17.72 13.02 -20.81
C SER A 187 19.24 13.00 -20.92
N ARG A 188 19.92 12.82 -19.80
CA ARG A 188 21.37 12.92 -19.81
C ARG A 188 22.14 11.86 -19.08
N ASN A 189 21.57 11.28 -18.05
CA ASN A 189 22.40 10.47 -17.15
C ASN A 189 22.79 9.08 -17.64
N ASP A 190 23.61 9.04 -18.69
CA ASP A 190 24.26 7.82 -19.18
C ASP A 190 25.26 7.33 -18.16
N ASN A 191 25.69 6.08 -18.28
CA ASN A 191 26.67 5.52 -17.35
C ASN A 191 26.34 5.89 -15.89
N CYS A 192 25.05 5.85 -15.58
CA CYS A 192 24.53 6.25 -14.28
C CYS A 192 23.20 5.55 -14.03
N ARG A 193 23.01 5.07 -12.82
CA ARG A 193 21.69 4.58 -12.40
C ARG A 193 21.19 5.47 -11.26
N TYR A 194 20.00 6.06 -11.42
CA TYR A 194 19.41 6.86 -10.35
C TYR A 194 17.95 6.53 -10.08
N PHE A 195 17.48 6.99 -8.92
CA PHE A 195 16.24 6.51 -8.34
C PHE A 195 15.69 7.55 -7.35
N GLY A 196 14.44 7.98 -7.53
CA GLY A 196 13.85 8.96 -6.64
C GLY A 196 12.35 8.80 -6.37
N ARG A 197 11.94 9.15 -5.16
CA ARG A 197 10.53 9.25 -4.82
C ARG A 197 10.29 10.54 -4.06
N MET A 198 9.25 11.29 -4.43
CA MET A 198 8.83 12.47 -3.64
C MET A 198 7.40 12.37 -3.10
N VAL A 199 7.14 13.06 -1.98
CA VAL A 199 5.84 13.06 -1.32
C VAL A 199 5.33 14.49 -1.12
N GLY A 200 4.02 14.66 -1.23
CA GLY A 200 3.33 15.92 -0.93
C GLY A 200 3.28 16.22 0.56
N GLY A 201 2.52 17.25 0.94
CA GLY A 201 2.76 17.86 2.23
C GLY A 201 1.64 18.07 3.22
N ALA A 202 0.62 17.21 3.20
CA ALA A 202 -0.42 17.29 4.23
C ALA A 202 0.00 16.51 5.49
N ALA A 203 1.19 16.86 6.01
CA ALA A 203 1.77 16.23 7.19
C ALA A 203 1.62 14.71 7.25
N THR A 204 2.17 14.03 6.25
CA THR A 204 2.19 12.55 6.23
C THR A 204 3.55 12.03 6.70
N PRO A 205 3.54 10.89 7.43
CA PRO A 205 4.77 10.37 8.03
C PRO A 205 5.65 9.68 7.02
N PRO A 206 6.98 9.79 7.18
CA PRO A 206 7.90 8.95 6.44
C PRO A 206 7.80 7.49 6.91
N VAL A 207 7.81 6.57 5.94
CA VAL A 207 7.91 5.14 6.24
C VAL A 207 9.25 4.70 5.66
N VAL A 208 10.10 4.12 6.49
CA VAL A 208 11.49 3.82 6.08
C VAL A 208 11.91 2.42 6.54
N SER A 209 12.25 1.57 5.57
CA SER A 209 12.75 0.23 5.84
C SER A 209 14.26 0.13 5.71
N PHE A 210 14.86 -0.74 6.52
CA PHE A 210 16.29 -0.96 6.47
C PHE A 210 16.57 -2.41 6.82
N SER A 211 17.55 -2.99 6.10
CA SER A 211 17.89 -4.39 6.29
C SER A 211 19.37 -4.58 6.11
N ASN A 212 19.72 -5.85 5.95
CA ASN A 212 21.07 -6.36 6.07
C ASN A 212 21.20 -7.34 4.93
N ASN A 213 20.08 -7.58 4.25
CA ASN A 213 19.91 -8.72 3.36
C ASN A 213 19.16 -8.27 2.10
N SER A 214 19.75 -7.32 1.38
CA SER A 214 19.08 -6.66 0.26
C SER A 214 20.11 -6.01 -0.67
N THR A 215 20.16 -6.47 -1.92
CA THR A 215 21.14 -6.01 -2.90
C THR A 215 20.45 -5.26 -4.01
N ILE A 216 21.20 -4.41 -4.69
CA ILE A 216 20.73 -3.82 -5.93
C ILE A 216 21.68 -4.23 -7.06
N PRO A 217 21.15 -4.91 -8.10
CA PRO A 217 21.97 -5.15 -9.29
C PRO A 217 22.01 -3.88 -10.12
N LEU A 218 23.12 -3.67 -10.84
CA LEU A 218 23.32 -2.43 -11.56
C LEU A 218 23.53 -2.61 -13.07
N LEU A 219 23.50 -3.85 -13.54
CA LEU A 219 23.72 -4.15 -14.96
C LEU A 219 22.56 -3.66 -15.81
N ASP A 220 22.86 -3.05 -16.95
CA ASP A 220 21.83 -2.58 -17.88
C ASP A 220 21.36 -3.73 -18.79
N GLU A 221 20.62 -3.39 -19.84
CA GLU A 221 20.10 -4.37 -20.81
C GLU A 221 21.19 -5.27 -21.38
N ASN A 222 22.40 -4.72 -21.53
CA ASN A 222 23.52 -5.44 -22.12
C ASN A 222 24.47 -6.05 -21.08
N GLY A 223 24.05 -6.06 -19.82
CA GLY A 223 24.86 -6.62 -18.74
C GLY A 223 26.08 -5.79 -18.40
N ILE A 224 25.98 -4.48 -18.62
CA ILE A 224 27.06 -3.53 -18.31
C ILE A 224 26.67 -2.64 -17.14
N GLY A 225 27.48 -2.66 -16.08
CA GLY A 225 27.26 -1.79 -14.93
C GLY A 225 27.71 -0.36 -15.15
N ILE A 226 28.12 0.30 -14.06
CA ILE A 226 28.65 1.65 -14.15
C ILE A 226 30.15 1.58 -14.38
N LEU A 227 30.60 2.29 -15.41
CA LEU A 227 31.99 2.26 -15.80
C LEU A 227 32.71 3.51 -15.32
N CYS A 228 33.79 3.31 -14.57
CA CYS A 228 34.58 4.41 -14.04
C CYS A 228 35.61 4.87 -15.07
N LEU A 229 35.14 5.54 -16.11
CA LEU A 229 35.98 5.93 -17.23
C LEU A 229 37.14 6.84 -16.85
N GLN A 230 36.97 7.61 -15.78
CA GLN A 230 38.02 8.53 -15.29
C GLN A 230 38.59 8.06 -13.95
N GLY A 231 38.35 6.80 -13.59
CA GLY A 231 38.88 6.23 -12.36
C GLY A 231 38.08 6.51 -11.08
N ARG A 232 37.10 7.41 -11.18
CA ARG A 232 36.25 7.77 -10.04
C ARG A 232 34.82 7.25 -10.22
N LEU A 233 34.18 6.93 -9.10
CA LEU A 233 32.73 6.70 -9.05
C LEU A 233 32.06 7.81 -8.23
N TYR A 234 30.96 8.33 -8.78
CA TYR A 234 30.22 9.44 -8.17
C TYR A 234 28.93 9.01 -7.49
N ILE A 235 28.91 9.10 -6.16
CA ILE A 235 27.68 8.89 -5.38
C ILE A 235 26.97 10.22 -5.10
N THR A 236 25.68 10.28 -5.38
CA THR A 236 24.89 11.47 -5.11
C THR A 236 23.54 11.06 -4.52
N CYS A 237 23.18 11.64 -3.38
CA CYS A 237 21.95 11.24 -2.69
C CYS A 237 21.38 12.30 -1.75
N ALA A 238 20.14 12.08 -1.33
CA ALA A 238 19.41 12.95 -0.41
C ALA A 238 18.22 12.19 0.16
N ASP A 239 18.01 12.29 1.47
CA ASP A 239 16.87 11.65 2.12
C ASP A 239 16.11 12.61 3.03
N LEU A 240 15.29 13.48 2.42
CA LEU A 240 14.45 14.41 3.16
C LEU A 240 13.29 13.65 3.79
N LEU A 241 13.27 13.60 5.12
CA LEU A 241 12.27 12.82 5.86
C LEU A 241 10.99 13.57 6.20
N GLY A 242 11.05 14.90 6.16
CA GLY A 242 9.92 15.74 6.54
C GLY A 242 10.27 16.76 7.62
N VAL A 243 9.27 17.24 8.35
CA VAL A 243 9.46 18.31 9.32
C VAL A 243 9.02 17.86 10.71
N ASN A 244 9.84 18.19 11.71
CA ASN A 244 9.50 17.98 13.13
C ASN A 244 9.78 19.22 13.97
N LYS A 245 8.73 19.72 14.61
CA LYS A 245 8.79 20.93 15.45
C LYS A 245 9.38 22.09 14.67
N ASN A 246 8.75 22.39 13.53
CA ASN A 246 9.22 23.43 12.60
C ASN A 246 10.71 23.34 12.21
N ARG A 247 11.26 22.12 12.17
CA ARG A 247 12.62 21.87 11.69
C ARG A 247 12.75 20.72 10.70
N VAL A 248 13.51 20.95 9.64
CA VAL A 248 13.69 19.96 8.55
C VAL A 248 14.61 18.81 8.96
N HIS A 249 14.10 17.59 8.85
CA HIS A 249 14.88 16.39 9.15
C HIS A 249 15.24 15.58 7.91
N THR A 250 16.44 15.01 7.92
CA THR A 250 16.87 14.07 6.91
C THR A 250 17.24 12.74 7.58
N GLY A 251 17.61 11.76 6.78
CA GLY A 251 18.19 10.53 7.30
C GLY A 251 19.46 10.92 8.00
N LEU A 252 19.80 10.17 9.04
CA LEU A 252 21.00 10.44 9.84
C LEU A 252 22.26 10.37 8.97
N SER A 253 22.36 9.30 8.18
CA SER A 253 23.43 9.09 7.21
C SER A 253 23.09 7.85 6.38
N ARG A 254 23.67 7.76 5.18
CA ARG A 254 23.39 6.65 4.28
C ARG A 254 24.62 5.78 4.06
N PHE A 255 24.45 4.48 4.21
CA PHE A 255 25.51 3.50 4.01
C PHE A 255 25.59 3.04 2.56
N PHE A 256 26.78 2.68 2.13
CA PHE A 256 26.99 2.14 0.78
C PHE A 256 28.06 1.04 0.80
N ARG A 257 27.74 -0.12 0.24
CA ARG A 257 28.76 -1.12 -0.04
C ARG A 257 28.86 -1.31 -1.57
N LEU A 258 30.01 -0.95 -2.13
CA LEU A 258 30.20 -0.97 -3.57
C LEU A 258 31.02 -2.17 -4.05
N HIS A 259 30.52 -2.87 -5.06
CA HIS A 259 31.19 -4.05 -5.62
C HIS A 259 31.71 -3.79 -7.03
N PHE A 260 33.03 -3.82 -7.17
CA PHE A 260 33.68 -3.55 -8.45
C PHE A 260 34.33 -4.79 -9.07
N ARG A 261 34.37 -4.79 -10.40
CA ARG A 261 35.16 -5.75 -11.18
C ARG A 261 35.80 -4.99 -12.32
N GLN A 262 36.69 -5.65 -13.06
CA GLN A 262 37.36 -5.00 -14.18
C GLN A 262 36.70 -5.31 -15.52
N ARG A 263 36.77 -4.36 -16.45
CA ARG A 263 36.18 -4.56 -17.77
C ARG A 263 36.99 -3.96 -18.93
N ARG A 264 37.08 -4.70 -20.04
CA ARG A 264 37.83 -4.27 -21.22
C ARG A 264 37.08 -3.25 -22.07
N VAL A 265 37.81 -2.24 -22.55
CA VAL A 265 37.26 -1.18 -23.40
C VAL A 265 38.27 -0.78 -24.49
N ARG A 266 37.78 -0.47 -25.69
CA ARG A 266 38.63 0.02 -26.79
C ARG A 266 38.87 1.55 -26.66
N ASN A 267 40.12 1.96 -26.88
CA ASN A 267 40.64 3.33 -26.60
C ASN A 267 39.80 4.56 -26.99
N HIS B 3 35.14 -9.69 11.29
CA HIS B 3 34.04 -10.21 12.15
C HIS B 3 33.71 -11.68 11.86
N MET B 4 33.74 -12.06 10.58
CA MET B 4 33.46 -13.44 10.14
C MET B 4 34.70 -14.06 9.48
N GLY B 5 35.46 -13.23 8.77
CA GLY B 5 36.74 -13.61 8.16
C GLY B 5 37.70 -14.27 9.13
N GLY B 6 38.45 -15.24 8.63
CA GLY B 6 39.28 -16.09 9.47
C GLY B 6 38.65 -17.46 9.57
N VAL B 7 37.33 -17.50 9.59
CA VAL B 7 36.58 -18.76 9.66
C VAL B 7 36.49 -19.41 8.27
N ASP B 8 36.45 -20.73 8.24
CA ASP B 8 36.44 -21.51 7.01
C ASP B 8 35.29 -22.50 7.03
N VAL B 9 34.24 -22.21 6.27
CA VAL B 9 32.99 -22.96 6.35
C VAL B 9 32.95 -24.14 5.39
N LEU B 10 32.70 -25.33 5.93
CA LEU B 10 32.64 -26.53 5.11
C LEU B 10 31.20 -27.03 4.97
N ALA B 11 31.05 -28.31 4.65
CA ALA B 11 29.76 -28.91 4.37
C ALA B 11 28.85 -28.92 5.59
N ALA B 12 27.57 -28.70 5.37
CA ALA B 12 26.56 -28.88 6.40
C ALA B 12 26.36 -30.37 6.63
N VAL B 13 26.29 -30.78 7.89
CA VAL B 13 25.99 -32.16 8.23
C VAL B 13 24.56 -32.49 7.78
N PRO B 14 24.39 -33.55 6.96
CA PRO B 14 23.06 -33.96 6.54
C PRO B 14 22.15 -34.16 7.76
N LEU B 15 21.02 -33.47 7.75
CA LEU B 15 20.16 -33.36 8.94
C LEU B 15 19.40 -34.65 9.30
N SER B 16 19.74 -35.19 10.46
CA SER B 16 19.02 -36.32 11.04
C SER B 16 18.59 -35.96 12.46
N GLU B 17 17.74 -36.80 13.04
CA GLU B 17 17.21 -36.59 14.39
C GLU B 17 18.29 -36.26 15.44
N GLU B 18 19.52 -36.70 15.18
CA GLU B 18 20.62 -36.52 16.10
C GLU B 18 21.39 -35.20 15.87
N THR B 19 21.20 -34.60 14.69
CA THR B 19 21.98 -33.44 14.27
C THR B 19 21.21 -32.11 14.30
N GLU B 20 19.88 -32.20 14.51
CA GLU B 20 19.02 -31.00 14.47
C GLU B 20 18.43 -30.64 15.83
N PHE B 21 18.19 -29.35 16.03
CA PHE B 21 17.64 -28.83 17.30
C PHE B 21 16.60 -27.71 17.10
N LYS B 22 15.50 -27.79 17.86
CA LYS B 22 14.43 -26.79 17.82
C LYS B 22 14.04 -26.21 19.19
N VAL B 23 13.83 -24.90 19.25
CA VAL B 23 13.28 -24.25 20.45
C VAL B 23 12.20 -23.23 20.11
N GLU B 24 11.17 -23.21 20.94
CA GLU B 24 10.17 -22.15 20.91
C GLU B 24 10.41 -21.29 22.15
N LEU B 25 10.27 -19.97 22.01
CA LEU B 25 10.39 -19.06 23.15
C LEU B 25 9.70 -17.71 22.91
N PHE B 26 9.33 -17.04 24.00
CA PHE B 26 8.80 -15.68 23.96
C PHE B 26 9.85 -14.69 24.44
N VAL B 27 9.82 -13.49 23.86
CA VAL B 27 10.71 -12.40 24.25
C VAL B 27 9.84 -11.25 24.73
N LYS B 28 10.16 -10.73 25.92
CA LYS B 28 9.41 -9.63 26.54
C LYS B 28 9.94 -8.27 26.12
N PRO B 29 9.03 -7.29 25.92
CA PRO B 29 9.46 -5.93 25.60
C PRO B 29 10.11 -5.26 26.82
N VAL B 30 10.96 -4.28 26.58
CA VAL B 30 11.66 -3.61 27.67
C VAL B 30 11.42 -2.12 27.69
N ILE B 31 10.85 -1.65 28.80
CA ILE B 31 10.77 -0.22 29.12
C ILE B 31 11.84 0.08 30.16
N GLY B 32 12.46 1.25 30.06
CA GLY B 32 13.52 1.66 30.99
C GLY B 32 13.03 1.86 32.42
N ASN B 33 13.97 1.92 33.36
CA ASN B 33 13.64 1.97 34.79
C ASN B 33 14.04 3.29 35.45
N ALA B 34 13.03 4.02 35.92
CA ALA B 34 13.22 5.38 36.43
C ALA B 34 14.01 5.46 37.73
N GLU B 35 13.95 4.38 38.51
CA GLU B 35 14.68 4.25 39.77
C GLU B 35 15.00 2.78 40.02
N GLY B 36 16.10 2.32 39.42
CA GLY B 36 16.46 0.91 39.46
C GLY B 36 17.30 0.52 38.26
N THR B 37 17.97 -0.62 38.35
CA THR B 37 18.86 -1.09 37.27
C THR B 37 18.38 -2.40 36.63
N THR B 38 17.26 -2.92 37.12
CA THR B 38 16.60 -4.04 36.45
C THR B 38 15.60 -3.49 35.41
N PRO B 39 15.42 -4.21 34.29
CA PRO B 39 14.50 -3.77 33.25
C PRO B 39 13.03 -3.97 33.62
N HIS B 40 12.16 -3.08 33.16
CA HIS B 40 10.73 -3.29 33.28
C HIS B 40 10.25 -4.07 32.07
N TYR B 41 9.68 -5.26 32.31
CA TYR B 41 9.05 -6.02 31.23
C TYR B 41 7.62 -5.55 31.06
N TRP B 42 7.46 -4.40 30.39
CA TRP B 42 6.17 -3.79 30.17
C TRP B 42 5.83 -3.61 28.69
N SER B 43 4.58 -3.86 28.34
CA SER B 43 4.02 -3.49 27.04
C SER B 43 3.60 -2.01 26.99
N ILE B 44 3.41 -1.40 28.17
CA ILE B 44 2.94 -0.02 28.32
C ILE B 44 3.85 0.78 29.24
N SER B 45 4.21 1.99 28.83
CA SER B 45 5.12 2.83 29.61
C SER B 45 4.37 3.77 30.56
N SER B 46 5.14 4.50 31.37
CA SER B 46 4.58 5.57 32.21
C SER B 46 4.30 6.78 31.34
N PRO B 47 3.41 7.70 31.79
CA PRO B 47 3.05 8.85 30.97
C PRO B 47 4.26 9.63 30.47
N LEU B 48 4.22 10.03 29.21
CA LEU B 48 5.27 10.83 28.59
C LEU B 48 5.39 12.20 29.25
N LYS B 49 6.62 12.64 29.50
CA LYS B 49 6.87 13.97 30.05
C LYS B 49 6.58 15.04 29.00
N THR B 50 6.60 16.32 29.40
CA THR B 50 6.35 17.40 28.47
C THR B 50 7.63 17.80 27.76
N ALA B 51 7.46 18.51 26.64
CA ALA B 51 8.54 18.88 25.73
C ALA B 51 9.87 19.17 26.44
N GLU B 52 9.88 20.20 27.29
CA GLU B 52 11.10 20.67 27.96
C GLU B 52 11.95 19.53 28.52
N ALA B 53 11.31 18.58 29.19
CA ALA B 53 11.99 17.38 29.73
C ALA B 53 12.25 16.31 28.65
N ALA B 54 11.17 15.82 28.03
CA ALA B 54 11.22 14.73 27.05
C ALA B 54 12.20 14.98 25.89
N ASN B 55 12.25 16.21 25.40
CA ASN B 55 13.12 16.57 24.29
C ASN B 55 14.62 16.38 24.54
N VAL B 56 15.02 16.39 25.82
CA VAL B 56 16.44 16.23 26.18
C VAL B 56 16.71 15.08 27.15
N THR B 57 15.90 14.99 28.21
CA THR B 57 16.10 13.98 29.26
C THR B 57 14.79 13.31 29.66
N PRO B 58 14.25 12.45 28.79
CA PRO B 58 13.01 11.78 29.18
C PRO B 58 13.26 10.76 30.27
N ASP B 59 12.29 10.61 31.18
CA ASP B 59 12.38 9.62 32.24
C ASP B 59 12.60 8.25 31.62
N ALA B 60 13.50 7.47 32.20
CA ALA B 60 13.84 6.16 31.66
C ALA B 60 12.63 5.29 31.37
N ASP B 61 11.56 5.44 32.15
CA ASP B 61 10.34 4.66 31.92
C ASP B 61 9.36 5.28 30.92
N THR B 62 9.87 6.21 30.11
CA THR B 62 9.14 6.72 28.95
C THR B 62 9.86 6.42 27.63
N THR B 63 10.77 5.44 27.66
CA THR B 63 11.45 5.00 26.45
C THR B 63 11.48 3.48 26.32
N VAL B 64 11.68 3.00 25.10
CA VAL B 64 11.74 1.57 24.82
C VAL B 64 13.19 1.16 24.58
N CYS B 65 13.54 -0.01 25.10
CA CYS B 65 14.88 -0.58 24.92
C CYS B 65 14.83 -1.88 24.14
N TYR B 66 15.92 -2.16 23.41
CA TYR B 66 16.06 -3.42 22.68
C TYR B 66 15.96 -4.58 23.65
N SER B 67 15.00 -5.47 23.40
CA SER B 67 14.92 -6.71 24.14
C SER B 67 16.06 -7.61 23.69
N LEU B 68 16.58 -8.42 24.61
CA LEU B 68 17.71 -9.27 24.30
C LEU B 68 17.49 -10.63 24.90
N SER B 69 17.62 -11.65 24.08
CA SER B 69 17.43 -13.03 24.52
C SER B 69 18.53 -13.89 23.92
N GLN B 70 18.95 -14.90 24.69
CA GLN B 70 20.09 -15.72 24.33
C GLN B 70 19.71 -17.20 24.35
N VAL B 71 20.09 -17.93 23.29
CA VAL B 71 19.79 -19.36 23.19
C VAL B 71 21.09 -20.15 23.00
N ALA B 72 21.26 -21.20 23.81
CA ALA B 72 22.43 -22.09 23.72
C ALA B 72 22.01 -23.54 23.54
N PRO B 73 22.13 -24.07 22.30
CA PRO B 73 21.70 -25.45 22.00
C PRO B 73 22.62 -26.48 22.66
N PRO B 74 22.15 -27.75 22.78
CA PRO B 74 22.91 -28.81 23.46
C PRO B 74 24.37 -28.92 22.99
N ASP B 75 25.25 -29.34 23.89
CA ASP B 75 26.68 -29.50 23.59
C ASP B 75 26.96 -30.54 22.51
N ILE B 76 28.09 -30.34 21.83
CA ILE B 76 28.65 -31.35 20.94
C ILE B 76 30.11 -31.68 21.34
N PRO B 77 30.48 -32.99 21.37
CA PRO B 77 31.82 -33.54 21.64
C PRO B 77 33.00 -32.55 21.47
N GLU B 82 38.38 -33.63 16.96
CA GLU B 82 39.64 -33.91 16.28
C GLU B 82 40.13 -32.73 15.41
N CYS B 83 40.06 -32.88 14.10
CA CYS B 83 40.66 -31.93 13.16
C CYS B 83 39.80 -30.68 12.86
N ASP B 84 38.53 -30.89 12.54
CA ASP B 84 37.59 -29.81 12.19
C ASP B 84 36.33 -29.83 13.07
N MET B 85 35.81 -28.63 13.40
CA MET B 85 34.74 -28.47 14.41
C MET B 85 33.32 -28.66 13.88
N LEU B 86 32.44 -29.19 14.73
CA LEU B 86 31.00 -29.13 14.48
C LEU B 86 30.37 -27.95 15.21
N ILE B 87 29.53 -27.21 14.51
CA ILE B 87 28.93 -25.98 15.03
C ILE B 87 27.45 -25.92 14.73
N TRP B 88 26.67 -25.29 15.61
CA TRP B 88 25.24 -25.11 15.37
C TRP B 88 24.95 -23.99 14.37
N GLU B 89 24.03 -24.27 13.45
CA GLU B 89 23.67 -23.34 12.36
C GLU B 89 22.16 -23.09 12.30
N LEU B 90 21.77 -21.83 12.52
CA LEU B 90 20.37 -21.44 12.40
C LEU B 90 20.09 -21.19 10.94
N TYR B 91 19.16 -21.97 10.38
CA TYR B 91 18.88 -21.92 8.92
C TYR B 91 17.43 -21.51 8.61
N ARG B 92 16.55 -21.62 9.60
CA ARG B 92 15.14 -21.35 9.44
C ARG B 92 14.58 -20.79 10.75
N MET B 93 13.63 -19.85 10.66
CA MET B 93 12.89 -19.42 11.85
C MET B 93 11.50 -18.89 11.55
N GLU B 94 10.62 -19.01 12.55
CA GLU B 94 9.33 -18.32 12.52
C GLU B 94 9.32 -17.30 13.63
N THR B 95 8.78 -16.12 13.36
CA THR B 95 8.60 -15.11 14.38
C THR B 95 7.27 -14.38 14.21
N GLU B 96 6.49 -14.35 15.30
CA GLU B 96 5.19 -13.69 15.31
C GLU B 96 5.07 -12.84 16.57
N VAL B 97 4.44 -11.68 16.44
CA VAL B 97 4.26 -10.76 17.57
C VAL B 97 2.86 -10.91 18.18
N LEU B 98 2.80 -10.90 19.52
CA LEU B 98 1.54 -10.96 20.25
C LEU B 98 0.99 -9.55 20.34
N VAL B 99 -0.25 -9.38 19.91
CA VAL B 99 -0.81 -8.05 19.86
C VAL B 99 -2.34 -8.09 20.12
N LEU B 100 -2.83 -7.10 20.89
CA LEU B 100 -4.29 -6.96 21.11
C LEU B 100 -4.80 -5.75 20.34
N PRO B 101 -6.11 -5.72 20.02
CA PRO B 101 -6.70 -4.45 19.57
C PRO B 101 -7.05 -3.61 20.80
N VAL B 102 -6.63 -2.34 20.82
CA VAL B 102 -7.07 -1.45 21.91
C VAL B 102 -8.26 -0.62 21.46
N LEU B 103 -9.42 -0.93 22.04
CA LEU B 103 -10.66 -0.26 21.71
C LEU B 103 -11.17 0.44 22.96
N ASN B 104 -11.64 -0.35 23.92
CA ASN B 104 -12.13 0.17 25.19
C ASN B 104 -11.01 0.79 26.04
N ALA B 105 -9.85 0.14 26.06
CA ALA B 105 -8.66 0.69 26.70
C ALA B 105 -8.14 1.89 25.90
N GLY B 106 -8.75 2.13 24.75
CA GLY B 106 -8.40 3.25 23.90
C GLY B 106 -9.27 4.48 24.08
N ILE B 107 -10.46 4.28 24.68
CA ILE B 107 -11.38 5.40 24.97
C ILE B 107 -10.67 6.41 25.85
N LEU B 108 -10.72 7.67 25.43
CA LEU B 108 -10.02 8.74 26.16
C LEU B 108 -11.01 9.70 26.84
N THR B 109 -10.55 10.34 27.93
CA THR B 109 -11.39 11.15 28.83
C THR B 109 -12.14 12.30 28.14
N THR B 110 -11.49 12.91 27.13
CA THR B 110 -12.12 13.90 26.24
C THR B 110 -13.37 13.38 25.53
N GLY B 111 -13.45 12.07 25.35
CA GLY B 111 -14.54 11.43 24.62
C GLY B 111 -14.10 10.92 23.27
N GLY B 112 -14.67 9.78 22.86
CA GLY B 112 -14.30 9.13 21.62
C GLY B 112 -13.21 8.07 21.79
N VAL B 113 -12.77 7.53 20.66
CA VAL B 113 -11.77 6.47 20.65
C VAL B 113 -10.43 6.96 20.14
N GLY B 114 -9.51 7.25 21.05
CA GLY B 114 -8.12 7.36 20.65
C GLY B 114 -7.66 5.92 20.52
N GLY B 115 -6.54 5.69 19.87
CA GLY B 115 -5.98 4.35 19.86
C GLY B 115 -4.49 4.41 20.03
N ILE B 116 -3.79 3.34 19.64
CA ILE B 116 -2.36 3.43 19.46
C ILE B 116 -2.13 4.10 18.10
N ALA B 117 -1.25 5.09 18.09
CA ALA B 117 -0.90 5.80 16.87
C ALA B 117 0.36 6.64 17.10
N GLY B 118 1.00 7.06 16.02
CA GLY B 118 2.24 7.83 16.11
C GLY B 118 3.46 7.09 15.60
N PRO B 119 4.66 7.48 16.09
CA PRO B 119 5.92 6.90 15.61
C PRO B 119 6.04 5.43 15.95
N GLN B 120 6.49 4.65 14.98
CA GLN B 120 6.64 3.20 15.15
C GLN B 120 8.05 2.74 14.81
N LEU B 121 8.47 1.63 15.44
CA LEU B 121 9.74 0.99 15.09
C LEU B 121 9.67 -0.53 15.28
N TYR B 122 9.74 -1.25 14.16
CA TYR B 122 9.76 -2.71 14.15
C TYR B 122 11.15 -3.15 13.75
N PHE B 123 11.70 -4.09 14.52
CA PHE B 123 13.07 -4.55 14.32
C PHE B 123 13.26 -5.92 14.95
N TRP B 124 13.95 -6.81 14.24
CA TRP B 124 14.49 -8.02 14.86
C TRP B 124 15.84 -8.39 14.27
N ALA B 125 16.62 -9.14 15.04
CA ALA B 125 17.96 -9.55 14.64
C ALA B 125 18.33 -10.91 15.24
N VAL B 126 18.92 -11.76 14.41
CA VAL B 126 19.50 -13.01 14.89
C VAL B 126 20.98 -13.04 14.50
N GLY B 127 21.84 -13.51 15.41
CA GLY B 127 23.29 -13.48 15.22
C GLY B 127 24.08 -14.47 16.06
N GLY B 128 25.35 -14.65 15.71
CA GLY B 128 26.27 -15.51 16.48
C GLY B 128 27.01 -14.71 17.54
N GLN B 129 26.72 -13.42 17.59
CA GLN B 129 27.31 -12.47 18.52
C GLN B 129 26.27 -11.38 18.79
N PRO B 130 26.52 -10.54 19.82
CA PRO B 130 25.70 -9.35 20.04
C PRO B 130 25.53 -8.50 18.79
N LEU B 131 24.39 -7.82 18.69
CA LEU B 131 24.11 -6.92 17.58
C LEU B 131 24.99 -5.67 17.67
N ASP B 132 25.67 -5.32 16.58
CA ASP B 132 26.48 -4.11 16.56
C ASP B 132 25.58 -2.91 16.25
N VAL B 133 25.70 -1.87 17.07
CA VAL B 133 24.91 -0.64 16.92
C VAL B 133 25.77 0.62 16.85
N LEU B 134 25.15 1.71 16.39
CA LEU B 134 25.79 3.03 16.33
C LEU B 134 25.00 4.05 17.15
N GLY B 135 25.71 4.85 17.94
CA GLY B 135 25.10 5.86 18.80
C GLY B 135 24.88 7.19 18.09
N LEU B 136 23.61 7.55 17.90
CA LEU B 136 23.27 8.81 17.25
C LEU B 136 22.18 9.58 18.00
N ALA B 137 22.11 10.89 17.76
CA ALA B 137 21.10 11.74 18.38
C ALA B 137 20.09 12.26 17.35
N PRO B 138 18.79 12.26 17.70
CA PRO B 138 17.75 12.77 16.80
C PRO B 138 17.94 14.24 16.49
N THR B 139 18.37 14.98 17.50
CA THR B 139 18.48 16.44 17.46
C THR B 139 19.81 16.88 18.08
N GLU B 140 20.06 18.20 18.13
CA GLU B 140 21.32 18.72 18.70
C GLU B 140 21.35 18.77 20.23
N LYS B 141 20.25 18.42 20.89
CA LYS B 141 20.18 18.50 22.35
C LYS B 141 19.65 17.25 23.08
N TYR B 142 19.33 16.20 22.33
CA TYR B 142 18.82 14.95 22.94
C TYR B 142 19.94 14.17 23.64
N LYS B 143 19.74 13.91 24.94
CA LYS B 143 20.73 13.19 25.73
C LYS B 143 20.27 11.77 26.04
N GLY B 144 18.97 11.63 26.29
CA GLY B 144 18.41 10.37 26.74
C GLY B 144 18.18 10.42 28.23
N PRO B 145 17.58 9.36 28.80
CA PRO B 145 17.37 9.32 30.23
C PRO B 145 18.69 9.51 30.98
N ALA B 146 18.67 10.34 32.01
CA ALA B 146 19.83 10.51 32.88
C ALA B 146 19.89 9.36 33.91
N GLN B 147 19.10 8.32 33.69
CA GLN B 147 18.92 7.29 34.70
C GLN B 147 19.44 5.89 34.34
N TYR B 148 18.67 5.11 33.59
CA TYR B 148 18.86 3.65 33.52
C TYR B 148 19.60 3.17 32.27
N THR B 149 19.50 3.97 31.22
CA THR B 149 19.94 3.58 29.90
C THR B 149 21.41 3.89 29.70
N VAL B 150 22.03 3.15 28.80
CA VAL B 150 23.36 3.48 28.32
C VAL B 150 23.18 4.50 27.21
N ASN B 151 23.51 5.74 27.50
CA ASN B 151 23.43 6.77 26.47
C ASN B 151 24.71 6.77 25.66
N PRO B 152 24.64 7.23 24.39
CA PRO B 152 25.83 7.42 23.56
C PRO B 152 26.91 8.30 24.23
N LYS B 153 26.49 9.25 25.04
CA LYS B 153 27.39 10.09 25.85
C LYS B 153 26.64 10.39 27.15
N THR B 154 27.16 9.91 28.27
CA THR B 154 26.36 9.79 29.51
C THR B 154 25.76 11.08 30.09
N ASN B 155 26.42 12.20 29.90
CA ASN B 155 25.76 13.48 30.17
C ASN B 155 25.95 14.54 29.11
N GLY B 156 26.05 14.11 27.85
CA GLY B 156 26.14 15.03 26.72
C GLY B 156 25.38 14.53 25.51
N THR B 157 25.71 15.09 24.35
CA THR B 157 25.14 14.66 23.09
C THR B 157 26.21 14.24 22.11
N VAL B 158 25.89 13.21 21.32
CA VAL B 158 26.71 12.79 20.18
C VAL B 158 26.11 13.41 18.91
N PRO B 159 26.86 13.40 17.78
CA PRO B 159 26.33 14.09 16.60
C PRO B 159 25.06 13.42 16.04
N HIS B 160 24.33 14.18 15.23
CA HIS B 160 23.09 13.70 14.59
C HIS B 160 23.37 13.24 13.14
N VAL B 161 24.54 12.59 12.98
CA VAL B 161 25.16 12.30 11.71
C VAL B 161 26.28 11.28 11.99
N TYR B 162 26.65 10.48 10.99
CA TYR B 162 27.76 9.53 11.19
C TYR B 162 29.11 10.25 11.27
N SER B 163 29.85 9.94 12.34
CA SER B 163 31.22 10.44 12.55
C SER B 163 32.14 9.27 12.90
N SER B 164 33.21 9.12 12.12
CA SER B 164 34.21 8.07 12.34
C SER B 164 34.80 8.16 13.74
N SER B 165 35.05 9.40 14.18
CA SER B 165 35.67 9.69 15.46
C SER B 165 34.69 9.77 16.64
N GLU B 166 33.51 10.36 16.42
CA GLU B 166 32.60 10.68 17.53
C GLU B 166 31.33 9.80 17.67
N THR B 167 30.98 9.06 16.63
CA THR B 167 29.85 8.14 16.70
C THR B 167 30.22 6.84 17.43
N PRO B 168 29.72 6.67 18.66
CA PRO B 168 30.06 5.53 19.51
C PRO B 168 29.62 4.21 18.89
N LYS B 169 30.46 3.19 19.00
CA LYS B 169 30.14 1.88 18.46
C LYS B 169 30.06 0.88 19.59
N ALA B 170 28.85 0.41 19.88
CA ALA B 170 28.62 -0.51 20.98
C ALA B 170 27.99 -1.82 20.51
N ARG B 171 27.90 -2.78 21.42
CA ARG B 171 27.23 -4.05 21.14
C ARG B 171 26.16 -4.29 22.21
N VAL B 172 24.95 -4.63 21.76
CA VAL B 172 23.81 -4.82 22.64
C VAL B 172 23.98 -6.06 23.52
N THR B 173 24.66 -5.88 24.66
CA THR B 173 24.99 -6.97 25.60
C THR B 173 24.02 -7.04 26.78
N ASN B 174 23.23 -5.99 26.94
CA ASN B 174 22.24 -5.89 28.01
C ASN B 174 20.94 -5.24 27.51
N GLU B 175 19.96 -5.14 28.39
CA GLU B 175 18.65 -4.60 28.04
C GLU B 175 18.55 -3.10 28.34
N LYS B 176 19.67 -2.39 28.23
CA LYS B 176 19.74 -0.97 28.61
C LYS B 176 19.92 -0.02 27.42
N TYR B 177 19.60 -0.50 26.21
CA TYR B 177 19.84 0.29 25.00
C TYR B 177 18.54 0.85 24.39
N SER B 178 18.40 2.17 24.46
CA SER B 178 17.19 2.84 24.02
C SER B 178 17.12 2.91 22.50
N ILE B 179 16.03 2.40 21.94
CA ILE B 179 15.77 2.44 20.49
C ILE B 179 15.71 3.87 19.96
N GLU B 180 15.68 4.85 20.86
CA GLU B 180 15.59 6.26 20.49
C GLU B 180 16.95 6.91 20.24
N SER B 181 18.04 6.18 20.53
CA SER B 181 19.39 6.67 20.19
C SER B 181 20.39 5.60 19.71
N TRP B 182 19.94 4.36 19.51
CA TRP B 182 20.81 3.30 18.97
C TRP B 182 20.27 2.63 17.69
N VAL B 183 21.04 2.72 16.61
CA VAL B 183 20.68 2.17 15.29
C VAL B 183 21.57 0.98 14.97
N ALA B 184 21.02 -0.03 14.30
CA ALA B 184 21.82 -1.17 13.83
C ALA B 184 22.88 -0.71 12.83
N ASP B 185 24.09 -1.25 13.00
CA ASP B 185 25.25 -0.90 12.17
C ASP B 185 25.28 -1.73 10.88
N PRO B 186 25.03 -1.08 9.72
CA PRO B 186 25.00 -1.76 8.43
C PRO B 186 26.40 -2.14 7.92
N SER B 187 27.43 -1.68 8.63
CA SER B 187 28.80 -1.94 8.23
C SER B 187 29.48 -2.99 9.09
N ARG B 188 28.73 -3.66 9.96
CA ARG B 188 29.34 -4.58 10.88
C ARG B 188 28.67 -5.93 11.08
N ASN B 189 27.37 -6.02 10.85
CA ASN B 189 26.68 -7.20 11.35
C ASN B 189 26.81 -8.47 10.49
N ASP B 190 28.03 -9.01 10.44
CA ASP B 190 28.32 -10.32 9.83
C ASP B 190 27.67 -11.40 10.65
N ASN B 191 27.56 -12.60 10.10
CA ASN B 191 26.96 -13.72 10.81
C ASN B 191 25.70 -13.29 11.56
N CYS B 192 24.90 -12.45 10.91
CA CYS B 192 23.71 -11.86 11.50
C CYS B 192 22.75 -11.48 10.38
N ARG B 193 21.47 -11.77 10.56
CA ARG B 193 20.44 -11.21 9.69
C ARG B 193 19.55 -10.26 10.52
N TYR B 194 19.41 -9.01 10.07
CA TYR B 194 18.50 -8.08 10.74
C TYR B 194 17.57 -7.33 9.78
N PHE B 195 16.54 -6.73 10.37
CA PHE B 195 15.38 -6.25 9.62
C PHE B 195 14.64 -5.19 10.42
N GLY B 196 14.43 -4.01 9.82
CA GLY B 196 13.76 -2.92 10.51
C GLY B 196 12.89 -2.03 9.65
N ARG B 197 11.78 -1.56 10.22
CA ARG B 197 10.97 -0.52 9.60
C ARG B 197 10.63 0.56 10.64
N MET B 198 10.76 1.83 10.26
CA MET B 198 10.30 2.93 11.12
C MET B 198 9.25 3.82 10.46
N VAL B 199 8.41 4.44 11.29
CA VAL B 199 7.32 5.31 10.82
C VAL B 199 7.42 6.69 11.50
N GLY B 200 7.06 7.73 10.73
CA GLY B 200 6.92 9.10 11.25
C GLY B 200 5.73 9.28 12.16
N GLY B 201 5.43 10.52 12.53
CA GLY B 201 4.58 10.75 13.69
C GLY B 201 3.36 11.64 13.62
N ALA B 202 2.69 11.70 12.46
CA ALA B 202 1.41 12.42 12.40
C ALA B 202 0.25 11.53 12.83
N ALA B 203 0.37 10.94 14.03
CA ALA B 203 -0.63 10.02 14.59
C ALA B 203 -1.20 9.01 13.58
N THR B 204 -0.34 8.18 13.00
CA THR B 204 -0.77 7.10 12.10
C THR B 204 -0.83 5.77 12.86
N PRO B 205 -1.81 4.91 12.52
CA PRO B 205 -2.02 3.67 13.25
C PRO B 205 -1.03 2.59 12.85
N PRO B 206 -0.62 1.75 13.81
CA PRO B 206 0.11 0.54 13.46
C PRO B 206 -0.78 -0.46 12.74
N VAL B 207 -0.24 -1.10 11.71
CA VAL B 207 -0.91 -2.21 11.05
C VAL B 207 -0.03 -3.40 11.33
N VAL B 208 -0.60 -4.46 11.88
CA VAL B 208 0.20 -5.60 12.34
C VAL B 208 -0.45 -6.93 11.99
N SER B 209 0.25 -7.71 11.16
CA SER B 209 -0.19 -9.07 10.78
C SER B 209 0.48 -10.17 11.61
N PHE B 210 -0.25 -11.25 11.84
CA PHE B 210 0.28 -12.40 12.54
C PHE B 210 -0.36 -13.65 12.00
N SER B 211 0.43 -14.71 11.89
CA SER B 211 -0.03 -15.98 11.34
C SER B 211 0.63 -17.14 12.03
N ASN B 212 0.52 -18.29 11.37
CA ASN B 212 0.76 -19.58 11.94
C ASN B 212 1.48 -20.34 10.85
N ASN B 213 1.52 -19.71 9.66
CA ASN B 213 1.88 -20.35 8.42
C ASN B 213 2.82 -19.46 7.62
N SER B 214 3.97 -19.14 8.20
CA SER B 214 4.88 -18.17 7.61
C SER B 214 6.29 -18.38 8.16
N THR B 215 7.23 -18.67 7.26
CA THR B 215 8.64 -18.95 7.61
C THR B 215 9.57 -17.86 7.10
N ILE B 216 10.73 -17.74 7.74
CA ILE B 216 11.81 -16.92 7.23
C ILE B 216 13.01 -17.82 7.00
N PRO B 217 13.48 -17.92 5.74
CA PRO B 217 14.76 -18.60 5.48
C PRO B 217 15.92 -17.66 5.86
N LEU B 218 17.01 -18.24 6.32
CA LEU B 218 18.12 -17.45 6.84
C LEU B 218 19.46 -17.66 6.12
N LEU B 219 19.46 -18.52 5.10
CA LEU B 219 20.67 -18.81 4.32
C LEU B 219 21.10 -17.62 3.48
N ASP B 220 22.39 -17.32 3.47
CA ASP B 220 22.93 -16.23 2.64
C ASP B 220 23.17 -16.69 1.19
N GLU B 221 23.88 -15.88 0.41
CA GLU B 221 24.21 -16.20 -0.98
C GLU B 221 24.85 -17.57 -1.15
N ASN B 222 25.63 -17.99 -0.15
CA ASN B 222 26.36 -19.26 -0.18
C ASN B 222 25.65 -20.40 0.56
N GLY B 223 24.39 -20.17 0.91
CA GLY B 223 23.60 -21.19 1.61
C GLY B 223 24.05 -21.45 3.03
N ILE B 224 24.61 -20.42 3.65
CA ILE B 224 25.06 -20.51 5.05
C ILE B 224 24.18 -19.63 5.94
N GLY B 225 23.58 -20.27 6.94
CA GLY B 225 22.77 -19.55 7.92
C GLY B 225 23.60 -18.80 8.96
N ILE B 226 23.04 -18.66 10.15
CA ILE B 226 23.76 -18.03 11.25
C ILE B 226 24.51 -19.10 12.02
N LEU B 227 25.81 -18.87 12.19
CA LEU B 227 26.69 -19.83 12.85
C LEU B 227 26.93 -19.45 14.30
N CYS B 228 26.66 -20.38 15.20
CA CYS B 228 26.86 -20.15 16.62
C CYS B 228 28.30 -20.48 17.02
N LEU B 229 29.23 -19.63 16.60
CA LEU B 229 30.66 -19.85 16.79
C LEU B 229 31.06 -20.01 18.26
N GLN B 230 30.32 -19.38 19.17
CA GLN B 230 30.60 -19.46 20.60
C GLN B 230 29.51 -20.24 21.34
N GLY B 231 28.71 -21.00 20.59
CA GLY B 231 27.68 -21.85 21.19
C GLY B 231 26.35 -21.17 21.52
N ARG B 232 26.33 -19.84 21.44
CA ARG B 232 25.12 -19.06 21.72
C ARG B 232 24.56 -18.44 20.44
N LEU B 233 23.23 -18.30 20.40
CA LEU B 233 22.56 -17.45 19.41
C LEU B 233 21.94 -16.21 20.09
N TYR B 234 22.13 -15.05 19.47
CA TYR B 234 21.68 -13.77 20.01
C TYR B 234 20.44 -13.22 19.29
N ILE B 235 19.31 -13.20 20.00
CA ILE B 235 18.09 -12.56 19.49
C ILE B 235 17.98 -11.12 20.03
N THR B 236 17.75 -10.18 19.13
CA THR B 236 17.59 -8.78 19.53
C THR B 236 16.41 -8.17 18.77
N CYS B 237 15.47 -7.56 19.49
CA CYS B 237 14.26 -7.03 18.85
C CYS B 237 13.57 -5.90 19.62
N ALA B 238 12.66 -5.23 18.93
CA ALA B 238 11.86 -4.14 19.47
C ALA B 238 10.66 -3.89 18.57
N ASP B 239 9.48 -3.75 19.17
CA ASP B 239 8.25 -3.47 18.42
C ASP B 239 7.47 -2.29 19.00
N LEU B 240 7.94 -1.08 18.74
CA LEU B 240 7.27 0.14 19.15
C LEU B 240 6.03 0.37 18.28
N LEU B 241 4.86 0.27 18.89
CA LEU B 241 3.58 0.37 18.17
C LEU B 241 3.04 1.79 18.04
N GLY B 242 3.51 2.69 18.89
CA GLY B 242 3.04 4.09 18.91
C GLY B 242 2.58 4.53 20.30
N VAL B 243 1.69 5.52 20.33
CA VAL B 243 1.23 6.10 21.59
C VAL B 243 -0.30 6.01 21.75
N ASN B 244 -0.73 5.64 22.96
CA ASN B 244 -2.15 5.65 23.34
C ASN B 244 -2.38 6.31 24.69
N LYS B 245 -3.15 7.39 24.68
CA LYS B 245 -3.47 8.19 25.88
C LYS B 245 -2.19 8.65 26.55
N ASN B 246 -1.37 9.36 25.78
CA ASN B 246 -0.05 9.82 26.24
C ASN B 246 0.85 8.75 26.89
N ARG B 247 0.71 7.50 26.45
CA ARG B 247 1.59 6.43 26.91
C ARG B 247 2.12 5.55 25.76
N VAL B 248 3.40 5.21 25.84
CA VAL B 248 4.08 4.44 24.79
C VAL B 248 3.71 2.96 24.89
N HIS B 249 3.23 2.41 23.77
CA HIS B 249 2.91 0.99 23.68
C HIS B 249 3.84 0.22 22.77
N THR B 250 4.12 -1.02 23.15
CA THR B 250 4.88 -1.96 22.32
C THR B 250 4.01 -3.19 22.08
N GLY B 251 4.54 -4.12 21.27
CA GLY B 251 3.94 -5.44 21.14
C GLY B 251 3.97 -6.07 22.50
N LEU B 252 2.96 -6.91 22.79
CA LEU B 252 2.83 -7.56 24.10
C LEU B 252 4.04 -8.45 24.40
N SER B 253 4.44 -9.24 23.39
CA SER B 253 5.65 -10.05 23.42
C SER B 253 5.84 -10.67 22.03
N ARG B 254 7.06 -11.07 21.71
CA ARG B 254 7.35 -11.65 20.41
C ARG B 254 7.76 -13.11 20.52
N PHE B 255 7.12 -13.95 19.70
CA PHE B 255 7.41 -15.39 19.63
C PHE B 255 8.56 -15.70 18.67
N PHE B 256 9.29 -16.79 18.97
CA PHE B 256 10.36 -17.26 18.11
C PHE B 256 10.40 -18.77 18.09
N ARG B 257 10.40 -19.37 16.90
CA ARG B 257 10.74 -20.78 16.75
C ARG B 257 12.02 -20.89 15.91
N LEU B 258 13.08 -21.40 16.53
CA LEU B 258 14.39 -21.48 15.90
C LEU B 258 14.72 -22.90 15.45
N HIS B 259 15.17 -23.03 14.19
CA HIS B 259 15.54 -24.33 13.61
C HIS B 259 17.05 -24.44 13.36
N PHE B 260 17.69 -25.35 14.11
CA PHE B 260 19.13 -25.55 14.03
C PHE B 260 19.55 -26.86 13.35
N ARG B 261 20.69 -26.80 12.69
CA ARG B 261 21.38 -27.99 12.19
C ARG B 261 22.88 -27.84 12.47
N GLN B 262 23.64 -28.90 12.26
CA GLN B 262 25.09 -28.84 12.50
C GLN B 262 25.87 -28.55 11.22
N ARG B 263 27.00 -27.87 11.37
CA ARG B 263 27.86 -27.55 10.24
C ARG B 263 29.37 -27.63 10.53
N ARG B 264 30.12 -28.17 9.58
CA ARG B 264 31.58 -28.30 9.68
C ARG B 264 32.34 -27.00 9.43
N VAL B 265 33.35 -26.75 10.26
CA VAL B 265 34.22 -25.58 10.15
C VAL B 265 35.66 -25.98 10.48
N ARG B 266 36.63 -25.45 9.72
CA ARG B 266 38.06 -25.73 9.99
C ARG B 266 38.48 -25.08 11.31
N ASN B 267 39.27 -25.82 12.09
CA ASN B 267 39.71 -25.37 13.42
C ASN B 267 40.56 -24.09 13.36
N SER C 2 2.06 -30.73 20.72
CA SER C 2 1.11 -31.38 21.66
C SER C 2 -0.08 -32.00 20.91
N HIS C 3 -0.76 -31.20 20.09
CA HIS C 3 -1.98 -31.65 19.38
C HIS C 3 -1.74 -32.72 18.32
N MET C 4 -0.62 -32.58 17.61
CA MET C 4 -0.25 -33.47 16.52
C MET C 4 0.72 -34.56 17.00
N GLY C 5 1.24 -34.40 18.21
CA GLY C 5 2.18 -35.34 18.82
C GLY C 5 1.76 -36.80 18.73
N GLY C 6 2.73 -37.64 18.35
CA GLY C 6 2.53 -39.08 18.32
C GLY C 6 1.48 -39.58 17.33
N VAL C 7 1.01 -38.70 16.46
CA VAL C 7 0.09 -39.13 15.39
C VAL C 7 0.93 -39.52 14.17
N ASP C 8 0.48 -40.55 13.46
CA ASP C 8 1.26 -41.08 12.36
C ASP C 8 0.48 -41.02 11.05
N VAL C 9 0.83 -40.04 10.23
CA VAL C 9 0.03 -39.71 9.05
C VAL C 9 0.47 -40.49 7.83
N LEU C 10 -0.46 -41.21 7.20
CA LEU C 10 -0.15 -41.98 6.01
C LEU C 10 -0.76 -41.34 4.77
N ALA C 11 -0.94 -42.14 3.72
CA ALA C 11 -1.40 -41.65 2.43
C ALA C 11 -2.82 -41.10 2.49
N ALA C 12 -3.05 -40.05 1.71
CA ALA C 12 -4.40 -39.53 1.50
C ALA C 12 -5.14 -40.47 0.57
N VAL C 13 -6.39 -40.77 0.90
CA VAL C 13 -7.23 -41.59 0.04
C VAL C 13 -7.51 -40.82 -1.25
N PRO C 14 -7.20 -41.43 -2.41
CA PRO C 14 -7.48 -40.77 -3.70
C PRO C 14 -8.94 -40.36 -3.76
N LEU C 15 -9.16 -39.07 -4.03
CA LEU C 15 -10.50 -38.47 -3.89
C LEU C 15 -11.51 -38.89 -4.96
N SER C 16 -12.56 -39.57 -4.51
CA SER C 16 -13.69 -39.93 -5.34
C SER C 16 -14.98 -39.43 -4.68
N GLU C 17 -16.08 -39.46 -5.43
CA GLU C 17 -17.39 -39.02 -4.95
C GLU C 17 -17.77 -39.59 -3.57
N GLU C 18 -17.21 -40.74 -3.23
CA GLU C 18 -17.50 -41.43 -1.98
C GLU C 18 -16.59 -40.99 -0.83
N THR C 19 -15.46 -40.37 -1.16
CA THR C 19 -14.43 -40.06 -0.16
C THR C 19 -14.35 -38.57 0.19
N GLU C 20 -15.06 -37.73 -0.55
CA GLU C 20 -15.02 -36.27 -0.36
C GLU C 20 -16.32 -35.67 0.19
N PHE C 21 -16.18 -34.58 0.94
CA PHE C 21 -17.32 -33.90 1.56
C PHE C 21 -17.21 -32.37 1.55
N LYS C 22 -18.31 -31.69 1.18
CA LYS C 22 -18.36 -30.21 1.13
C LYS C 22 -19.51 -29.62 1.93
N VAL C 23 -19.25 -28.51 2.63
CA VAL C 23 -20.31 -27.73 3.29
C VAL C 23 -20.10 -26.24 3.11
N GLU C 24 -21.21 -25.54 2.90
CA GLU C 24 -21.23 -24.09 2.96
C GLU C 24 -21.94 -23.70 4.26
N LEU C 25 -21.47 -22.65 4.92
CA LEU C 25 -22.13 -22.14 6.12
C LEU C 25 -21.78 -20.66 6.38
N PHE C 26 -22.65 -19.98 7.13
CA PHE C 26 -22.38 -18.63 7.61
C PHE C 26 -22.10 -18.66 9.10
N VAL C 27 -21.24 -17.75 9.54
CA VAL C 27 -20.89 -17.62 10.95
C VAL C 27 -21.29 -16.23 11.40
N LYS C 28 -22.03 -16.14 12.50
CA LYS C 28 -22.50 -14.86 13.04
C LYS C 28 -21.47 -14.22 13.97
N PRO C 29 -21.35 -12.86 13.92
CA PRO C 29 -20.49 -12.15 14.87
C PRO C 29 -21.10 -12.17 16.27
N VAL C 30 -20.25 -12.05 17.30
CA VAL C 30 -20.70 -12.13 18.68
C VAL C 30 -20.33 -10.87 19.48
N ILE C 31 -21.36 -10.20 19.98
CA ILE C 31 -21.22 -9.12 20.96
C ILE C 31 -21.62 -9.70 22.31
N GLY C 32 -20.92 -9.29 23.36
CA GLY C 32 -21.20 -9.77 24.72
C GLY C 32 -22.57 -9.36 25.25
N ASN C 33 -23.00 -10.02 26.34
CA ASN C 33 -24.35 -9.83 26.88
C ASN C 33 -24.37 -9.18 28.26
N ALA C 34 -24.94 -7.98 28.34
CA ALA C 34 -24.89 -7.16 29.55
C ALA C 34 -25.69 -7.71 30.73
N GLU C 35 -26.75 -8.47 30.46
CA GLU C 35 -27.60 -9.01 31.51
C GLU C 35 -28.02 -10.45 31.23
N GLY C 36 -27.18 -11.19 30.51
CA GLY C 36 -27.48 -12.58 30.17
C GLY C 36 -26.21 -13.40 30.04
N THR C 37 -26.38 -14.62 29.54
CA THR C 37 -25.26 -15.54 29.29
C THR C 37 -25.33 -16.16 27.89
N THR C 38 -26.44 -15.96 27.20
CA THR C 38 -26.51 -16.28 25.77
C THR C 38 -25.85 -15.15 24.98
N PRO C 39 -25.15 -15.48 23.87
CA PRO C 39 -24.47 -14.47 23.08
C PRO C 39 -25.43 -13.62 22.25
N HIS C 40 -25.09 -12.35 22.04
CA HIS C 40 -25.82 -11.51 21.10
C HIS C 40 -25.22 -11.68 19.71
N TYR C 41 -26.01 -12.17 18.76
CA TYR C 41 -25.55 -12.22 17.38
C TYR C 41 -25.83 -10.87 16.72
N TRP C 42 -24.98 -9.89 17.01
CA TRP C 42 -25.09 -8.54 16.47
C TRP C 42 -23.86 -8.13 15.65
N SER C 43 -24.12 -7.43 14.56
CA SER C 43 -23.08 -6.71 13.81
C SER C 43 -22.76 -5.35 14.43
N ILE C 44 -23.66 -4.85 15.29
CA ILE C 44 -23.53 -3.53 15.92
C ILE C 44 -23.74 -3.63 17.44
N SER C 45 -22.87 -2.98 18.21
CA SER C 45 -22.93 -3.04 19.67
C SER C 45 -23.76 -1.91 20.26
N SER C 46 -23.93 -1.96 21.58
CA SER C 46 -24.51 -0.85 22.34
C SER C 46 -23.49 0.28 22.46
N PRO C 47 -23.96 1.53 22.71
CA PRO C 47 -23.03 2.66 22.80
C PRO C 47 -21.87 2.40 23.76
N LEU C 48 -20.67 2.80 23.35
CA LEU C 48 -19.46 2.68 24.18
C LEU C 48 -19.57 3.54 25.43
N LYS C 49 -19.17 2.98 26.58
CA LYS C 49 -19.12 3.74 27.82
C LYS C 49 -17.98 4.77 27.79
N THR C 50 -17.92 5.65 28.79
CA THR C 50 -16.87 6.67 28.84
C THR C 50 -15.62 6.11 29.51
N ALA C 51 -14.50 6.80 29.28
CA ALA C 51 -13.18 6.37 29.73
C ALA C 51 -13.18 5.62 31.07
N GLU C 52 -13.56 6.31 32.14
CA GLU C 52 -13.53 5.76 33.50
C GLU C 52 -14.04 4.32 33.58
N ALA C 53 -15.18 4.06 32.93
CA ALA C 53 -15.75 2.71 32.88
C ALA C 53 -15.06 1.82 31.84
N ALA C 54 -15.08 2.26 30.58
CA ALA C 54 -14.56 1.48 29.45
C ALA C 54 -13.10 1.03 29.61
N ASN C 55 -12.27 1.91 30.15
CA ASN C 55 -10.85 1.61 30.35
C ASN C 55 -10.56 0.42 31.27
N VAL C 56 -11.50 0.08 32.17
CA VAL C 56 -11.30 -1.04 33.10
C VAL C 56 -12.41 -2.11 33.03
N THR C 57 -13.68 -1.67 33.03
CA THR C 57 -14.83 -2.59 33.05
C THR C 57 -15.90 -2.19 32.04
N PRO C 58 -15.60 -2.36 30.74
CA PRO C 58 -16.64 -2.01 29.76
C PRO C 58 -17.83 -2.98 29.83
N ASP C 59 -19.03 -2.46 29.59
CA ASP C 59 -20.23 -3.29 29.56
C ASP C 59 -20.04 -4.41 28.54
N ALA C 60 -20.39 -5.63 28.92
CA ALA C 60 -20.23 -6.79 28.03
C ALA C 60 -20.74 -6.56 26.61
N ASP C 61 -21.78 -5.76 26.44
CA ASP C 61 -22.32 -5.46 25.10
C ASP C 61 -21.63 -4.28 24.39
N THR C 62 -20.44 -3.91 24.87
CA THR C 62 -19.57 -2.96 24.17
C THR C 62 -18.24 -3.62 23.76
N THR C 63 -18.22 -4.96 23.74
CA THR C 63 -17.04 -5.69 23.28
C THR C 63 -17.40 -6.79 22.28
N VAL C 64 -16.41 -7.21 21.50
CA VAL C 64 -16.57 -8.28 20.51
C VAL C 64 -15.93 -9.58 21.02
N CYS C 65 -16.60 -10.69 20.76
CA CYS C 65 -16.09 -12.00 21.15
C CYS C 65 -15.83 -12.87 19.93
N TYR C 66 -14.88 -13.78 20.06
CA TYR C 66 -14.60 -14.76 19.01
C TYR C 66 -15.84 -15.59 18.69
N SER C 67 -16.27 -15.54 17.45
CA SER C 67 -17.34 -16.41 16.98
C SER C 67 -16.79 -17.82 16.90
N LEU C 68 -17.64 -18.80 17.20
CA LEU C 68 -17.20 -20.18 17.20
C LEU C 68 -18.24 -21.05 16.53
N SER C 69 -17.79 -21.83 15.56
CA SER C 69 -18.66 -22.72 14.80
C SER C 69 -18.01 -24.07 14.64
N GLN C 70 -18.82 -25.13 14.65
CA GLN C 70 -18.32 -26.49 14.64
C GLN C 70 -18.95 -27.30 13.51
N VAL C 71 -18.13 -28.02 12.76
CA VAL C 71 -18.62 -28.84 11.65
C VAL C 71 -18.20 -30.30 11.86
N ALA C 72 -19.16 -31.21 11.72
CA ALA C 72 -18.89 -32.65 11.83
C ALA C 72 -19.36 -33.41 10.58
N PRO C 73 -18.41 -33.80 9.71
CA PRO C 73 -18.74 -34.49 8.45
C PRO C 73 -19.25 -35.92 8.70
N PRO C 74 -19.95 -36.52 7.72
CA PRO C 74 -20.58 -37.85 7.85
C PRO C 74 -19.63 -38.91 8.42
N ASP C 75 -20.18 -39.86 9.17
CA ASP C 75 -19.40 -40.96 9.76
C ASP C 75 -18.70 -41.80 8.69
N ILE C 76 -17.52 -42.31 9.01
CA ILE C 76 -16.78 -43.17 8.09
C ILE C 76 -16.80 -44.62 8.59
N PRO C 77 -17.25 -45.57 7.72
CA PRO C 77 -17.36 -47.00 8.06
C PRO C 77 -16.02 -47.77 8.14
N ASN C 78 -15.33 -47.66 9.29
CA ASN C 78 -14.01 -48.27 9.47
C ASN C 78 -14.07 -49.76 9.72
N GLU C 82 -8.95 -51.50 11.86
CA GLU C 82 -7.85 -52.45 12.02
C GLU C 82 -6.63 -51.75 12.61
N CYS C 83 -5.53 -51.69 11.84
CA CYS C 83 -4.34 -50.91 12.23
C CYS C 83 -4.35 -49.52 11.54
N ASP C 84 -5.17 -49.40 10.49
CA ASP C 84 -5.40 -48.15 9.79
C ASP C 84 -6.69 -47.48 10.23
N MET C 85 -6.79 -46.17 9.97
CA MET C 85 -7.96 -45.37 10.31
C MET C 85 -8.17 -44.29 9.27
N LEU C 86 -9.32 -44.29 8.60
CA LEU C 86 -9.70 -43.14 7.78
C LEU C 86 -10.10 -41.98 8.70
N ILE C 87 -9.79 -40.76 8.27
CA ILE C 87 -10.09 -39.55 9.03
C ILE C 87 -10.26 -38.38 8.08
N TRP C 88 -11.21 -37.49 8.38
CA TRP C 88 -11.51 -36.36 7.51
C TRP C 88 -10.41 -35.29 7.53
N GLU C 89 -10.04 -34.82 6.34
CA GLU C 89 -8.96 -33.84 6.17
C GLU C 89 -9.42 -32.61 5.37
N LEU C 90 -9.35 -31.45 6.02
CA LEU C 90 -9.67 -30.19 5.35
C LEU C 90 -8.43 -29.72 4.57
N TYR C 91 -8.55 -29.62 3.26
CA TYR C 91 -7.40 -29.33 2.40
C TYR C 91 -7.55 -28.02 1.61
N ARG C 92 -8.78 -27.51 1.54
CA ARG C 92 -9.11 -26.34 0.73
C ARG C 92 -10.31 -25.64 1.37
N MET C 93 -10.32 -24.31 1.34
CA MET C 93 -11.50 -23.55 1.77
C MET C 93 -11.63 -22.18 1.10
N GLU C 94 -12.87 -21.71 0.98
CA GLU C 94 -13.11 -20.32 0.61
C GLU C 94 -13.74 -19.63 1.80
N THR C 95 -13.35 -18.39 2.04
CA THR C 95 -14.01 -17.59 3.08
C THR C 95 -14.16 -16.14 2.66
N GLU C 96 -15.39 -15.66 2.73
CA GLU C 96 -15.70 -14.28 2.36
C GLU C 96 -16.58 -13.64 3.44
N VAL C 97 -16.36 -12.36 3.69
CA VAL C 97 -17.11 -11.65 4.74
C VAL C 97 -18.25 -10.82 4.10
N LEU C 98 -19.41 -10.85 4.74
CA LEU C 98 -20.55 -10.03 4.31
C LEU C 98 -20.41 -8.64 4.88
N VAL C 99 -20.46 -7.64 4.01
CA VAL C 99 -20.21 -6.28 4.45
C VAL C 99 -21.03 -5.26 3.64
N LEU C 100 -21.57 -4.25 4.33
CA LEU C 100 -22.30 -3.16 3.68
C LEU C 100 -21.46 -1.88 3.71
N PRO C 101 -21.70 -0.96 2.76
CA PRO C 101 -21.14 0.38 2.97
C PRO C 101 -22.07 1.17 3.88
N VAL C 102 -21.54 1.79 4.93
CA VAL C 102 -22.35 2.69 5.76
C VAL C 102 -22.17 4.14 5.32
N LEU C 103 -23.21 4.67 4.68
CA LEU C 103 -23.21 6.05 4.21
C LEU C 103 -24.27 6.84 4.95
N ASN C 104 -25.54 6.51 4.68
CA ASN C 104 -26.66 7.18 5.33
C ASN C 104 -26.78 6.83 6.81
N ALA C 105 -26.53 5.55 7.14
CA ALA C 105 -26.47 5.11 8.54
C ALA C 105 -25.20 5.65 9.19
N GLY C 106 -24.36 6.29 8.38
CA GLY C 106 -23.13 6.91 8.87
C GLY C 106 -23.24 8.38 9.18
N ILE C 107 -24.25 9.05 8.62
CA ILE C 107 -24.52 10.46 8.90
C ILE C 107 -24.68 10.64 10.40
N LEU C 108 -23.95 11.61 10.95
CA LEU C 108 -23.99 11.85 12.39
C LEU C 108 -24.65 13.20 12.74
N THR C 109 -25.20 13.28 13.94
CA THR C 109 -26.05 14.41 14.37
C THR C 109 -25.39 15.79 14.27
N THR C 110 -24.06 15.84 14.51
CA THR C 110 -23.24 17.04 14.32
C THR C 110 -23.22 17.54 12.88
N GLY C 111 -23.61 16.68 11.94
CA GLY C 111 -23.59 17.01 10.52
C GLY C 111 -22.41 16.38 9.81
N GLY C 112 -22.63 15.99 8.56
CA GLY C 112 -21.62 15.33 7.75
C GLY C 112 -21.64 13.81 7.87
N VAL C 113 -20.65 13.18 7.25
CA VAL C 113 -20.59 11.73 7.18
C VAL C 113 -19.49 11.16 8.04
N GLY C 114 -19.84 10.70 9.23
CA GLY C 114 -18.93 9.83 9.97
C GLY C 114 -19.08 8.49 9.30
N GLY C 115 -18.14 7.58 9.52
CA GLY C 115 -18.32 6.23 9.01
C GLY C 115 -17.88 5.23 10.04
N ILE C 116 -17.61 4.01 9.60
CA ILE C 116 -16.87 3.09 10.44
C ILE C 116 -15.39 3.48 10.31
N ALA C 117 -14.72 3.58 11.45
CA ALA C 117 -13.30 3.90 11.50
C ALA C 117 -12.75 3.61 12.90
N GLY C 118 -11.42 3.54 12.99
CA GLY C 118 -10.76 3.26 14.27
C GLY C 118 -10.10 1.89 14.30
N PRO C 119 -9.94 1.33 15.52
CA PRO C 119 -9.24 0.05 15.69
C PRO C 119 -9.93 -1.11 14.99
N GLN C 120 -9.15 -1.93 14.30
CA GLN C 120 -9.68 -3.10 13.60
C GLN C 120 -8.98 -4.40 14.00
N LEU C 121 -9.68 -5.51 13.86
CA LEU C 121 -9.11 -6.83 14.08
C LEU C 121 -9.77 -7.87 13.18
N TYR C 122 -9.00 -8.38 12.23
CA TYR C 122 -9.47 -9.45 11.35
C TYR C 122 -8.73 -10.70 11.71
N PHE C 123 -9.47 -11.80 11.85
CA PHE C 123 -8.91 -13.07 12.29
C PHE C 123 -9.82 -14.22 11.86
N TRP C 124 -9.22 -15.30 11.36
CA TRP C 124 -9.91 -16.59 11.28
C TRP C 124 -8.98 -17.76 11.58
N ALA C 125 -9.57 -18.88 12.00
CA ALA C 125 -8.83 -20.09 12.35
C ALA C 125 -9.64 -21.35 12.03
N VAL C 126 -8.96 -22.33 11.44
CA VAL C 126 -9.52 -23.66 11.27
C VAL C 126 -8.63 -24.68 11.96
N GLY C 127 -9.23 -25.66 12.61
CA GLY C 127 -8.50 -26.64 13.42
C GLY C 127 -9.24 -27.94 13.75
N GLY C 128 -8.51 -28.93 14.24
CA GLY C 128 -9.08 -30.21 14.63
C GLY C 128 -9.43 -30.21 16.10
N GLN C 129 -9.17 -29.08 16.75
CA GLN C 129 -9.45 -28.87 18.16
C GLN C 129 -9.74 -27.38 18.36
N PRO C 130 -10.29 -26.99 19.52
CA PRO C 130 -10.42 -25.58 19.87
C PRO C 130 -9.13 -24.79 19.65
N LEU C 131 -9.27 -23.51 19.32
CA LEU C 131 -8.13 -22.61 19.17
C LEU C 131 -7.48 -22.33 20.53
N ASP C 132 -6.16 -22.48 20.62
CA ASP C 132 -5.46 -22.15 21.86
C ASP C 132 -5.18 -20.66 21.91
N VAL C 133 -5.48 -20.04 23.05
CA VAL C 133 -5.28 -18.60 23.24
C VAL C 133 -4.51 -18.27 24.51
N LEU C 134 -4.04 -17.03 24.60
CA LEU C 134 -3.30 -16.53 25.75
C LEU C 134 -4.01 -15.29 26.31
N GLY C 135 -4.16 -15.24 27.64
CA GLY C 135 -4.82 -14.12 28.30
C GLY C 135 -3.87 -12.99 28.63
N LEU C 136 -4.09 -11.84 28.00
CA LEU C 136 -3.25 -10.65 28.26
C LEU C 136 -4.08 -9.39 28.46
N ALA C 137 -3.47 -8.38 29.07
CA ALA C 137 -4.15 -7.10 29.31
C ALA C 137 -3.48 -5.98 28.49
N PRO C 138 -4.30 -5.10 27.86
CA PRO C 138 -3.76 -3.97 27.09
C PRO C 138 -2.97 -3.00 27.95
N THR C 139 -3.45 -2.82 29.18
CA THR C 139 -2.90 -1.86 30.13
C THR C 139 -2.79 -2.48 31.53
N GLU C 140 -2.31 -1.72 32.50
CA GLU C 140 -2.17 -2.24 33.89
C GLU C 140 -3.46 -2.31 34.69
N LYS C 141 -4.57 -1.82 34.13
CA LYS C 141 -5.84 -1.78 34.86
C LYS C 141 -7.07 -2.36 34.13
N TYR C 142 -6.88 -2.88 32.92
CA TYR C 142 -8.00 -3.44 32.15
C TYR C 142 -8.40 -4.81 32.69
N LYS C 143 -9.67 -4.94 33.07
CA LYS C 143 -10.20 -6.19 33.63
C LYS C 143 -11.08 -6.90 32.61
N GLY C 144 -11.84 -6.11 31.86
CA GLY C 144 -12.87 -6.64 30.97
C GLY C 144 -14.24 -6.54 31.61
N PRO C 145 -15.30 -6.92 30.87
CA PRO C 145 -16.64 -6.87 31.43
C PRO C 145 -16.72 -7.69 32.72
N ALA C 146 -17.37 -7.13 33.74
CA ALA C 146 -17.61 -7.86 34.97
C ALA C 146 -18.83 -8.78 34.81
N GLN C 147 -19.27 -8.96 33.58
CA GLN C 147 -20.55 -9.63 33.33
C GLN C 147 -20.49 -10.98 32.60
N TYR C 148 -20.37 -10.96 31.27
CA TYR C 148 -20.68 -12.15 30.46
C TYR C 148 -19.46 -12.93 29.99
N THR C 149 -18.34 -12.23 29.93
CA THR C 149 -17.15 -12.74 29.30
C THR C 149 -16.29 -13.53 30.29
N VAL C 150 -15.51 -14.46 29.76
CA VAL C 150 -14.47 -15.11 30.51
C VAL C 150 -13.27 -14.20 30.46
N ASN C 151 -13.00 -13.53 31.58
CA ASN C 151 -11.82 -12.69 31.67
C ASN C 151 -10.61 -13.53 32.05
N PRO C 152 -9.40 -13.10 31.65
CA PRO C 152 -8.14 -13.73 32.08
C PRO C 152 -8.03 -13.90 33.59
N LYS C 153 -8.59 -12.96 34.34
CA LYS C 153 -8.67 -13.01 35.80
C LYS C 153 -9.99 -12.36 36.19
N THR C 154 -10.89 -13.14 36.79
CA THR C 154 -12.31 -12.77 36.95
C THR C 154 -12.57 -11.34 37.43
N ASN C 155 -11.88 -10.92 38.49
CA ASN C 155 -12.01 -9.54 38.96
C ASN C 155 -10.69 -8.82 39.16
N GLY C 156 -9.66 -9.32 38.49
CA GLY C 156 -8.35 -8.68 38.53
C GLY C 156 -7.77 -8.43 37.15
N THR C 157 -6.46 -8.17 37.13
CA THR C 157 -5.73 -8.01 35.88
C THR C 157 -4.60 -9.03 35.78
N VAL C 158 -4.37 -9.49 34.56
CA VAL C 158 -3.20 -10.32 34.24
C VAL C 158 -2.14 -9.39 33.63
N PRO C 159 -0.88 -9.85 33.50
CA PRO C 159 0.16 -8.95 33.01
C PRO C 159 -0.05 -8.51 31.56
N HIS C 160 0.61 -7.42 31.18
CA HIS C 160 0.52 -6.89 29.81
C HIS C 160 1.73 -7.35 28.97
N VAL C 161 2.12 -8.59 29.21
CA VAL C 161 3.37 -9.17 28.75
C VAL C 161 3.24 -10.69 28.95
N TYR C 162 3.98 -11.48 28.17
CA TYR C 162 3.98 -12.93 28.38
C TYR C 162 4.66 -13.37 29.68
N SER C 163 3.91 -14.14 30.48
CA SER C 163 4.42 -14.75 31.72
C SER C 163 4.11 -16.24 31.75
N SER C 164 5.16 -17.05 31.92
CA SER C 164 5.04 -18.50 31.97
C SER C 164 4.08 -18.92 33.09
N SER C 165 4.19 -18.22 34.22
CA SER C 165 3.40 -18.50 35.42
C SER C 165 2.02 -17.82 35.44
N GLU C 166 1.94 -16.58 34.98
CA GLU C 166 0.73 -15.78 35.18
C GLU C 166 -0.15 -15.54 33.95
N THR C 167 0.38 -15.79 32.76
CA THR C 167 -0.43 -15.66 31.53
C THR C 167 -1.32 -16.89 31.34
N PRO C 168 -2.64 -16.72 31.53
CA PRO C 168 -3.60 -17.83 31.46
C PRO C 168 -3.63 -18.44 30.07
N LYS C 169 -3.72 -19.77 30.01
CA LYS C 169 -3.80 -20.49 28.75
C LYS C 169 -5.13 -21.21 28.65
N ALA C 170 -5.99 -20.71 27.76
CA ALA C 170 -7.33 -21.27 27.58
C ALA C 170 -7.59 -21.75 26.15
N ARG C 171 -8.70 -22.45 25.95
CA ARG C 171 -9.13 -22.87 24.63
C ARG C 171 -10.54 -22.36 24.38
N VAL C 172 -10.72 -21.72 23.22
CA VAL C 172 -12.00 -21.12 22.84
C VAL C 172 -13.09 -22.19 22.60
N THR C 173 -13.76 -22.57 23.69
CA THR C 173 -14.77 -23.65 23.66
C THR C 173 -16.18 -23.10 23.65
N ASN C 174 -16.30 -21.79 23.87
CA ASN C 174 -17.59 -21.09 23.87
C ASN C 174 -17.46 -19.69 23.25
N GLU C 175 -18.58 -19.00 23.13
CA GLU C 175 -18.60 -17.67 22.52
C GLU C 175 -18.44 -16.53 23.53
N LYS C 176 -17.69 -16.79 24.60
CA LYS C 176 -17.53 -15.83 25.71
C LYS C 176 -16.12 -15.21 25.80
N TYR C 177 -15.36 -15.28 24.70
CA TYR C 177 -13.97 -14.82 24.72
C TYR C 177 -13.78 -13.50 23.99
N SER C 178 -13.49 -12.46 24.76
CA SER C 178 -13.35 -11.11 24.21
C SER C 178 -12.04 -10.94 23.45
N ILE C 179 -12.14 -10.54 22.18
CA ILE C 179 -10.98 -10.23 21.33
C ILE C 179 -10.08 -9.12 21.92
N GLU C 180 -10.58 -8.44 22.94
CA GLU C 180 -9.85 -7.35 23.59
C GLU C 180 -8.91 -7.81 24.72
N SER C 181 -8.96 -9.10 25.06
CA SER C 181 -7.98 -9.65 26.00
C SER C 181 -7.50 -11.10 25.72
N TRP C 182 -7.90 -11.67 24.58
CA TRP C 182 -7.42 -13.00 24.19
C TRP C 182 -6.73 -13.02 22.82
N VAL C 183 -5.48 -13.48 22.80
CA VAL C 183 -4.65 -13.55 21.59
C VAL C 183 -4.40 -15.02 21.23
N ALA C 184 -4.35 -15.32 19.93
CA ALA C 184 -3.99 -16.67 19.48
C ALA C 184 -2.56 -17.04 19.90
N ASP C 185 -2.42 -18.27 20.41
CA ASP C 185 -1.14 -18.77 20.91
C ASP C 185 -0.27 -19.33 19.78
N PRO C 186 0.85 -18.64 19.46
CA PRO C 186 1.72 -19.04 18.36
C PRO C 186 2.59 -20.25 18.70
N SER C 187 2.53 -20.68 19.96
CA SER C 187 3.35 -21.79 20.43
C SER C 187 2.54 -23.06 20.63
N ARG C 188 1.29 -23.07 20.17
CA ARG C 188 0.43 -24.21 20.45
C ARG C 188 -0.43 -24.72 19.31
N ASN C 189 -0.78 -23.87 18.37
CA ASN C 189 -1.85 -24.27 17.45
C ASN C 189 -1.45 -25.23 16.33
N ASP C 190 -1.10 -26.46 16.72
CA ASP C 190 -0.86 -27.56 15.79
C ASP C 190 -2.17 -27.93 15.15
N ASN C 191 -2.10 -28.66 14.03
CA ASN C 191 -3.31 -29.12 13.33
C ASN C 191 -4.34 -27.98 13.19
N CYS C 192 -3.81 -26.79 12.89
CA CYS C 192 -4.61 -25.57 12.84
C CYS C 192 -3.88 -24.56 11.96
N ARG C 193 -4.62 -23.89 11.09
CA ARG C 193 -4.10 -22.73 10.37
C ARG C 193 -4.87 -21.48 10.81
N TYR C 194 -4.15 -20.45 11.27
CA TYR C 194 -4.78 -19.20 11.65
C TYR C 194 -4.07 -17.97 11.07
N PHE C 195 -4.78 -16.84 11.09
CA PHE C 195 -4.44 -15.67 10.31
C PHE C 195 -5.08 -14.42 10.92
N GLY C 196 -4.27 -13.41 11.23
CA GLY C 196 -4.79 -12.19 11.85
C GLY C 196 -4.10 -10.89 11.46
N ARG C 197 -4.88 -9.82 11.38
CA ARG C 197 -4.34 -8.47 11.18
C ARG C 197 -5.04 -7.51 12.15
N MET C 198 -4.27 -6.67 12.83
CA MET C 198 -4.85 -5.61 13.67
C MET C 198 -4.42 -4.21 13.24
N VAL C 199 -5.28 -3.23 13.53
CA VAL C 199 -5.04 -1.82 13.17
C VAL C 199 -5.14 -0.93 14.41
N GLY C 200 -4.31 0.11 14.45
CA GLY C 200 -4.38 1.16 15.47
C GLY C 200 -5.58 2.08 15.30
N GLY C 201 -5.61 3.15 16.08
CA GLY C 201 -6.87 3.86 16.28
C GLY C 201 -6.99 5.35 16.07
N ALA C 202 -6.26 5.90 15.11
CA ALA C 202 -6.46 7.31 14.76
C ALA C 202 -7.56 7.45 13.70
N ALA C 203 -8.73 6.88 14.01
CA ALA C 203 -9.89 6.87 13.12
C ALA C 203 -9.56 6.60 11.65
N THR C 204 -8.99 5.43 11.37
CA THR C 204 -8.72 5.01 9.98
C THR C 204 -9.80 4.05 9.50
N PRO C 205 -10.16 4.13 8.22
CA PRO C 205 -11.26 3.34 7.68
C PRO C 205 -10.87 1.89 7.42
N PRO C 206 -11.80 0.94 7.64
CA PRO C 206 -11.61 -0.42 7.16
C PRO C 206 -11.66 -0.48 5.63
N VAL C 207 -10.75 -1.24 5.05
CA VAL C 207 -10.77 -1.57 3.62
C VAL C 207 -11.03 -3.06 3.55
N VAL C 208 -12.08 -3.46 2.85
CA VAL C 208 -12.51 -4.86 2.85
C VAL C 208 -12.89 -5.35 1.46
N SER C 209 -12.17 -6.37 0.98
CA SER C 209 -12.43 -6.98 -0.32
C SER C 209 -13.21 -8.28 -0.18
N PHE C 210 -14.05 -8.58 -1.18
CA PHE C 210 -14.81 -9.81 -1.21
C PHE C 210 -15.00 -10.23 -2.64
N SER C 211 -14.91 -11.53 -2.86
CA SER C 211 -15.00 -12.10 -4.20
C SER C 211 -15.70 -13.44 -4.17
N ASN C 212 -15.57 -14.12 -5.30
CA ASN C 212 -16.35 -15.27 -5.66
C ASN C 212 -15.35 -16.27 -6.25
N ASN C 213 -14.11 -15.80 -6.38
CA ASN C 213 -13.10 -16.45 -7.19
C ASN C 213 -11.76 -16.39 -6.47
N SER C 214 -11.72 -16.98 -5.29
CA SER C 214 -10.56 -16.89 -4.41
C SER C 214 -10.53 -18.03 -3.39
N THR C 215 -9.49 -18.87 -3.47
CA THR C 215 -9.35 -20.05 -2.61
C THR C 215 -8.18 -19.90 -1.65
N ILE C 216 -8.26 -20.61 -0.54
CA ILE C 216 -7.13 -20.76 0.36
C ILE C 216 -6.73 -22.24 0.42
N PRO C 217 -5.48 -22.56 0.02
CA PRO C 217 -4.99 -23.93 0.24
C PRO C 217 -4.57 -24.07 1.70
N LEU C 218 -4.71 -25.27 2.25
CA LEU C 218 -4.48 -25.49 3.67
C LEU C 218 -3.40 -26.51 3.98
N LEU C 219 -2.78 -27.08 2.94
CA LEU C 219 -1.74 -28.09 3.12
C LEU C 219 -0.46 -27.48 3.70
N ASP C 220 0.14 -28.16 4.68
CA ASP C 220 1.40 -27.71 5.26
C ASP C 220 2.59 -28.15 4.40
N GLU C 221 3.80 -28.00 4.94
CA GLU C 221 5.04 -28.39 4.25
C GLU C 221 5.01 -29.83 3.71
N ASN C 222 4.31 -30.72 4.42
CA ASN C 222 4.24 -32.12 4.05
C ASN C 222 2.97 -32.49 3.28
N GLY C 223 2.23 -31.47 2.82
CA GLY C 223 1.01 -31.69 2.05
C GLY C 223 -0.13 -32.27 2.87
N ILE C 224 -0.13 -31.96 4.18
CA ILE C 224 -1.18 -32.39 5.10
C ILE C 224 -2.03 -31.20 5.56
N GLY C 225 -3.33 -31.27 5.29
CA GLY C 225 -4.26 -30.24 5.75
C GLY C 225 -4.60 -30.34 7.23
N ILE C 226 -5.81 -29.92 7.57
CA ILE C 226 -6.30 -30.02 8.94
C ILE C 226 -7.01 -31.35 9.12
N LEU C 227 -6.57 -32.11 10.12
CA LEU C 227 -7.08 -33.44 10.39
C LEU C 227 -8.12 -33.41 11.51
N CYS C 228 -9.31 -33.91 11.23
CA CYS C 228 -10.39 -33.97 12.21
C CYS C 228 -10.28 -35.24 13.06
N LEU C 229 -9.30 -35.24 13.95
CA LEU C 229 -8.97 -36.39 14.78
C LEU C 229 -10.13 -36.87 15.66
N GLN C 230 -11.01 -35.94 16.05
CA GLN C 230 -12.17 -36.26 16.88
C GLN C 230 -13.49 -36.12 16.09
N GLY C 231 -13.40 -36.09 14.77
CA GLY C 231 -14.59 -36.00 13.92
C GLY C 231 -15.15 -34.61 13.69
N ARG C 232 -14.66 -33.64 14.45
CA ARG C 232 -15.12 -32.24 14.36
C ARG C 232 -14.04 -31.33 13.76
N LEU C 233 -14.47 -30.31 13.02
CA LEU C 233 -13.63 -29.19 12.63
C LEU C 233 -14.09 -27.91 13.36
N TYR C 234 -13.11 -27.18 13.90
CA TYR C 234 -13.36 -25.96 14.68
C TYR C 234 -13.06 -24.68 13.91
N ILE C 235 -14.11 -23.93 13.60
CA ILE C 235 -13.95 -22.60 13.01
C ILE C 235 -13.99 -21.49 14.08
N THR C 236 -13.01 -20.60 14.06
CA THR C 236 -12.96 -19.50 15.02
C THR C 236 -12.58 -18.21 14.31
N CYS C 237 -13.38 -17.17 14.48
CA CYS C 237 -13.13 -15.92 13.77
C CYS C 237 -13.72 -14.69 14.43
N ALA C 238 -13.28 -13.52 13.97
CA ALA C 238 -13.73 -12.22 14.42
C ALA C 238 -13.34 -11.18 13.38
N ASP C 239 -14.28 -10.31 13.02
CA ASP C 239 -14.01 -9.20 12.11
C ASP C 239 -14.43 -7.83 12.67
N LEU C 240 -13.62 -7.27 13.57
CA LEU C 240 -13.87 -5.94 14.11
C LEU C 240 -13.54 -4.90 13.07
N LEU C 241 -14.55 -4.16 12.61
CA LEU C 241 -14.40 -3.19 11.53
C LEU C 241 -14.05 -1.78 11.99
N GLY C 242 -14.32 -1.47 13.26
CA GLY C 242 -14.09 -0.14 13.82
C GLY C 242 -15.32 0.41 14.50
N VAL C 243 -15.38 1.74 14.60
CA VAL C 243 -16.47 2.41 15.34
C VAL C 243 -17.23 3.38 14.42
N ASN C 244 -18.56 3.37 14.55
CA ASN C 244 -19.44 4.34 13.87
C ASN C 244 -20.50 4.90 14.80
N LYS C 245 -20.47 6.22 14.98
CA LYS C 245 -21.36 6.94 15.88
C LYS C 245 -21.29 6.34 17.28
N ASN C 246 -20.08 6.32 17.83
CA ASN C 246 -19.81 5.73 19.15
C ASN C 246 -20.38 4.32 19.38
N ARG C 247 -20.43 3.54 18.29
CA ARG C 247 -20.83 2.14 18.39
C ARG C 247 -19.91 1.19 17.60
N VAL C 248 -19.57 0.07 18.22
CA VAL C 248 -18.65 -0.92 17.63
C VAL C 248 -19.32 -1.74 16.53
N HIS C 249 -18.71 -1.74 15.34
CA HIS C 249 -19.21 -2.53 14.22
C HIS C 249 -18.30 -3.70 13.87
N THR C 250 -18.92 -4.81 13.46
CA THR C 250 -18.20 -5.96 12.92
C THR C 250 -18.68 -6.24 11.51
N GLY C 251 -18.09 -7.26 10.88
CA GLY C 251 -18.61 -7.78 9.64
C GLY C 251 -20.01 -8.31 9.92
N LEU C 252 -20.89 -8.22 8.94
CA LEU C 252 -22.28 -8.67 9.11
C LEU C 252 -22.35 -10.16 9.45
N SER C 253 -21.60 -10.95 8.69
CA SER C 253 -21.41 -12.38 8.91
C SER C 253 -20.32 -12.88 7.95
N ARG C 254 -19.68 -13.99 8.29
CA ARG C 254 -18.61 -14.55 7.47
C ARG C 254 -19.00 -15.90 6.87
N PHE C 255 -18.79 -16.03 5.57
CA PHE C 255 -19.11 -17.24 4.81
C PHE C 255 -17.93 -18.21 4.82
N PHE C 256 -18.23 -19.50 4.72
CA PHE C 256 -17.19 -20.54 4.65
C PHE C 256 -17.64 -21.66 3.74
N ARG C 257 -16.79 -22.04 2.79
CA ARG C 257 -16.98 -23.30 2.06
C ARG C 257 -15.80 -24.21 2.36
N LEU C 258 -16.08 -25.34 3.00
CA LEU C 258 -15.04 -26.27 3.42
C LEU C 258 -14.97 -27.48 2.51
N HIS C 259 -13.76 -27.82 2.07
CA HIS C 259 -13.52 -29.00 1.23
C HIS C 259 -12.74 -30.10 1.98
N PHE C 260 -13.41 -31.24 2.15
CA PHE C 260 -12.84 -32.38 2.87
C PHE C 260 -12.50 -33.57 1.97
N ARG C 261 -11.49 -34.32 2.37
CA ARG C 261 -11.18 -35.62 1.79
C ARG C 261 -10.79 -36.55 2.94
N GLN C 262 -10.62 -37.84 2.64
CA GLN C 262 -10.25 -38.81 3.67
C GLN C 262 -8.73 -39.06 3.71
N ARG C 263 -8.21 -39.38 4.89
CA ARG C 263 -6.79 -39.67 5.03
C ARG C 263 -6.48 -40.78 6.04
N ARG C 264 -5.51 -41.63 5.70
CA ARG C 264 -5.08 -42.74 6.55
C ARG C 264 -4.15 -42.34 7.70
N VAL C 265 -4.38 -42.93 8.88
CA VAL C 265 -3.59 -42.67 10.09
C VAL C 265 -3.46 -43.96 10.93
N ARG C 266 -2.37 -44.11 11.68
CA ARG C 266 -2.22 -45.22 12.64
C ARG C 266 -2.99 -44.97 13.96
N ASN C 267 -3.41 -46.05 14.63
CA ASN C 267 -4.25 -46.00 15.86
C ASN C 267 -3.54 -45.56 17.16
N GLY D 6 -26.90 -28.69 -11.76
CA GLY D 6 -25.78 -29.60 -12.15
C GLY D 6 -25.89 -30.04 -13.60
N VAL D 7 -25.56 -29.12 -14.51
CA VAL D 7 -25.70 -29.34 -15.96
C VAL D 7 -24.42 -29.97 -16.53
N ASP D 8 -24.48 -30.40 -17.79
CA ASP D 8 -23.42 -31.24 -18.32
C ASP D 8 -22.59 -30.56 -19.41
N VAL D 9 -21.43 -30.06 -19.02
CA VAL D 9 -20.62 -29.19 -19.88
C VAL D 9 -19.62 -30.00 -20.70
N LEU D 10 -19.68 -29.85 -22.01
CA LEU D 10 -18.79 -30.57 -22.90
C LEU D 10 -17.74 -29.63 -23.50
N ALA D 11 -17.17 -30.05 -24.63
CA ALA D 11 -16.08 -29.31 -25.26
C ALA D 11 -16.50 -27.93 -25.75
N ALA D 12 -15.61 -26.96 -25.62
CA ALA D 12 -15.79 -25.66 -26.23
C ALA D 12 -15.58 -25.79 -27.74
N VAL D 13 -16.46 -25.16 -28.52
CA VAL D 13 -16.31 -25.14 -29.98
C VAL D 13 -15.06 -24.33 -30.32
N PRO D 14 -14.13 -24.91 -31.09
CA PRO D 14 -12.92 -24.19 -31.52
C PRO D 14 -13.32 -22.86 -32.17
N LEU D 15 -12.77 -21.77 -31.64
CA LEU D 15 -13.21 -20.42 -32.01
C LEU D 15 -12.81 -19.99 -33.42
N SER D 16 -13.84 -19.79 -34.26
CA SER D 16 -13.67 -19.21 -35.58
C SER D 16 -14.58 -18.00 -35.72
N GLU D 17 -14.37 -17.23 -36.79
CA GLU D 17 -15.17 -16.03 -37.08
C GLU D 17 -16.70 -16.24 -36.97
N GLU D 18 -17.13 -17.48 -37.15
CA GLU D 18 -18.54 -17.82 -37.13
C GLU D 18 -19.04 -18.20 -35.73
N THR D 19 -18.12 -18.51 -34.82
CA THR D 19 -18.47 -19.05 -33.51
C THR D 19 -18.28 -18.04 -32.36
N GLU D 20 -17.65 -16.90 -32.66
CA GLU D 20 -17.33 -15.90 -31.63
C GLU D 20 -18.11 -14.60 -31.77
N PHE D 21 -18.37 -13.94 -30.63
CA PHE D 21 -19.14 -12.69 -30.61
C PHE D 21 -18.58 -11.66 -29.61
N LYS D 22 -18.50 -10.39 -30.06
CA LYS D 22 -18.00 -9.28 -29.23
C LYS D 22 -18.95 -8.09 -29.14
N VAL D 23 -19.12 -7.53 -27.95
CA VAL D 23 -19.85 -6.27 -27.75
C VAL D 23 -19.14 -5.30 -26.82
N GLU D 24 -19.18 -4.02 -27.18
CA GLU D 24 -18.77 -2.96 -26.29
C GLU D 24 -20.03 -2.25 -25.81
N LEU D 25 -20.09 -1.85 -24.55
CA LEU D 25 -21.23 -1.08 -24.04
C LEU D 25 -20.87 -0.28 -22.79
N PHE D 26 -21.64 0.78 -22.51
CA PHE D 26 -21.52 1.56 -21.27
C PHE D 26 -22.70 1.25 -20.37
N VAL D 27 -22.44 1.25 -19.06
CA VAL D 27 -23.48 1.06 -18.06
C VAL D 27 -23.56 2.35 -17.24
N LYS D 28 -24.77 2.86 -17.04
CA LYS D 28 -25.00 4.10 -16.28
C LYS D 28 -25.19 3.80 -14.79
N PRO D 29 -24.69 4.70 -13.91
CA PRO D 29 -24.97 4.56 -12.48
C PRO D 29 -26.42 4.88 -12.17
N VAL D 30 -26.93 4.36 -11.06
CA VAL D 30 -28.33 4.56 -10.70
C VAL D 30 -28.44 5.17 -9.31
N ILE D 31 -29.06 6.35 -9.27
CA ILE D 31 -29.54 6.99 -8.03
C ILE D 31 -31.06 6.78 -7.94
N GLY D 32 -31.56 6.52 -6.73
CA GLY D 32 -32.98 6.31 -6.50
C GLY D 32 -33.85 7.52 -6.83
N ASN D 33 -35.16 7.29 -6.95
CA ASN D 33 -36.10 8.34 -7.37
C ASN D 33 -37.09 8.74 -6.28
N ALA D 34 -36.99 9.99 -5.84
CA ALA D 34 -37.77 10.50 -4.69
C ALA D 34 -39.25 10.69 -4.99
N GLU D 35 -39.53 11.12 -6.22
CA GLU D 35 -40.85 11.44 -6.70
C GLU D 35 -41.11 10.70 -8.04
N GLY D 36 -41.08 9.36 -7.99
CA GLY D 36 -41.23 8.55 -9.21
C GLY D 36 -40.83 7.09 -9.07
N THR D 37 -40.80 6.38 -10.20
CA THR D 37 -40.45 4.95 -10.21
C THR D 37 -39.41 4.56 -11.28
N THR D 38 -39.17 5.44 -12.25
CA THR D 38 -38.06 5.24 -13.18
C THR D 38 -36.76 5.63 -12.48
N PRO D 39 -35.64 4.97 -12.85
CA PRO D 39 -34.36 5.26 -12.19
C PRO D 39 -33.75 6.58 -12.68
N HIS D 40 -33.03 7.26 -11.79
CA HIS D 40 -32.22 8.41 -12.20
C HIS D 40 -30.85 7.94 -12.64
N TYR D 41 -30.51 8.21 -13.90
CA TYR D 41 -29.15 7.91 -14.35
C TYR D 41 -28.25 9.09 -14.04
N TRP D 42 -27.83 9.17 -12.77
CA TRP D 42 -26.99 10.25 -12.26
C TRP D 42 -25.68 9.75 -11.67
N SER D 43 -24.61 10.48 -11.96
CA SER D 43 -23.33 10.32 -11.26
C SER D 43 -23.32 11.05 -9.91
N ILE D 44 -24.22 12.02 -9.74
CA ILE D 44 -24.31 12.85 -8.52
C ILE D 44 -25.73 12.84 -7.94
N SER D 45 -25.84 12.66 -6.63
CA SER D 45 -27.15 12.60 -5.96
C SER D 45 -27.63 13.96 -5.44
N SER D 46 -28.84 13.97 -4.91
CA SER D 46 -29.38 15.14 -4.23
C SER D 46 -28.72 15.25 -2.84
N PRO D 47 -28.70 16.45 -2.24
CA PRO D 47 -28.06 16.62 -0.92
C PRO D 47 -28.52 15.61 0.11
N LEU D 48 -27.58 15.08 0.87
CA LEU D 48 -27.87 14.11 1.93
C LEU D 48 -28.71 14.73 3.04
N LYS D 49 -29.71 14.00 3.52
CA LYS D 49 -30.53 14.46 4.63
C LYS D 49 -29.74 14.41 5.94
N THR D 50 -30.30 14.98 7.00
CA THR D 50 -29.61 15.00 8.30
C THR D 50 -29.87 13.70 9.06
N ALA D 51 -29.02 13.44 10.05
CA ALA D 51 -29.02 12.19 10.80
C ALA D 51 -30.42 11.60 11.01
N GLU D 52 -31.27 12.31 11.74
CA GLU D 52 -32.61 11.81 12.12
C GLU D 52 -33.35 11.12 10.96
N ALA D 53 -33.33 11.74 9.78
CA ALA D 53 -33.94 11.15 8.58
C ALA D 53 -33.04 10.09 7.93
N ALA D 54 -31.83 10.49 7.53
CA ALA D 54 -30.89 9.62 6.80
C ALA D 54 -30.60 8.28 7.50
N ASN D 55 -30.48 8.31 8.82
CA ASN D 55 -30.17 7.11 9.60
C ASN D 55 -31.21 6.01 9.51
N VAL D 56 -32.46 6.37 9.19
CA VAL D 56 -33.55 5.38 9.08
C VAL D 56 -34.27 5.39 7.72
N THR D 57 -34.63 6.57 7.22
CA THR D 57 -35.38 6.70 5.98
C THR D 57 -34.80 7.77 5.06
N PRO D 58 -33.62 7.52 4.48
CA PRO D 58 -33.07 8.52 3.56
C PRO D 58 -33.90 8.63 2.29
N ASP D 59 -34.02 9.85 1.77
CA ASP D 59 -34.72 10.07 0.50
C ASP D 59 -34.10 9.19 -0.58
N ALA D 60 -34.95 8.53 -1.37
CA ALA D 60 -34.51 7.63 -2.43
C ALA D 60 -33.41 8.22 -3.33
N ASP D 61 -33.41 9.53 -3.52
CA ASP D 61 -32.37 10.18 -4.34
C ASP D 61 -31.10 10.59 -3.54
N THR D 62 -30.95 10.02 -2.36
CA THR D 62 -29.68 10.12 -1.60
C THR D 62 -29.03 8.74 -1.40
N THR D 63 -29.44 7.77 -2.22
CA THR D 63 -28.82 6.44 -2.19
C THR D 63 -28.46 5.94 -3.60
N VAL D 64 -27.52 5.00 -3.65
CA VAL D 64 -27.06 4.39 -4.90
C VAL D 64 -27.66 3.00 -5.06
N CYS D 65 -28.08 2.68 -6.28
CA CYS D 65 -28.61 1.36 -6.59
C CYS D 65 -27.73 0.62 -7.57
N TYR D 66 -27.72 -0.72 -7.47
CA TYR D 66 -27.02 -1.55 -8.43
C TYR D 66 -27.51 -1.27 -9.84
N SER D 67 -26.59 -0.90 -10.73
CA SER D 67 -26.92 -0.77 -12.14
C SER D 67 -27.07 -2.16 -12.71
N LEU D 68 -27.96 -2.31 -13.69
CA LEU D 68 -28.22 -3.61 -14.27
C LEU D 68 -28.31 -3.49 -15.76
N SER D 69 -27.55 -4.32 -16.47
CA SER D 69 -27.55 -4.32 -17.92
C SER D 69 -27.58 -5.76 -18.42
N GLN D 70 -28.22 -5.95 -19.56
CA GLN D 70 -28.47 -7.28 -20.09
C GLN D 70 -28.01 -7.38 -21.54
N VAL D 71 -27.25 -8.43 -21.85
CA VAL D 71 -26.74 -8.65 -23.21
C VAL D 71 -27.23 -10.00 -23.75
N ALA D 72 -27.76 -9.98 -24.97
CA ALA D 72 -28.23 -11.20 -25.63
C ALA D 72 -27.58 -11.37 -27.01
N PRO D 73 -26.58 -12.28 -27.12
CA PRO D 73 -25.84 -12.48 -28.38
C PRO D 73 -26.70 -13.17 -29.45
N PRO D 74 -26.29 -13.08 -30.74
CA PRO D 74 -27.08 -13.60 -31.86
C PRO D 74 -27.55 -15.03 -31.63
N ASP D 75 -28.71 -15.37 -32.17
CA ASP D 75 -29.26 -16.74 -32.09
C ASP D 75 -28.34 -17.81 -32.69
N ILE D 76 -28.34 -18.99 -32.06
CA ILE D 76 -27.56 -20.13 -32.54
C ILE D 76 -28.52 -21.18 -33.10
N PRO D 77 -28.48 -21.37 -34.44
CA PRO D 77 -29.49 -22.20 -35.11
C PRO D 77 -29.32 -23.69 -34.80
N ASN D 78 -30.00 -24.16 -33.75
CA ASN D 78 -29.82 -25.55 -33.26
C ASN D 78 -30.30 -26.65 -34.20
N SER D 81 -28.93 -32.11 -34.16
CA SER D 81 -28.73 -32.96 -32.98
C SER D 81 -29.58 -32.50 -31.80
N GLU D 82 -30.65 -33.24 -31.51
CA GLU D 82 -31.54 -32.93 -30.38
C GLU D 82 -30.93 -33.32 -29.04
N CYS D 83 -29.60 -33.37 -29.02
CA CYS D 83 -28.86 -33.99 -27.93
C CYS D 83 -27.76 -33.08 -27.38
N ASP D 84 -26.93 -32.59 -28.28
CA ASP D 84 -25.93 -31.59 -27.95
C ASP D 84 -26.49 -30.20 -28.25
N MET D 85 -26.45 -29.32 -27.25
CA MET D 85 -26.82 -27.90 -27.44
C MET D 85 -25.57 -27.04 -27.66
N LEU D 86 -25.76 -25.87 -28.25
CA LEU D 86 -24.70 -24.86 -28.27
C LEU D 86 -25.10 -23.65 -27.42
N ILE D 87 -24.19 -23.25 -26.52
CA ILE D 87 -24.46 -22.16 -25.59
C ILE D 87 -23.37 -21.12 -25.67
N TRP D 88 -23.75 -19.84 -25.66
CA TRP D 88 -22.77 -18.76 -25.61
C TRP D 88 -22.00 -18.75 -24.27
N GLU D 89 -20.68 -18.62 -24.36
CA GLU D 89 -19.80 -18.65 -23.17
C GLU D 89 -18.91 -17.41 -23.10
N LEU D 90 -19.06 -16.64 -22.03
CA LEU D 90 -18.23 -15.47 -21.80
C LEU D 90 -16.94 -15.95 -21.14
N TYR D 91 -15.81 -15.73 -21.82
CA TYR D 91 -14.52 -16.25 -21.37
C TYR D 91 -13.48 -15.17 -21.06
N ARG D 92 -13.73 -13.96 -21.55
CA ARG D 92 -12.80 -12.85 -21.42
C ARG D 92 -13.60 -11.55 -21.38
N MET D 93 -13.14 -10.58 -20.59
CA MET D 93 -13.73 -9.24 -20.61
C MET D 93 -12.78 -8.13 -20.19
N GLU D 94 -13.01 -6.94 -20.71
CA GLU D 94 -12.37 -5.73 -20.22
C GLU D 94 -13.43 -4.85 -19.56
N THR D 95 -13.08 -4.25 -18.44
CA THR D 95 -13.96 -3.28 -17.82
C THR D 95 -13.18 -2.09 -17.25
N GLU D 96 -13.59 -0.89 -17.64
CA GLU D 96 -12.95 0.32 -17.17
C GLU D 96 -14.04 1.31 -16.77
N VAL D 97 -13.79 2.08 -15.71
CA VAL D 97 -14.72 3.08 -15.21
C VAL D 97 -14.33 4.49 -15.70
N LEU D 98 -15.35 5.26 -16.13
CA LEU D 98 -15.16 6.64 -16.54
C LEU D 98 -15.18 7.53 -15.31
N VAL D 99 -14.15 8.35 -15.17
CA VAL D 99 -13.98 9.14 -13.96
C VAL D 99 -13.29 10.48 -14.23
N LEU D 100 -13.80 11.54 -13.61
CA LEU D 100 -13.16 12.87 -13.69
C LEU D 100 -12.46 13.22 -12.38
N PRO D 101 -11.43 14.08 -12.44
CA PRO D 101 -10.95 14.66 -11.18
C PRO D 101 -11.84 15.84 -10.80
N VAL D 102 -12.35 15.85 -9.57
CA VAL D 102 -13.11 17.02 -9.10
C VAL D 102 -12.22 17.97 -8.32
N LEU D 103 -11.91 19.11 -8.95
CA LEU D 103 -11.06 20.11 -8.34
C LEU D 103 -11.87 21.37 -8.13
N ASN D 104 -12.22 22.04 -9.23
CA ASN D 104 -13.02 23.26 -9.18
C ASN D 104 -14.45 23.00 -8.73
N ALA D 105 -15.03 21.90 -9.19
CA ALA D 105 -16.34 21.44 -8.72
C ALA D 105 -16.25 20.94 -7.28
N GLY D 106 -15.03 20.90 -6.76
CA GLY D 106 -14.78 20.44 -5.41
C GLY D 106 -14.62 21.58 -4.42
N ILE D 107 -14.32 22.79 -4.92
CA ILE D 107 -14.20 23.98 -4.07
C ILE D 107 -15.50 24.18 -3.29
N LEU D 108 -15.38 24.32 -1.97
CA LEU D 108 -16.57 24.44 -1.12
C LEU D 108 -16.71 25.84 -0.52
N THR D 109 -17.95 26.22 -0.19
CA THR D 109 -18.29 27.61 0.18
C THR D 109 -17.50 28.16 1.36
N THR D 110 -17.17 27.31 2.33
CA THR D 110 -16.34 27.68 3.48
C THR D 110 -14.94 28.13 3.04
N GLY D 111 -14.51 27.67 1.86
CA GLY D 111 -13.17 27.99 1.35
C GLY D 111 -12.29 26.75 1.31
N GLY D 112 -11.43 26.69 0.30
CA GLY D 112 -10.54 25.56 0.12
C GLY D 112 -11.11 24.47 -0.77
N VAL D 113 -10.40 23.36 -0.87
CA VAL D 113 -10.78 22.27 -1.76
C VAL D 113 -11.29 21.06 -0.98
N GLY D 114 -12.60 20.92 -0.87
CA GLY D 114 -13.15 19.61 -0.51
C GLY D 114 -13.02 18.76 -1.77
N GLY D 115 -13.15 17.45 -1.65
CA GLY D 115 -13.20 16.64 -2.85
C GLY D 115 -14.21 15.54 -2.66
N ILE D 116 -14.13 14.52 -3.49
CA ILE D 116 -14.85 13.29 -3.17
C ILE D 116 -14.06 12.55 -2.07
N ALA D 117 -14.75 12.14 -1.03
CA ALA D 117 -14.14 11.37 0.04
C ALA D 117 -15.21 10.74 0.93
N GLY D 118 -14.81 9.74 1.70
CA GLY D 118 -15.74 9.02 2.57
C GLY D 118 -15.92 7.57 2.17
N PRO D 119 -17.08 6.98 2.52
CA PRO D 119 -17.35 5.57 2.28
C PRO D 119 -17.39 5.27 0.80
N GLN D 120 -16.79 4.13 0.41
CA GLN D 120 -16.76 3.72 -0.99
C GLN D 120 -17.24 2.29 -1.17
N LEU D 121 -17.78 1.99 -2.35
CA LEU D 121 -18.12 0.61 -2.70
C LEU D 121 -17.94 0.35 -4.21
N TYR D 122 -16.97 -0.50 -4.53
CA TYR D 122 -16.73 -0.91 -5.92
C TYR D 122 -17.16 -2.36 -6.05
N PHE D 123 -17.90 -2.64 -7.11
CA PHE D 123 -18.49 -3.97 -7.33
C PHE D 123 -18.86 -4.14 -8.79
N TRP D 124 -18.56 -5.32 -9.34
CA TRP D 124 -19.14 -5.76 -10.61
C TRP D 124 -19.39 -7.26 -10.59
N ALA D 125 -20.33 -7.70 -11.43
CA ALA D 125 -20.72 -9.09 -11.52
C ALA D 125 -21.17 -9.43 -12.95
N VAL D 126 -20.70 -10.57 -13.44
CA VAL D 126 -21.20 -11.12 -14.70
C VAL D 126 -21.78 -12.51 -14.42
N GLY D 127 -22.90 -12.82 -15.08
CA GLY D 127 -23.63 -14.07 -14.81
C GLY D 127 -24.57 -14.53 -15.92
N GLY D 128 -25.03 -15.78 -15.80
CA GLY D 128 -26.01 -16.33 -16.75
C GLY D 128 -27.41 -16.15 -16.23
N GLN D 129 -27.50 -15.57 -15.04
CA GLN D 129 -28.75 -15.28 -14.37
C GLN D 129 -28.57 -13.99 -13.56
N PRO D 130 -29.67 -13.41 -13.05
CA PRO D 130 -29.57 -12.31 -12.09
C PRO D 130 -28.62 -12.62 -10.94
N LEU D 131 -28.00 -11.57 -10.39
CA LEU D 131 -27.13 -11.70 -9.24
C LEU D 131 -27.95 -12.00 -7.99
N ASP D 132 -27.55 -13.02 -7.22
CA ASP D 132 -28.25 -13.35 -5.99
C ASP D 132 -27.71 -12.48 -4.88
N VAL D 133 -28.61 -11.88 -4.10
CA VAL D 133 -28.23 -10.97 -3.00
C VAL D 133 -28.93 -11.33 -1.69
N LEU D 134 -28.40 -10.76 -0.60
CA LEU D 134 -28.97 -10.96 0.74
C LEU D 134 -29.34 -9.61 1.35
N GLY D 135 -30.53 -9.54 1.97
CA GLY D 135 -31.02 -8.33 2.60
C GLY D 135 -30.54 -8.18 4.03
N LEU D 136 -29.71 -7.17 4.27
CA LEU D 136 -29.22 -6.89 5.62
C LEU D 136 -29.33 -5.40 5.98
N ALA D 137 -29.31 -5.12 7.29
CA ALA D 137 -29.38 -3.75 7.77
C ALA D 137 -28.07 -3.35 8.48
N PRO D 138 -27.56 -2.13 8.22
CA PRO D 138 -26.31 -1.65 8.85
C PRO D 138 -26.45 -1.56 10.37
N THR D 139 -27.65 -1.16 10.81
CA THR D 139 -27.94 -0.88 12.20
C THR D 139 -29.30 -1.48 12.58
N GLU D 140 -29.73 -1.30 13.83
CA GLU D 140 -31.02 -1.83 14.30
C GLU D 140 -32.25 -1.01 13.86
N LYS D 141 -32.04 0.12 13.22
CA LYS D 141 -33.17 0.99 12.84
C LYS D 141 -33.19 1.46 11.37
N TYR D 142 -32.22 1.03 10.56
CA TYR D 142 -32.19 1.42 9.16
C TYR D 142 -33.26 0.68 8.34
N LYS D 143 -34.12 1.45 7.69
CA LYS D 143 -35.20 0.89 6.86
C LYS D 143 -34.92 1.05 5.37
N GLY D 144 -34.30 2.16 5.00
CA GLY D 144 -34.09 2.51 3.61
C GLY D 144 -35.15 3.50 3.17
N PRO D 145 -35.06 4.00 1.92
CA PRO D 145 -36.06 4.93 1.42
C PRO D 145 -37.46 4.34 1.52
N ALA D 146 -38.41 5.14 1.99
CA ALA D 146 -39.80 4.73 2.01
C ALA D 146 -40.44 4.93 0.64
N GLN D 147 -39.62 5.15 -0.38
CA GLN D 147 -40.12 5.55 -1.68
C GLN D 147 -39.89 4.57 -2.85
N TYR D 148 -38.69 4.55 -3.43
CA TYR D 148 -38.48 3.95 -4.77
C TYR D 148 -37.85 2.57 -4.72
N THR D 149 -37.12 2.31 -3.65
CA THR D 149 -36.28 1.14 -3.58
C THR D 149 -37.03 -0.06 -3.04
N VAL D 150 -36.56 -1.24 -3.41
CA VAL D 150 -37.03 -2.48 -2.80
C VAL D 150 -36.23 -2.64 -1.51
N ASN D 151 -36.87 -2.40 -0.38
CA ASN D 151 -36.21 -2.62 0.90
C ASN D 151 -36.33 -4.09 1.31
N PRO D 152 -35.37 -4.59 2.10
CA PRO D 152 -35.45 -5.92 2.69
C PRO D 152 -36.77 -6.20 3.42
N LYS D 153 -37.33 -5.17 4.04
CA LYS D 153 -38.64 -5.22 4.70
C LYS D 153 -39.29 -3.85 4.51
N THR D 154 -40.42 -3.81 3.80
CA THR D 154 -40.91 -2.55 3.23
C THR D 154 -41.25 -1.40 4.20
N ASN D 155 -41.62 -1.73 5.44
CA ASN D 155 -41.74 -0.68 6.44
C ASN D 155 -41.21 -1.16 7.78
N GLY D 156 -40.16 -1.96 7.71
CA GLY D 156 -39.49 -2.42 8.93
C GLY D 156 -38.00 -2.59 8.73
N THR D 157 -37.40 -3.33 9.67
CA THR D 157 -35.99 -3.64 9.58
C THR D 157 -35.78 -5.14 9.60
N VAL D 158 -34.77 -5.58 8.84
CA VAL D 158 -34.28 -6.96 8.89
C VAL D 158 -33.05 -7.00 9.80
N PRO D 159 -32.60 -8.20 10.22
CA PRO D 159 -31.46 -8.24 11.16
C PRO D 159 -30.15 -7.69 10.57
N HIS D 160 -29.22 -7.34 11.44
CA HIS D 160 -27.91 -6.83 11.04
C HIS D 160 -26.86 -7.96 11.06
N VAL D 161 -27.33 -9.15 10.66
CA VAL D 161 -26.62 -10.41 10.84
C VAL D 161 -27.32 -11.41 9.93
N TYR D 162 -26.62 -12.46 9.50
CA TYR D 162 -27.25 -13.52 8.69
C TYR D 162 -28.23 -14.38 9.49
N SER D 163 -29.47 -14.45 8.98
CA SER D 163 -30.52 -15.30 9.54
C SER D 163 -31.14 -16.17 8.45
N SER D 164 -31.15 -17.47 8.69
CA SER D 164 -31.71 -18.45 7.74
C SER D 164 -33.17 -18.14 7.46
N SER D 165 -33.89 -17.77 8.52
CA SER D 165 -35.33 -17.50 8.47
C SER D 165 -35.68 -16.06 8.06
N GLU D 166 -34.92 -15.08 8.55
CA GLU D 166 -35.30 -13.67 8.41
C GLU D 166 -34.50 -12.83 7.39
N THR D 167 -33.35 -13.32 6.94
CA THR D 167 -32.57 -12.60 5.93
C THR D 167 -33.14 -12.87 4.54
N PRO D 168 -33.76 -11.83 3.94
CA PRO D 168 -34.42 -11.97 2.63
C PRO D 168 -33.43 -12.32 1.54
N LYS D 169 -33.83 -13.22 0.65
CA LYS D 169 -32.99 -13.62 -0.46
C LYS D 169 -33.66 -13.24 -1.78
N ALA D 170 -33.09 -12.25 -2.46
CA ALA D 170 -33.65 -11.72 -3.69
C ALA D 170 -32.67 -11.82 -4.85
N ARG D 171 -33.15 -11.52 -6.05
CA ARG D 171 -32.31 -11.48 -7.24
C ARG D 171 -32.48 -10.14 -7.93
N VAL D 172 -31.36 -9.49 -8.24
CA VAL D 172 -31.34 -8.15 -8.84
C VAL D 172 -31.91 -8.16 -10.26
N THR D 173 -33.24 -8.03 -10.36
CA THR D 173 -33.95 -8.11 -11.64
C THR D 173 -34.32 -6.73 -12.18
N ASN D 174 -34.17 -5.71 -11.34
CA ASN D 174 -34.44 -4.30 -11.70
C ASN D 174 -33.40 -3.37 -11.08
N GLU D 175 -33.51 -2.08 -11.39
CA GLU D 175 -32.57 -1.09 -10.89
C GLU D 175 -33.02 -0.41 -9.60
N LYS D 176 -33.69 -1.17 -8.74
CA LYS D 176 -34.30 -0.64 -7.51
C LYS D 176 -33.65 -1.17 -6.23
N TYR D 177 -32.42 -1.69 -6.35
CA TYR D 177 -31.75 -2.32 -5.21
C TYR D 177 -30.61 -1.48 -4.66
N SER D 178 -30.83 -0.95 -3.46
CA SER D 178 -29.87 -0.05 -2.82
C SER D 178 -28.65 -0.79 -2.29
N ILE D 179 -27.47 -0.38 -2.75
CA ILE D 179 -26.18 -0.93 -2.27
C ILE D 179 -25.98 -0.76 -0.78
N GLU D 180 -26.86 0.02 -0.13
CA GLU D 180 -26.77 0.28 1.30
C GLU D 180 -27.51 -0.76 2.15
N SER D 181 -28.24 -1.67 1.50
CA SER D 181 -28.87 -2.80 2.23
C SER D 181 -28.90 -4.15 1.48
N TRP D 182 -28.24 -4.23 0.33
CA TRP D 182 -28.13 -5.51 -0.40
C TRP D 182 -26.68 -5.93 -0.71
N VAL D 183 -26.30 -7.11 -0.19
CA VAL D 183 -24.96 -7.69 -0.35
C VAL D 183 -25.02 -8.89 -1.27
N ALA D 184 -23.98 -9.11 -2.08
CA ALA D 184 -23.89 -10.30 -2.92
C ALA D 184 -23.82 -11.56 -2.07
N ASP D 185 -24.54 -12.59 -2.50
CA ASP D 185 -24.64 -13.85 -1.76
C ASP D 185 -23.50 -14.80 -2.14
N PRO D 186 -22.56 -15.03 -1.21
CA PRO D 186 -21.40 -15.88 -1.47
C PRO D 186 -21.76 -17.37 -1.51
N SER D 187 -23.00 -17.70 -1.14
CA SER D 187 -23.44 -19.10 -1.11
C SER D 187 -24.33 -19.48 -2.29
N ARG D 188 -24.44 -18.60 -3.29
CA ARG D 188 -25.39 -18.84 -4.36
C ARG D 188 -24.90 -18.57 -5.77
N ASN D 189 -23.95 -17.67 -5.95
CA ASN D 189 -23.70 -17.17 -7.30
C ASN D 189 -22.87 -18.06 -8.22
N ASP D 190 -23.44 -19.23 -8.54
CA ASP D 190 -22.90 -20.14 -9.56
C ASP D 190 -22.97 -19.46 -10.90
N ASN D 191 -22.28 -20.01 -11.88
CA ASN D 191 -22.30 -19.46 -13.24
C ASN D 191 -22.21 -17.92 -13.21
N CYS D 192 -21.38 -17.41 -12.30
CA CYS D 192 -21.23 -15.98 -12.07
C CYS D 192 -19.86 -15.71 -11.47
N ARG D 193 -19.19 -14.67 -11.95
CA ARG D 193 -17.99 -14.16 -11.29
C ARG D 193 -18.29 -12.76 -10.76
N TYR D 194 -18.09 -12.56 -9.46
CA TYR D 194 -18.24 -11.21 -8.88
C TYR D 194 -17.10 -10.78 -7.98
N PHE D 195 -17.02 -9.47 -7.75
CA PHE D 195 -15.84 -8.83 -7.19
C PHE D 195 -16.22 -7.53 -6.49
N GLY D 196 -15.85 -7.38 -5.22
CA GLY D 196 -16.18 -6.17 -4.47
C GLY D 196 -15.16 -5.67 -3.47
N ARG D 197 -15.05 -4.34 -3.35
CA ARG D 197 -14.26 -3.71 -2.29
C ARG D 197 -15.08 -2.58 -1.64
N MET D 198 -15.11 -2.55 -0.31
CA MET D 198 -15.70 -1.43 0.41
C MET D 198 -14.71 -0.71 1.33
N VAL D 199 -14.97 0.58 1.56
CA VAL D 199 -14.12 1.43 2.40
C VAL D 199 -14.96 2.10 3.51
N GLY D 200 -14.35 2.25 4.69
CA GLY D 200 -14.91 3.03 5.80
C GLY D 200 -14.95 4.53 5.54
N GLY D 201 -15.26 5.31 6.57
CA GLY D 201 -15.73 6.66 6.32
C GLY D 201 -15.12 7.84 7.04
N ALA D 202 -13.84 7.77 7.37
CA ALA D 202 -13.16 8.94 7.92
C ALA D 202 -12.64 9.84 6.81
N ALA D 203 -13.55 10.22 5.90
CA ALA D 203 -13.24 11.08 4.76
C ALA D 203 -11.94 10.75 4.04
N THR D 204 -11.82 9.52 3.54
CA THR D 204 -10.67 9.09 2.73
C THR D 204 -10.98 9.18 1.24
N PRO D 205 -9.97 9.54 0.42
CA PRO D 205 -10.19 9.74 -1.01
C PRO D 205 -10.28 8.43 -1.78
N PRO D 206 -11.14 8.40 -2.82
CA PRO D 206 -11.09 7.30 -3.77
C PRO D 206 -9.81 7.36 -4.60
N VAL D 207 -9.21 6.21 -4.83
CA VAL D 207 -8.08 6.07 -5.74
C VAL D 207 -8.59 5.17 -6.83
N VAL D 208 -8.53 5.63 -8.08
CA VAL D 208 -9.14 4.92 -9.21
C VAL D 208 -8.21 4.90 -10.43
N SER D 209 -7.86 3.70 -10.86
CA SER D 209 -7.03 3.50 -12.06
C SER D 209 -7.86 3.09 -13.25
N PHE D 210 -7.41 3.49 -14.44
CA PHE D 210 -8.09 3.13 -15.68
C PHE D 210 -7.07 3.02 -16.79
N SER D 211 -7.27 2.02 -17.66
CA SER D 211 -6.33 1.74 -18.72
C SER D 211 -7.06 1.25 -19.95
N ASN D 212 -6.26 0.71 -20.85
CA ASN D 212 -6.62 0.45 -22.23
C ASN D 212 -6.03 -0.92 -22.52
N ASN D 213 -5.26 -1.42 -21.55
CA ASN D 213 -4.36 -2.54 -21.73
C ASN D 213 -4.45 -3.47 -20.51
N SER D 214 -5.65 -3.98 -20.24
CA SER D 214 -5.92 -4.75 -19.05
C SER D 214 -7.16 -5.65 -19.23
N THR D 215 -6.95 -6.97 -19.14
CA THR D 215 -8.01 -7.97 -19.36
C THR D 215 -8.34 -8.70 -18.08
N ILE D 216 -9.55 -9.24 -18.01
CA ILE D 216 -9.92 -10.16 -16.94
C ILE D 216 -10.29 -11.49 -17.58
N PRO D 217 -9.56 -12.58 -17.22
CA PRO D 217 -9.98 -13.91 -17.65
C PRO D 217 -11.12 -14.37 -16.77
N LEU D 218 -12.03 -15.17 -17.31
CA LEU D 218 -13.23 -15.56 -16.58
C LEU D 218 -13.41 -17.06 -16.38
N LEU D 219 -12.45 -17.86 -16.88
CA LEU D 219 -12.52 -19.31 -16.78
C LEU D 219 -12.33 -19.79 -15.35
N ASP D 220 -13.15 -20.74 -14.92
CA ASP D 220 -13.01 -21.32 -13.59
C ASP D 220 -11.92 -22.41 -13.55
N GLU D 221 -11.91 -23.18 -12.46
CA GLU D 221 -10.93 -24.27 -12.29
C GLU D 221 -10.93 -25.25 -13.46
N ASN D 222 -12.09 -25.44 -14.07
CA ASN D 222 -12.24 -26.39 -15.17
C ASN D 222 -12.17 -25.74 -16.56
N GLY D 223 -11.75 -24.48 -16.61
CA GLY D 223 -11.66 -23.75 -17.87
C GLY D 223 -12.99 -23.42 -18.50
N ILE D 224 -14.01 -23.27 -17.66
CA ILE D 224 -15.36 -22.90 -18.11
C ILE D 224 -15.71 -21.46 -17.67
N GLY D 225 -16.04 -20.62 -18.64
CA GLY D 225 -16.45 -19.25 -18.35
C GLY D 225 -17.88 -19.15 -17.86
N ILE D 226 -18.53 -18.03 -18.18
CA ILE D 226 -19.93 -17.84 -17.83
C ILE D 226 -20.77 -18.35 -18.99
N LEU D 227 -21.74 -19.21 -18.66
CA LEU D 227 -22.59 -19.84 -19.67
C LEU D 227 -23.96 -19.16 -19.71
N CYS D 228 -24.33 -18.68 -20.89
CA CYS D 228 -25.62 -18.02 -21.08
C CYS D 228 -26.72 -19.04 -21.36
N LEU D 229 -27.09 -19.78 -20.30
CA LEU D 229 -28.05 -20.88 -20.41
C LEU D 229 -29.41 -20.45 -20.94
N GLN D 230 -29.78 -19.19 -20.73
CA GLN D 230 -31.06 -18.67 -21.22
C GLN D 230 -30.86 -17.64 -22.32
N GLY D 231 -29.66 -17.59 -22.89
CA GLY D 231 -29.37 -16.69 -24.02
C GLY D 231 -28.97 -15.28 -23.64
N ARG D 232 -29.13 -14.95 -22.36
CA ARG D 232 -28.80 -13.62 -21.83
C ARG D 232 -27.57 -13.68 -20.92
N LEU D 233 -26.77 -12.61 -20.94
CA LEU D 233 -25.75 -12.35 -19.92
C LEU D 233 -26.13 -11.15 -19.03
N TYR D 234 -26.00 -11.34 -17.72
CA TYR D 234 -26.38 -10.33 -16.74
C TYR D 234 -25.19 -9.57 -16.16
N ILE D 235 -25.09 -8.29 -16.50
CA ILE D 235 -24.10 -7.40 -15.88
C ILE D 235 -24.70 -6.62 -14.69
N THR D 236 -24.03 -6.64 -13.54
CA THR D 236 -24.50 -5.92 -12.37
C THR D 236 -23.30 -5.24 -11.70
N CYS D 237 -23.41 -3.94 -11.46
CA CYS D 237 -22.30 -3.18 -10.90
C CYS D 237 -22.73 -1.90 -10.16
N ALA D 238 -21.77 -1.36 -9.40
CA ALA D 238 -21.92 -0.11 -8.65
C ALA D 238 -20.52 0.41 -8.31
N ASP D 239 -20.32 1.71 -8.50
CA ASP D 239 -19.06 2.34 -8.10
C ASP D 239 -19.28 3.61 -7.27
N LEU D 240 -19.56 3.41 -5.97
CA LEU D 240 -19.69 4.51 -5.02
C LEU D 240 -18.32 5.11 -4.68
N LEU D 241 -18.10 6.35 -5.12
CA LEU D 241 -16.81 7.01 -4.96
C LEU D 241 -16.63 7.77 -3.63
N GLY D 242 -17.74 8.07 -2.96
CA GLY D 242 -17.72 8.88 -1.73
C GLY D 242 -18.62 10.11 -1.81
N VAL D 243 -18.31 11.10 -0.98
CA VAL D 243 -19.15 12.30 -0.88
C VAL D 243 -18.37 13.57 -1.21
N ASN D 244 -18.99 14.48 -1.97
CA ASN D 244 -18.44 15.80 -2.24
C ASN D 244 -19.50 16.88 -2.06
N LYS D 245 -19.22 17.81 -1.15
CA LYS D 245 -20.11 18.92 -0.81
C LYS D 245 -21.48 18.38 -0.40
N ASN D 246 -21.47 17.49 0.60
CA ASN D 246 -22.69 16.82 1.06
C ASN D 246 -23.55 16.19 -0.05
N ARG D 247 -22.91 15.71 -1.11
CA ARG D 247 -23.60 14.96 -2.17
C ARG D 247 -22.86 13.68 -2.61
N VAL D 248 -23.61 12.59 -2.74
CA VAL D 248 -23.05 11.28 -3.09
C VAL D 248 -22.62 11.22 -4.55
N HIS D 249 -21.36 10.86 -4.78
CA HIS D 249 -20.85 10.67 -6.13
C HIS D 249 -20.55 9.21 -6.48
N THR D 250 -20.77 8.86 -7.75
CA THR D 250 -20.40 7.55 -8.26
C THR D 250 -19.48 7.76 -9.46
N GLY D 251 -19.01 6.66 -10.03
CA GLY D 251 -18.30 6.73 -11.30
C GLY D 251 -19.26 7.27 -12.32
N LEU D 252 -18.75 8.01 -13.29
CA LEU D 252 -19.57 8.61 -14.33
C LEU D 252 -20.37 7.57 -15.11
N SER D 253 -19.66 6.51 -15.52
CA SER D 253 -20.25 5.33 -16.19
C SER D 253 -19.16 4.27 -16.33
N ARG D 254 -19.55 3.01 -16.45
CA ARG D 254 -18.59 1.91 -16.56
C ARG D 254 -18.65 1.25 -17.95
N PHE D 255 -17.47 1.06 -18.53
CA PHE D 255 -17.33 0.42 -19.84
C PHE D 255 -17.17 -1.10 -19.71
N PHE D 256 -17.64 -1.82 -20.74
CA PHE D 256 -17.53 -3.27 -20.79
C PHE D 256 -17.29 -3.74 -22.21
N ARG D 257 -16.25 -4.54 -22.42
CA ARG D 257 -16.09 -5.27 -23.67
C ARG D 257 -16.16 -6.76 -23.37
N LEU D 258 -17.18 -7.42 -23.93
CA LEU D 258 -17.44 -8.82 -23.65
C LEU D 258 -17.02 -9.72 -24.81
N HIS D 259 -16.29 -10.80 -24.48
CA HIS D 259 -15.81 -11.77 -25.46
C HIS D 259 -16.48 -13.13 -25.29
N PHE D 260 -17.25 -13.50 -26.31
CA PHE D 260 -18.02 -14.75 -26.31
C PHE D 260 -17.48 -15.78 -27.29
N ARG D 261 -17.68 -17.05 -26.94
CA ARG D 261 -17.48 -18.19 -27.83
C ARG D 261 -18.61 -19.19 -27.59
N GLN D 262 -18.71 -20.21 -28.42
CA GLN D 262 -19.74 -21.22 -28.26
C GLN D 262 -19.26 -22.46 -27.50
N ARG D 263 -20.17 -23.10 -26.78
CA ARG D 263 -19.82 -24.30 -26.02
C ARG D 263 -20.92 -25.37 -26.00
N ARG D 264 -20.50 -26.63 -26.10
CA ARG D 264 -21.42 -27.77 -26.09
C ARG D 264 -21.92 -28.16 -24.71
N VAL D 265 -23.21 -28.46 -24.62
CA VAL D 265 -23.86 -28.89 -23.37
C VAL D 265 -24.89 -30.00 -23.66
N ARG D 266 -24.95 -31.00 -22.79
CA ARG D 266 -25.94 -32.10 -22.89
C ARG D 266 -27.25 -31.77 -22.14
N ASN D 267 -28.38 -32.28 -22.67
CA ASN D 267 -29.76 -31.92 -22.27
C ASN D 267 -30.19 -31.95 -20.78
N ASP E 8 -4.03 -4.15 -42.57
CA ASP E 8 -3.49 -5.54 -42.65
C ASP E 8 -2.01 -5.57 -42.29
N VAL E 9 -1.72 -6.04 -41.09
CA VAL E 9 -0.38 -5.95 -40.50
C VAL E 9 0.47 -7.18 -40.81
N LEU E 10 1.63 -6.96 -41.42
CA LEU E 10 2.54 -8.06 -41.75
C LEU E 10 3.76 -8.06 -40.85
N ALA E 11 4.83 -8.68 -41.32
CA ALA E 11 6.05 -8.87 -40.54
C ALA E 11 6.73 -7.56 -40.20
N ALA E 12 7.28 -7.49 -39.00
CA ALA E 12 8.14 -6.39 -38.60
C ALA E 12 9.48 -6.55 -39.31
N VAL E 13 10.00 -5.45 -39.84
CA VAL E 13 11.32 -5.46 -40.46
C VAL E 13 12.36 -5.72 -39.36
N PRO E 14 13.22 -6.75 -39.54
CA PRO E 14 14.28 -7.03 -38.58
C PRO E 14 15.10 -5.77 -38.33
N LEU E 15 15.21 -5.37 -37.07
CA LEU E 15 15.78 -4.07 -36.70
C LEU E 15 17.30 -3.95 -36.89
N SER E 16 17.68 -3.06 -37.81
CA SER E 16 19.07 -2.69 -38.02
C SER E 16 19.21 -1.18 -37.92
N GLU E 17 20.45 -0.69 -37.88
CA GLU E 17 20.76 0.73 -37.74
C GLU E 17 19.99 1.61 -38.75
N GLU E 18 19.61 1.02 -39.88
CA GLU E 18 18.91 1.75 -40.94
C GLU E 18 17.39 1.75 -40.75
N THR E 19 16.89 0.84 -39.92
CA THR E 19 15.44 0.62 -39.80
C THR E 19 14.85 1.14 -38.49
N GLU E 20 15.70 1.56 -37.55
CA GLU E 20 15.24 2.01 -36.24
C GLU E 20 15.48 3.50 -35.99
N PHE E 21 14.61 4.09 -35.17
CA PHE E 21 14.68 5.53 -34.85
C PHE E 21 14.35 5.85 -33.38
N LYS E 22 15.16 6.72 -32.78
CA LYS E 22 14.97 7.13 -31.39
C LYS E 22 14.89 8.65 -31.19
N VAL E 23 13.98 9.10 -30.34
CA VAL E 23 13.93 10.52 -29.92
C VAL E 23 13.70 10.67 -28.43
N GLU E 24 14.40 11.63 -27.84
CA GLU E 24 14.12 12.09 -26.48
C GLU E 24 13.43 13.45 -26.59
N LEU E 25 12.42 13.70 -25.75
CA LEU E 25 11.79 15.02 -25.70
C LEU E 25 11.11 15.30 -24.35
N PHE E 26 10.91 16.59 -24.05
CA PHE E 26 10.14 17.01 -22.89
C PHE E 26 8.78 17.56 -23.32
N VAL E 27 7.76 17.31 -22.50
CA VAL E 27 6.42 17.83 -22.74
C VAL E 27 6.04 18.77 -21.59
N LYS E 28 5.59 19.98 -21.94
CA LYS E 28 5.24 20.98 -20.94
C LYS E 28 3.79 20.84 -20.49
N PRO E 29 3.50 21.08 -19.18
CA PRO E 29 2.14 21.10 -18.70
C PRO E 29 1.39 22.31 -19.24
N VAL E 30 0.07 22.21 -19.31
CA VAL E 30 -0.75 23.30 -19.84
C VAL E 30 -1.82 23.77 -18.84
N ILE E 31 -1.72 25.04 -18.48
CA ILE E 31 -2.77 25.76 -17.76
C ILE E 31 -3.51 26.66 -18.76
N GLY E 32 -4.83 26.75 -18.60
CA GLY E 32 -5.66 27.55 -19.51
C GLY E 32 -5.36 29.03 -19.45
N ASN E 33 -5.83 29.78 -20.46
CA ASN E 33 -5.52 31.20 -20.59
C ASN E 33 -6.72 32.12 -20.39
N ALA E 34 -6.65 32.96 -19.36
CA ALA E 34 -7.80 33.78 -18.92
C ALA E 34 -8.18 34.90 -19.90
N GLU E 35 -7.20 35.37 -20.67
CA GLU E 35 -7.45 36.39 -21.69
C GLU E 35 -6.51 36.18 -22.86
N GLY E 36 -6.88 35.26 -23.75
CA GLY E 36 -6.05 34.92 -24.90
C GLY E 36 -6.37 33.55 -25.44
N THR E 37 -5.60 33.12 -26.44
CA THR E 37 -5.83 31.84 -27.12
C THR E 37 -4.59 30.93 -27.19
N THR E 38 -3.44 31.44 -26.74
CA THR E 38 -2.25 30.61 -26.62
C THR E 38 -2.22 29.96 -25.24
N PRO E 39 -1.66 28.73 -25.14
CA PRO E 39 -1.62 28.04 -23.85
C PRO E 39 -0.55 28.60 -22.91
N HIS E 40 -0.81 28.55 -21.61
CA HIS E 40 0.22 28.86 -20.62
C HIS E 40 0.99 27.60 -20.29
N TYR E 41 2.30 27.59 -20.55
CA TYR E 41 3.12 26.47 -20.12
C TYR E 41 3.57 26.71 -18.69
N TRP E 42 2.65 26.42 -17.75
CA TRP E 42 2.90 26.60 -16.32
C TRP E 42 2.77 25.31 -15.53
N SER E 43 3.66 25.13 -14.56
CA SER E 43 3.52 24.08 -13.54
C SER E 43 2.59 24.52 -12.40
N ILE E 44 2.38 25.83 -12.29
CA ILE E 44 1.56 26.44 -11.22
C ILE E 44 0.51 27.39 -11.79
N SER E 45 -0.73 27.26 -11.30
CA SER E 45 -1.84 28.06 -11.81
C SER E 45 -2.04 29.36 -11.02
N SER E 46 -2.97 30.19 -11.48
CA SER E 46 -3.43 31.37 -10.74
C SER E 46 -4.32 30.92 -9.58
N PRO E 47 -4.48 31.77 -8.54
CA PRO E 47 -5.29 31.38 -7.38
C PRO E 47 -6.68 30.91 -7.77
N LEU E 48 -7.14 29.82 -7.13
CA LEU E 48 -8.47 29.27 -7.36
C LEU E 48 -9.55 30.25 -6.93
N LYS E 49 -10.58 30.39 -7.75
CA LYS E 49 -11.74 31.22 -7.40
C LYS E 49 -12.55 30.57 -6.28
N THR E 50 -13.53 31.30 -5.75
CA THR E 50 -14.37 30.76 -4.67
C THR E 50 -15.52 29.96 -5.25
N ALA E 51 -16.12 29.12 -4.40
CA ALA E 51 -17.17 28.20 -4.80
C ALA E 51 -18.09 28.71 -5.90
N GLU E 52 -18.86 29.77 -5.61
CA GLU E 52 -19.85 30.31 -6.54
C GLU E 52 -19.36 30.37 -7.99
N ALA E 53 -18.14 30.87 -8.18
CA ALA E 53 -17.52 30.93 -9.52
C ALA E 53 -16.94 29.59 -9.96
N ALA E 54 -15.99 29.05 -9.16
CA ALA E 54 -15.27 27.82 -9.49
C ALA E 54 -16.17 26.63 -9.79
N ASN E 55 -17.25 26.48 -9.03
CA ASN E 55 -18.20 25.38 -9.20
C ASN E 55 -18.88 25.30 -10.57
N VAL E 56 -18.98 26.44 -11.27
CA VAL E 56 -19.64 26.47 -12.59
C VAL E 56 -18.74 27.05 -13.71
N THR E 57 -18.08 28.17 -13.43
CA THR E 57 -17.25 28.84 -14.44
C THR E 57 -15.89 29.27 -13.88
N PRO E 58 -15.00 28.31 -13.62
CA PRO E 58 -13.69 28.70 -13.13
C PRO E 58 -12.88 29.41 -14.20
N ASP E 59 -12.09 30.40 -13.80
CA ASP E 59 -11.20 31.12 -14.72
C ASP E 59 -10.32 30.12 -15.45
N ALA E 60 -10.18 30.28 -16.76
CA ALA E 60 -9.37 29.37 -17.58
C ALA E 60 -7.99 29.06 -16.99
N ASP E 61 -7.40 30.02 -16.29
CA ASP E 61 -6.09 29.82 -15.67
C ASP E 61 -6.14 29.22 -14.26
N THR E 62 -7.27 28.63 -13.91
CA THR E 62 -7.40 27.81 -12.71
C THR E 62 -7.74 26.35 -13.06
N THR E 63 -7.48 25.95 -14.30
CA THR E 63 -7.67 24.57 -14.72
C THR E 63 -6.48 24.04 -15.50
N VAL E 64 -6.37 22.71 -15.53
CA VAL E 64 -5.30 22.02 -16.26
C VAL E 64 -5.85 21.41 -17.56
N CYS E 65 -5.07 21.52 -18.63
CA CYS E 65 -5.44 20.96 -19.93
C CYS E 65 -4.47 19.87 -20.33
N TYR E 66 -4.96 18.90 -21.11
CA TYR E 66 -4.11 17.86 -21.67
C TYR E 66 -3.00 18.49 -22.51
N SER E 67 -1.76 18.20 -22.15
CA SER E 67 -0.62 18.56 -22.98
C SER E 67 -0.62 17.68 -24.24
N LEU E 68 -0.17 18.24 -25.35
CA LEU E 68 -0.19 17.51 -26.60
C LEU E 68 1.12 17.73 -27.34
N SER E 69 1.75 16.64 -27.73
CA SER E 69 3.00 16.70 -28.45
C SER E 69 2.98 15.72 -29.61
N GLN E 70 3.65 16.09 -30.70
CA GLN E 70 3.58 15.33 -31.93
C GLN E 70 4.99 15.00 -32.42
N VAL E 71 5.21 13.73 -32.75
CA VAL E 71 6.53 13.28 -33.27
C VAL E 71 6.39 12.67 -34.67
N ALA E 72 7.23 13.12 -35.60
CA ALA E 72 7.25 12.60 -36.97
C ALA E 72 8.64 12.10 -37.36
N PRO E 73 8.85 10.77 -37.37
CA PRO E 73 10.15 10.19 -37.68
C PRO E 73 10.52 10.35 -39.17
N PRO E 74 11.81 10.20 -39.51
CA PRO E 74 12.30 10.41 -40.88
C PRO E 74 11.48 9.67 -41.94
N ASP E 75 11.39 10.23 -43.14
CA ASP E 75 10.66 9.63 -44.27
C ASP E 75 11.24 8.28 -44.68
N ILE E 76 10.40 7.41 -45.21
CA ILE E 76 10.86 6.10 -45.69
C ILE E 76 11.06 6.04 -47.22
N PRO E 77 12.28 5.64 -47.68
CA PRO E 77 12.57 5.53 -49.11
C PRO E 77 12.31 4.11 -49.64
N GLU E 82 4.43 -0.09 -54.24
CA GLU E 82 4.27 -1.53 -54.22
C GLU E 82 2.97 -1.95 -53.53
N CYS E 83 2.79 -3.26 -53.34
CA CYS E 83 1.63 -3.80 -52.60
C CYS E 83 1.88 -3.86 -51.07
N ASP E 84 3.15 -3.92 -50.67
CA ASP E 84 3.53 -3.77 -49.27
C ASP E 84 4.02 -2.33 -49.02
N MET E 85 3.73 -1.81 -47.83
CA MET E 85 4.21 -0.49 -47.41
C MET E 85 4.94 -0.61 -46.06
N LEU E 86 6.03 0.14 -45.90
CA LEU E 86 6.80 0.20 -44.64
C LEU E 86 6.37 1.40 -43.78
N ILE E 87 6.10 1.13 -42.50
CA ILE E 87 5.55 2.12 -41.58
C ILE E 87 6.29 2.12 -40.23
N TRP E 88 6.33 3.28 -39.56
CA TRP E 88 7.00 3.38 -38.27
C TRP E 88 6.15 2.79 -37.14
N GLU E 89 6.79 1.99 -36.29
CA GLU E 89 6.11 1.30 -35.18
C GLU E 89 6.81 1.58 -33.85
N LEU E 90 6.06 2.20 -32.92
CA LEU E 90 6.55 2.45 -31.57
C LEU E 90 6.34 1.18 -30.76
N TYR E 91 7.43 0.60 -30.28
CA TYR E 91 7.39 -0.70 -29.58
C TYR E 91 7.87 -0.64 -28.13
N ARG E 92 8.57 0.43 -27.78
CA ARG E 92 9.18 0.59 -26.47
C ARG E 92 9.25 2.08 -26.14
N MET E 93 9.06 2.43 -24.88
CA MET E 93 9.27 3.81 -24.42
C MET E 93 9.61 3.91 -22.94
N GLU E 94 10.34 4.97 -22.60
CA GLU E 94 10.53 5.35 -21.21
C GLU E 94 9.84 6.68 -21.01
N THR E 95 9.19 6.85 -19.86
CA THR E 95 8.63 8.13 -19.49
C THR E 95 8.79 8.42 -18.01
N GLU E 96 9.35 9.58 -17.72
CA GLU E 96 9.60 10.00 -16.34
C GLU E 96 9.12 11.45 -16.17
N VAL E 97 8.56 11.75 -15.02
CA VAL E 97 8.07 13.11 -14.74
C VAL E 97 9.09 13.92 -13.90
N LEU E 98 9.27 15.19 -14.24
CA LEU E 98 10.14 16.09 -13.50
C LEU E 98 9.36 16.67 -12.34
N VAL E 99 9.91 16.53 -11.14
CA VAL E 99 9.17 16.93 -9.96
C VAL E 99 10.11 17.43 -8.84
N LEU E 100 9.72 18.52 -8.18
CA LEU E 100 10.46 19.04 -7.03
C LEU E 100 9.72 18.76 -5.73
N PRO E 101 10.43 18.67 -4.60
CA PRO E 101 9.72 18.70 -3.32
C PRO E 101 9.40 20.15 -2.95
N VAL E 102 8.14 20.43 -2.62
CA VAL E 102 7.79 21.77 -2.11
C VAL E 102 7.76 21.80 -0.59
N LEU E 103 8.77 22.45 -0.03
CA LEU E 103 8.92 22.58 1.41
C LEU E 103 8.82 24.04 1.79
N ASN E 104 9.85 24.81 1.43
CA ASN E 104 9.88 26.25 1.72
C ASN E 104 8.84 27.03 0.92
N ALA E 105 8.67 26.65 -0.35
CA ALA E 105 7.59 27.19 -1.19
C ALA E 105 6.22 26.69 -0.72
N GLY E 106 6.25 25.77 0.25
CA GLY E 106 5.03 25.21 0.80
C GLY E 106 4.60 25.85 2.11
N ILE E 107 5.52 26.55 2.77
CA ILE E 107 5.22 27.31 4.01
C ILE E 107 4.09 28.30 3.73
N LEU E 108 3.06 28.26 4.55
CA LEU E 108 1.90 29.11 4.35
C LEU E 108 1.78 30.21 5.42
N THR E 109 1.13 31.32 5.05
CA THR E 109 1.11 32.54 5.89
C THR E 109 0.53 32.33 7.29
N THR E 110 -0.48 31.46 7.40
CA THR E 110 -0.99 30.97 8.68
C THR E 110 0.12 30.48 9.62
N GLY E 111 1.15 29.86 9.05
CA GLY E 111 2.20 29.21 9.82
C GLY E 111 2.21 27.72 9.58
N GLY E 112 3.39 27.13 9.56
CA GLY E 112 3.53 25.70 9.31
C GLY E 112 3.75 25.36 7.84
N VAL E 113 3.76 24.06 7.55
CA VAL E 113 4.06 23.58 6.19
C VAL E 113 2.82 22.99 5.54
N GLY E 114 2.15 23.78 4.70
CA GLY E 114 1.20 23.19 3.77
C GLY E 114 2.07 22.60 2.68
N GLY E 115 1.52 21.73 1.86
CA GLY E 115 2.26 21.27 0.70
C GLY E 115 1.34 21.16 -0.49
N ILE E 116 1.75 20.38 -1.49
CA ILE E 116 0.82 19.99 -2.52
C ILE E 116 -0.01 18.84 -1.94
N ALA E 117 -1.32 18.94 -2.08
CA ALA E 117 -2.26 17.92 -1.61
C ALA E 117 -3.62 18.14 -2.24
N GLY E 118 -4.46 17.09 -2.20
CA GLY E 118 -5.80 17.14 -2.76
C GLY E 118 -5.99 16.25 -3.98
N PRO E 119 -6.94 16.62 -4.88
CA PRO E 119 -7.27 15.82 -6.04
C PRO E 119 -6.12 15.71 -7.02
N GLN E 120 -5.89 14.49 -7.50
CA GLN E 120 -4.79 14.23 -8.46
C GLN E 120 -5.30 13.52 -9.72
N LEU E 121 -4.58 13.71 -10.82
CA LEU E 121 -4.85 13.00 -12.05
C LEU E 121 -3.56 12.77 -12.86
N TYR E 122 -3.15 11.51 -12.95
CA TYR E 122 -2.00 11.14 -13.77
C TYR E 122 -2.50 10.39 -14.97
N PHE E 123 -1.99 10.77 -16.14
CA PHE E 123 -2.44 10.20 -17.40
C PHE E 123 -1.39 10.39 -18.48
N TRP E 124 -1.16 9.33 -19.26
CA TRP E 124 -0.43 9.49 -20.53
C TRP E 124 -1.00 8.57 -21.60
N ALA E 125 -0.79 8.97 -22.87
CA ALA E 125 -1.30 8.24 -24.02
C ALA E 125 -0.38 8.37 -25.23
N VAL E 126 -0.11 7.24 -25.88
CA VAL E 126 0.61 7.24 -27.16
C VAL E 126 -0.29 6.60 -28.24
N GLY E 127 -0.28 7.19 -29.43
CA GLY E 127 -1.18 6.78 -30.51
C GLY E 127 -0.77 7.17 -31.91
N GLY E 128 -1.41 6.58 -32.91
CA GLY E 128 -1.15 6.90 -34.31
C GLY E 128 -2.11 7.98 -34.80
N GLN E 129 -2.97 8.40 -33.90
CA GLN E 129 -3.97 9.44 -34.14
C GLN E 129 -4.20 10.18 -32.82
N PRO E 130 -4.90 11.34 -32.87
CA PRO E 130 -5.34 12.02 -31.66
C PRO E 130 -6.06 11.08 -30.69
N LEU E 131 -5.96 11.39 -29.40
CA LEU E 131 -6.65 10.65 -28.37
C LEU E 131 -8.16 10.93 -28.44
N ASP E 132 -8.96 9.87 -28.47
CA ASP E 132 -10.41 10.05 -28.44
C ASP E 132 -10.87 10.26 -27.00
N VAL E 133 -11.70 11.28 -26.80
CA VAL E 133 -12.23 11.61 -25.46
C VAL E 133 -13.75 11.75 -25.44
N LEU E 134 -14.31 11.74 -24.23
CA LEU E 134 -15.75 11.92 -24.03
C LEU E 134 -16.00 13.12 -23.11
N GLY E 135 -16.96 13.97 -23.50
CA GLY E 135 -17.32 15.16 -22.71
C GLY E 135 -18.33 14.86 -21.62
N LEU E 136 -17.88 15.00 -20.37
CA LEU E 136 -18.78 14.80 -19.22
C LEU E 136 -18.67 15.91 -18.19
N ALA E 137 -19.70 16.05 -17.35
CA ALA E 137 -19.71 17.07 -16.29
C ALA E 137 -19.68 16.41 -14.92
N PRO E 138 -18.88 16.96 -13.98
CA PRO E 138 -18.77 16.42 -12.62
C PRO E 138 -20.10 16.50 -11.88
N THR E 139 -20.83 17.58 -12.14
CA THR E 139 -22.05 17.91 -11.44
C THR E 139 -23.12 18.41 -12.44
N GLU E 140 -24.32 18.74 -11.95
CA GLU E 140 -25.39 19.23 -12.82
C GLU E 140 -25.25 20.68 -13.30
N LYS E 141 -24.25 21.40 -12.79
CA LYS E 141 -24.08 22.82 -13.15
C LYS E 141 -22.69 23.26 -13.62
N TYR E 142 -21.75 22.32 -13.71
CA TYR E 142 -20.39 22.66 -14.16
C TYR E 142 -20.33 22.91 -15.66
N LYS E 143 -19.87 24.09 -16.05
CA LYS E 143 -19.76 24.46 -17.46
C LYS E 143 -18.33 24.46 -17.94
N GLY E 144 -17.43 24.88 -17.06
CA GLY E 144 -16.03 25.06 -17.42
C GLY E 144 -15.75 26.53 -17.69
N PRO E 145 -14.48 26.89 -17.95
CA PRO E 145 -14.14 28.26 -18.24
C PRO E 145 -14.96 28.79 -19.40
N ALA E 146 -15.50 30.00 -19.24
CA ALA E 146 -16.21 30.68 -20.32
C ALA E 146 -15.21 31.32 -21.29
N GLN E 147 -13.93 30.95 -21.16
CA GLN E 147 -12.87 31.65 -21.87
C GLN E 147 -12.10 30.85 -22.93
N TYR E 148 -11.12 30.05 -22.51
CA TYR E 148 -10.08 29.55 -23.43
C TYR E 148 -10.29 28.12 -23.88
N THR E 149 -10.99 27.36 -23.04
CA THR E 149 -11.10 25.93 -23.21
C THR E 149 -12.26 25.56 -24.13
N VAL E 150 -12.13 24.41 -24.78
CA VAL E 150 -13.23 23.78 -25.50
C VAL E 150 -14.07 23.04 -24.47
N ASN E 151 -15.23 23.60 -24.14
CA ASN E 151 -16.11 22.92 -23.22
C ASN E 151 -16.97 21.94 -23.99
N PRO E 152 -17.43 20.87 -23.32
CA PRO E 152 -18.41 19.92 -23.89
C PRO E 152 -19.65 20.58 -24.50
N LYS E 153 -20.10 21.68 -23.88
CA LYS E 153 -21.18 22.53 -24.39
C LYS E 153 -20.83 23.99 -24.07
N THR E 154 -20.62 24.79 -25.11
CA THR E 154 -19.90 26.06 -24.97
C THR E 154 -20.50 27.11 -24.03
N ASN E 155 -21.78 27.01 -23.69
CA ASN E 155 -22.28 27.79 -22.57
C ASN E 155 -23.33 27.07 -21.72
N GLY E 156 -23.36 25.75 -21.84
CA GLY E 156 -24.29 24.94 -21.07
C GLY E 156 -23.59 23.79 -20.35
N THR E 157 -24.39 22.80 -19.96
CA THR E 157 -23.86 21.60 -19.34
C THR E 157 -24.25 20.37 -20.13
N VAL E 158 -23.34 19.39 -20.17
CA VAL E 158 -23.62 18.06 -20.69
C VAL E 158 -23.93 17.12 -19.50
N PRO E 159 -24.49 15.92 -19.77
CA PRO E 159 -24.88 15.08 -18.63
C PRO E 159 -23.69 14.60 -17.80
N HIS E 160 -23.97 14.14 -16.58
CA HIS E 160 -22.93 13.65 -15.68
C HIS E 160 -22.90 12.12 -15.71
N VAL E 161 -23.06 11.59 -16.92
CA VAL E 161 -23.35 10.19 -17.18
C VAL E 161 -23.15 10.00 -18.70
N TYR E 162 -22.85 8.76 -19.13
CA TYR E 162 -22.73 8.47 -20.56
C TYR E 162 -24.08 8.51 -21.28
N SER E 163 -24.14 9.33 -22.34
CA SER E 163 -25.30 9.39 -23.21
C SER E 163 -24.87 9.23 -24.67
N SER E 164 -25.47 8.26 -25.36
CA SER E 164 -25.19 8.01 -26.77
C SER E 164 -25.47 9.25 -27.62
N SER E 165 -26.56 9.95 -27.29
CA SER E 165 -26.99 11.14 -28.01
C SER E 165 -26.34 12.46 -27.55
N GLU E 166 -26.15 12.62 -26.24
CA GLU E 166 -25.72 13.91 -25.69
C GLU E 166 -24.26 14.03 -25.20
N THR E 167 -23.58 12.90 -25.00
CA THR E 167 -22.16 12.94 -24.59
C THR E 167 -21.28 13.21 -25.80
N PRO E 168 -20.69 14.41 -25.87
CA PRO E 168 -19.88 14.83 -27.02
C PRO E 168 -18.64 13.95 -27.17
N LYS E 169 -18.29 13.64 -28.41
CA LYS E 169 -17.13 12.81 -28.70
C LYS E 169 -16.12 13.63 -29.52
N ALA E 170 -15.01 13.99 -28.89
CA ALA E 170 -14.01 14.81 -29.54
C ALA E 170 -12.65 14.13 -29.59
N ARG E 171 -11.72 14.73 -30.31
CA ARG E 171 -10.34 14.25 -30.37
C ARG E 171 -9.39 15.40 -30.00
N VAL E 172 -8.50 15.11 -29.06
CA VAL E 172 -7.54 16.09 -28.53
C VAL E 172 -6.54 16.52 -29.61
N THR E 173 -6.92 17.54 -30.38
CA THR E 173 -6.12 18.05 -31.51
C THR E 173 -5.36 19.31 -31.17
N ASN E 174 -5.71 19.91 -30.02
CA ASN E 174 -5.09 21.13 -29.51
C ASN E 174 -4.90 21.07 -28.00
N GLU E 175 -4.29 22.11 -27.43
CA GLU E 175 -4.03 22.15 -26.00
C GLU E 175 -5.13 22.87 -25.20
N LYS E 176 -6.37 22.77 -25.67
CA LYS E 176 -7.49 23.50 -25.08
C LYS E 176 -8.50 22.59 -24.36
N TYR E 177 -8.09 21.36 -24.02
CA TYR E 177 -9.01 20.39 -23.41
C TYR E 177 -8.78 20.19 -21.90
N SER E 178 -9.73 20.65 -21.11
CA SER E 178 -9.61 20.63 -19.66
C SER E 178 -9.81 19.21 -19.12
N ILE E 179 -8.83 18.75 -18.34
CA ILE E 179 -8.89 17.44 -17.68
C ILE E 179 -10.06 17.34 -16.71
N GLU E 180 -10.72 18.48 -16.44
CA GLU E 180 -11.85 18.55 -15.52
C GLU E 180 -13.20 18.24 -16.17
N SER E 181 -13.22 18.12 -17.50
CA SER E 181 -14.44 17.69 -18.19
C SER E 181 -14.23 16.75 -19.43
N TRP E 182 -13.00 16.31 -19.66
CA TRP E 182 -12.72 15.35 -20.74
C TRP E 182 -12.02 14.07 -20.26
N VAL E 183 -12.67 12.94 -20.52
CA VAL E 183 -12.18 11.60 -20.13
C VAL E 183 -11.80 10.81 -21.37
N ALA E 184 -10.77 9.97 -21.25
CA ALA E 184 -10.38 9.07 -22.34
C ALA E 184 -11.48 8.07 -22.64
N ASP E 185 -11.74 7.88 -23.93
CA ASP E 185 -12.79 6.98 -24.41
C ASP E 185 -12.29 5.53 -24.48
N PRO E 186 -12.81 4.65 -23.61
CA PRO E 186 -12.40 3.25 -23.55
C PRO E 186 -12.98 2.40 -24.71
N SER E 187 -13.85 3.01 -25.51
CA SER E 187 -14.51 2.30 -26.59
C SER E 187 -13.97 2.73 -27.96
N ARG E 188 -12.90 3.52 -27.98
CA ARG E 188 -12.40 4.03 -29.24
C ARG E 188 -10.90 3.97 -29.48
N ASN E 189 -10.10 3.95 -28.43
CA ASN E 189 -8.68 4.21 -28.65
C ASN E 189 -7.84 3.03 -29.17
N ASP E 190 -8.15 2.62 -30.40
CA ASP E 190 -7.35 1.65 -31.16
C ASP E 190 -6.01 2.26 -31.46
N ASN E 191 -5.03 1.42 -31.82
CA ASN E 191 -3.69 1.89 -32.19
C ASN E 191 -3.17 2.93 -31.17
N CYS E 192 -3.48 2.71 -29.91
CA CYS E 192 -3.19 3.64 -28.82
C CYS E 192 -3.09 2.87 -27.53
N ARG E 193 -2.08 3.18 -26.72
CA ARG E 193 -2.02 2.67 -25.35
C ARG E 193 -2.16 3.87 -24.41
N TYR E 194 -3.13 3.82 -23.49
CA TYR E 194 -3.27 4.87 -22.49
C TYR E 194 -3.45 4.33 -21.07
N PHE E 195 -3.24 5.23 -20.10
CA PHE E 195 -3.03 4.85 -18.71
C PHE E 195 -3.37 6.04 -17.81
N GLY E 196 -4.24 5.83 -16.82
CA GLY E 196 -4.64 6.90 -15.91
C GLY E 196 -4.95 6.48 -14.49
N ARG E 197 -4.61 7.35 -13.54
CA ARG E 197 -5.02 7.19 -12.14
C ARG E 197 -5.56 8.52 -11.61
N MET E 198 -6.70 8.50 -10.92
CA MET E 198 -7.22 9.71 -10.25
C MET E 198 -7.39 9.50 -8.76
N VAL E 199 -7.28 10.62 -8.02
CA VAL E 199 -7.40 10.61 -6.55
C VAL E 199 -8.47 11.59 -6.07
N GLY E 200 -9.20 11.21 -5.01
CA GLY E 200 -10.14 12.09 -4.32
C GLY E 200 -9.47 13.22 -3.57
N GLY E 201 -10.23 13.95 -2.75
CA GLY E 201 -9.76 15.27 -2.32
C GLY E 201 -9.79 15.67 -0.86
N ALA E 202 -9.59 14.72 0.04
CA ALA E 202 -9.43 15.08 1.45
C ALA E 202 -7.97 15.44 1.76
N ALA E 203 -7.44 16.39 0.99
CA ALA E 203 -6.06 16.85 1.11
C ALA E 203 -5.05 15.71 1.36
N THR E 204 -4.95 14.79 0.41
CA THR E 204 -3.93 13.73 0.45
C THR E 204 -2.75 14.08 -0.44
N PRO E 205 -1.53 13.70 -0.03
CA PRO E 205 -0.30 14.06 -0.75
C PRO E 205 -0.08 13.24 -2.01
N PRO E 206 0.46 13.85 -3.07
CA PRO E 206 0.94 13.08 -4.20
C PRO E 206 2.19 12.28 -3.80
N VAL E 207 2.25 11.03 -4.25
CA VAL E 207 3.45 10.20 -4.12
C VAL E 207 3.94 9.96 -5.54
N VAL E 208 5.19 10.35 -5.84
CA VAL E 208 5.68 10.30 -7.21
C VAL E 208 7.08 9.70 -7.28
N SER E 209 7.22 8.61 -8.02
CA SER E 209 8.52 7.96 -8.22
C SER E 209 9.10 8.30 -9.58
N PHE E 210 10.43 8.34 -9.66
CA PHE E 210 11.12 8.60 -10.90
C PHE E 210 12.45 7.87 -10.91
N SER E 211 12.80 7.33 -12.07
CA SER E 211 14.01 6.55 -12.22
C SER E 211 14.63 6.77 -13.59
N ASN E 212 15.54 5.86 -13.91
CA ASN E 212 16.50 5.99 -14.98
C ASN E 212 16.58 4.60 -15.61
N ASN E 213 15.88 3.67 -14.96
CA ASN E 213 16.02 2.25 -15.19
C ASN E 213 14.65 1.57 -15.19
N SER E 214 13.79 2.00 -16.11
CA SER E 214 12.41 1.57 -16.14
C SER E 214 11.81 1.80 -17.52
N THR E 215 11.39 0.71 -18.18
CA THR E 215 10.86 0.73 -19.55
C THR E 215 9.38 0.38 -19.54
N ILE E 216 8.68 0.82 -20.58
CA ILE E 216 7.33 0.32 -20.84
C ILE E 216 7.32 -0.37 -22.20
N PRO E 217 6.95 -1.67 -22.23
CA PRO E 217 6.72 -2.32 -23.52
C PRO E 217 5.35 -1.91 -24.06
N LEU E 218 5.22 -1.85 -25.38
CA LEU E 218 3.99 -1.34 -25.99
C LEU E 218 3.28 -2.33 -26.92
N LEU E 219 3.83 -3.53 -27.08
CA LEU E 219 3.27 -4.55 -27.96
C LEU E 219 1.96 -5.11 -27.40
N ASP E 220 0.96 -5.26 -28.27
CA ASP E 220 -0.33 -5.83 -27.86
C ASP E 220 -0.28 -7.36 -27.85
N GLU E 221 -1.44 -8.00 -27.76
CA GLU E 221 -1.54 -9.46 -27.76
C GLU E 221 -0.84 -10.11 -28.95
N ASN E 222 -0.82 -9.42 -30.07
CA ASN E 222 -0.24 -9.93 -31.31
C ASN E 222 1.18 -9.42 -31.58
N GLY E 223 1.80 -8.81 -30.58
CA GLY E 223 3.15 -8.27 -30.71
C GLY E 223 3.27 -7.09 -31.63
N ILE E 224 2.18 -6.32 -31.75
CA ILE E 224 2.15 -5.11 -32.55
C ILE E 224 2.08 -3.87 -31.65
N GLY E 225 3.04 -2.98 -31.81
CA GLY E 225 3.05 -1.71 -31.08
C GLY E 225 2.11 -0.67 -31.67
N ILE E 226 2.48 0.60 -31.51
CA ILE E 226 1.71 1.68 -32.09
C ILE E 226 2.21 1.95 -33.49
N LEU E 227 1.29 1.97 -34.44
CA LEU E 227 1.60 2.17 -35.86
C LEU E 227 1.33 3.61 -36.27
N CYS E 228 2.35 4.28 -36.81
CA CYS E 228 2.20 5.64 -37.28
C CYS E 228 1.68 5.67 -38.70
N LEU E 229 0.39 5.37 -38.86
CA LEU E 229 -0.24 5.21 -40.17
C LEU E 229 -0.17 6.48 -41.03
N GLN E 230 -0.11 7.64 -40.39
CA GLN E 230 -0.05 8.93 -41.10
C GLN E 230 1.31 9.59 -40.90
N GLY E 231 2.29 8.83 -40.43
CA GLY E 231 3.66 9.36 -40.25
C GLY E 231 3.92 10.09 -38.95
N ARG E 232 2.87 10.35 -38.17
CA ARG E 232 2.99 11.05 -36.89
C ARG E 232 2.66 10.12 -35.72
N LEU E 233 3.33 10.36 -34.60
CA LEU E 233 2.93 9.79 -33.30
C LEU E 233 2.38 10.88 -32.37
N TYR E 234 1.26 10.58 -31.72
CA TYR E 234 0.57 11.53 -30.84
C TYR E 234 0.77 11.22 -29.36
N ILE E 235 1.49 12.10 -28.68
CA ILE E 235 1.63 12.02 -27.22
C ILE E 235 0.59 12.93 -26.53
N THR E 236 -0.13 12.38 -25.55
CA THR E 236 -1.10 13.17 -24.79
C THR E 236 -1.01 12.80 -23.31
N CYS E 237 -0.85 13.81 -22.45
CA CYS E 237 -0.63 13.56 -21.02
C CYS E 237 -1.03 14.72 -20.11
N ALA E 238 -1.10 14.42 -18.82
CA ALA E 238 -1.44 15.37 -17.78
C ALA E 238 -1.04 14.79 -16.42
N ASP E 239 -0.38 15.60 -15.59
CA ASP E 239 0.00 15.19 -14.24
C ASP E 239 -0.41 16.21 -13.19
N LEU E 240 -1.70 16.19 -12.83
CA LEU E 240 -2.22 17.05 -11.77
C LEU E 240 -1.77 16.51 -10.43
N LEU E 241 -0.94 17.30 -9.75
CA LEU E 241 -0.36 16.88 -8.47
C LEU E 241 -1.20 17.21 -7.23
N GLY E 242 -2.13 18.16 -7.37
CA GLY E 242 -2.91 18.66 -6.23
C GLY E 242 -2.83 20.18 -6.06
N VAL E 243 -3.12 20.64 -4.86
CA VAL E 243 -3.16 22.08 -4.57
C VAL E 243 -2.17 22.49 -3.47
N ASN E 244 -1.48 23.61 -3.68
CA ASN E 244 -0.62 24.21 -2.67
C ASN E 244 -0.84 25.71 -2.55
N LYS E 245 -1.24 26.14 -1.35
CA LYS E 245 -1.54 27.55 -1.05
C LYS E 245 -2.59 28.07 -2.02
N ASN E 246 -3.72 27.38 -2.06
CA ASN E 246 -4.82 27.69 -2.98
C ASN E 246 -4.40 27.89 -4.45
N ARG E 247 -3.37 27.16 -4.89
CA ARG E 247 -2.97 27.14 -6.30
C ARG E 247 -2.72 25.72 -6.83
N VAL E 248 -3.21 25.45 -8.05
CA VAL E 248 -3.11 24.14 -8.67
C VAL E 248 -1.70 23.88 -9.19
N HIS E 249 -1.12 22.76 -8.77
CA HIS E 249 0.20 22.35 -9.23
C HIS E 249 0.17 21.10 -10.14
N THR E 250 1.03 21.09 -11.14
CA THR E 250 1.24 19.91 -11.98
C THR E 250 2.70 19.48 -11.89
N GLY E 251 3.03 18.37 -12.55
CA GLY E 251 4.43 17.99 -12.73
C GLY E 251 5.11 19.11 -13.49
N LEU E 252 6.38 19.33 -13.21
CA LEU E 252 7.13 20.40 -13.86
C LEU E 252 7.16 20.22 -15.38
N SER E 253 7.47 19.00 -15.82
CA SER E 253 7.44 18.58 -17.22
C SER E 253 7.65 17.07 -17.29
N ARG E 254 7.21 16.44 -18.37
CA ARG E 254 7.33 15.00 -18.52
C ARG E 254 8.27 14.63 -19.66
N PHE E 255 9.19 13.72 -19.36
CA PHE E 255 10.19 13.23 -20.31
C PHE E 255 9.65 12.02 -21.09
N PHE E 256 10.14 11.87 -22.32
CA PHE E 256 9.77 10.73 -23.16
C PHE E 256 10.95 10.29 -24.01
N ARG E 257 11.29 9.01 -23.95
CA ARG E 257 12.19 8.42 -24.94
C ARG E 257 11.46 7.38 -25.76
N LEU E 258 11.31 7.66 -27.06
CA LEU E 258 10.52 6.81 -27.94
C LEU E 258 11.40 5.91 -28.82
N HIS E 259 11.08 4.62 -28.86
CA HIS E 259 11.82 3.64 -29.66
C HIS E 259 11.00 3.11 -30.84
N PHE E 260 11.46 3.43 -32.05
CA PHE E 260 10.76 3.04 -33.27
C PHE E 260 11.48 1.97 -34.07
N ARG E 261 10.69 1.16 -34.78
CA ARG E 261 11.19 0.26 -35.81
C ARG E 261 10.22 0.30 -37.00
N GLN E 262 10.58 -0.35 -38.10
CA GLN E 262 9.71 -0.36 -39.28
C GLN E 262 8.86 -1.62 -39.37
N ARG E 263 7.67 -1.49 -39.95
CA ARG E 263 6.76 -2.63 -40.09
C ARG E 263 5.97 -2.65 -41.39
N ARG E 264 5.83 -3.85 -41.98
CA ARG E 264 5.12 -4.04 -43.24
C ARG E 264 3.60 -4.05 -43.09
N VAL E 265 2.92 -3.38 -44.01
CA VAL E 265 1.45 -3.30 -44.04
C VAL E 265 0.94 -3.35 -45.49
#